data_4E6S
# 
_entry.id   4E6S 
# 
_audit_conform.dict_name       mmcif_pdbx.dic 
_audit_conform.dict_version    5.388 
_audit_conform.dict_location   http://mmcif.pdb.org/dictionaries/ascii/mmcif_pdbx.dic 
# 
loop_
_database_2.database_id 
_database_2.database_code 
_database_2.pdbx_database_accession 
_database_2.pdbx_DOI 
PDB   4E6S         pdb_00004e6s 10.2210/pdb4e6s/pdb 
RCSB  RCSB071240   ?            ?                   
WWPDB D_1000071240 ?            ?                   
# 
loop_
_pdbx_audit_revision_history.ordinal 
_pdbx_audit_revision_history.data_content_type 
_pdbx_audit_revision_history.major_revision 
_pdbx_audit_revision_history.minor_revision 
_pdbx_audit_revision_history.revision_date 
1 'Structure model' 1 0 2012-05-02 
2 'Structure model' 1 1 2024-03-20 
# 
_pdbx_audit_revision_details.ordinal             1 
_pdbx_audit_revision_details.revision_ordinal    1 
_pdbx_audit_revision_details.data_content_type   'Structure model' 
_pdbx_audit_revision_details.provider            repository 
_pdbx_audit_revision_details.type                'Initial release' 
_pdbx_audit_revision_details.description         ? 
_pdbx_audit_revision_details.details             ? 
# 
loop_
_pdbx_audit_revision_group.ordinal 
_pdbx_audit_revision_group.revision_ordinal 
_pdbx_audit_revision_group.data_content_type 
_pdbx_audit_revision_group.group 
1 2 'Structure model' 'Data collection'     
2 2 'Structure model' 'Database references' 
# 
loop_
_pdbx_audit_revision_category.ordinal 
_pdbx_audit_revision_category.revision_ordinal 
_pdbx_audit_revision_category.data_content_type 
_pdbx_audit_revision_category.category 
1 2 'Structure model' chem_comp_atom 
2 2 'Structure model' chem_comp_bond 
3 2 'Structure model' database_2     
# 
loop_
_pdbx_audit_revision_item.ordinal 
_pdbx_audit_revision_item.revision_ordinal 
_pdbx_audit_revision_item.data_content_type 
_pdbx_audit_revision_item.item 
1 2 'Structure model' '_database_2.pdbx_DOI'                
2 2 'Structure model' '_database_2.pdbx_database_accession' 
# 
_pdbx_database_status.status_code                     REL 
_pdbx_database_status.entry_id                        4E6S 
_pdbx_database_status.recvd_initial_deposition_date   2012-03-15 
_pdbx_database_status.deposit_site                    RCSB 
_pdbx_database_status.process_site                    PDBJ 
_pdbx_database_status.methods_development_category    ? 
_pdbx_database_status.status_code_sf                  REL 
_pdbx_database_status.status_code_mr                  ? 
_pdbx_database_status.SG_entry                        ? 
_pdbx_database_status.status_code_cs                  ? 
_pdbx_database_status.pdb_format_compatible           Y 
_pdbx_database_status.status_code_nmr_data            ? 
# 
loop_
_pdbx_database_related.db_name 
_pdbx_database_related.db_id 
_pdbx_database_related.details 
_pdbx_database_related.content_type 
PDB 3LHR 'The same family member' unspecified 
PDB 2FI2 'The same family member' unspecified 
PDB 1Y7Q 'The same family member' unspecified 
# 
loop_
_audit_author.name 
_audit_author.pdbx_ordinal 
'Liang, Y.'         1 
'Choo, S.H.'        2 
'Rossbach, M.'      3 
'Baburajendran, N.' 4 
'Palasingam, P.'    5 
'Kolatkar, P.R.'    6 
# 
_citation.id                        primary 
_citation.title                     'Crystal optimization and preliminary diffraction data analysis of the SCAN domain of Zfp206.' 
_citation.journal_abbrev            'Acta Crystallogr.,Sect.F' 
_citation.journal_volume            68 
_citation.page_first                443 
_citation.page_last                 447 
_citation.year                      2012 
_citation.journal_id_ASTM           ? 
_citation.country                   DK 
_citation.journal_id_ISSN           1744-3091 
_citation.journal_id_CSD            ? 
_citation.book_publisher            ? 
_citation.pdbx_database_id_PubMed   22505416 
_citation.pdbx_database_id_DOI      10.1107/S1744309112006070 
# 
loop_
_citation_author.citation_id 
_citation_author.name 
_citation_author.ordinal 
_citation_author.identifier_ORCID 
primary 'Liang, Y.'         1 ? 
primary 'Choo, S.H.'        2 ? 
primary 'Rossbach, M.'      3 ? 
primary 'Baburajendran, N.' 4 ? 
primary 'Palasingam, P.'    5 ? 
primary 'Kolatkar, P.R.'    6 ? 
# 
loop_
_entity.id 
_entity.type 
_entity.src_method 
_entity.pdbx_description 
_entity.formula_weight 
_entity.pdbx_number_of_molecules 
_entity.pdbx_ec 
_entity.pdbx_mutation 
_entity.pdbx_fragment 
_entity.details 
1 polymer man 'Zinc finger and SCAN domain-containing protein 10' 10753.480 1  ? 'Q107A, V115A' 'SCAN domain, UNP RESIDUES 36-128' 
? 
2 water   nat water                                               18.015    25 ? ?              ?                                  
? 
# 
_entity_name_com.entity_id   1 
_entity_name_com.name        'Zinc finger protein 206' 
# 
_entity_poly.entity_id                      1 
_entity_poly.type                           'polypeptide(L)' 
_entity_poly.nstd_linkage                   no 
_entity_poly.nstd_monomer                   no 
_entity_poly.pdbx_seq_one_letter_code       
;GRPRPEVAHQLFRCFQYQEDMGPRASLGRLRELCNHWLRPALHTKKQILELLVLEQFLSVLPPHVLSRLHGAPLRDGEEV
AQLEGVPRDISHM
;
_entity_poly.pdbx_seq_one_letter_code_can   
;GRPRPEVAHQLFRCFQYQEDMGPRASLGRLRELCNHWLRPALHTKKQILELLVLEQFLSVLPPHVLSRLHGAPLRDGEEV
AQLEGVPRDISHM
;
_entity_poly.pdbx_strand_id                 A 
_entity_poly.pdbx_target_identifier         ? 
# 
_pdbx_entity_nonpoly.entity_id   2 
_pdbx_entity_nonpoly.name        water 
_pdbx_entity_nonpoly.comp_id     HOH 
# 
loop_
_entity_poly_seq.entity_id 
_entity_poly_seq.num 
_entity_poly_seq.mon_id 
_entity_poly_seq.hetero 
1 1  GLY n 
1 2  ARG n 
1 3  PRO n 
1 4  ARG n 
1 5  PRO n 
1 6  GLU n 
1 7  VAL n 
1 8  ALA n 
1 9  HIS n 
1 10 GLN n 
1 11 LEU n 
1 12 PHE n 
1 13 ARG n 
1 14 CYS n 
1 15 PHE n 
1 16 GLN n 
1 17 TYR n 
1 18 GLN n 
1 19 GLU n 
1 20 ASP n 
1 21 MET n 
1 22 GLY n 
1 23 PRO n 
1 24 ARG n 
1 25 ALA n 
1 26 SER n 
1 27 LEU n 
1 28 GLY n 
1 29 ARG n 
1 30 LEU n 
1 31 ARG n 
1 32 GLU n 
1 33 LEU n 
1 34 CYS n 
1 35 ASN n 
1 36 HIS n 
1 37 TRP n 
1 38 LEU n 
1 39 ARG n 
1 40 PRO n 
1 41 ALA n 
1 42 LEU n 
1 43 HIS n 
1 44 THR n 
1 45 LYS n 
1 46 LYS n 
1 47 GLN n 
1 48 ILE n 
1 49 LEU n 
1 50 GLU n 
1 51 LEU n 
1 52 LEU n 
1 53 VAL n 
1 54 LEU n 
1 55 GLU n 
1 56 GLN n 
1 57 PHE n 
1 58 LEU n 
1 59 SER n 
1 60 VAL n 
1 61 LEU n 
1 62 PRO n 
1 63 PRO n 
1 64 HIS n 
1 65 VAL n 
1 66 LEU n 
1 67 SER n 
1 68 ARG n 
1 69 LEU n 
1 70 HIS n 
1 71 GLY n 
1 72 ALA n 
1 73 PRO n 
1 74 LEU n 
1 75 ARG n 
1 76 ASP n 
1 77 GLY n 
1 78 GLU n 
1 79 GLU n 
1 80 VAL n 
1 81 ALA n 
1 82 GLN n 
1 83 LEU n 
1 84 GLU n 
1 85 GLY n 
1 86 VAL n 
1 87 PRO n 
1 88 ARG n 
1 89 ASP n 
1 90 ILE n 
1 91 SER n 
1 92 HIS n 
1 93 MET n 
# 
_entity_src_gen.entity_id                          1 
_entity_src_gen.pdbx_src_id                        1 
_entity_src_gen.pdbx_alt_source_flag               sample 
_entity_src_gen.pdbx_seq_type                      ? 
_entity_src_gen.pdbx_beg_seq_num                   ? 
_entity_src_gen.pdbx_end_seq_num                   ? 
_entity_src_gen.gene_src_common_name               mouse 
_entity_src_gen.gene_src_genus                     ? 
_entity_src_gen.pdbx_gene_src_gene                 'Zscan10, Zfp206' 
_entity_src_gen.gene_src_species                   ? 
_entity_src_gen.gene_src_strain                    ? 
_entity_src_gen.gene_src_tissue                    ? 
_entity_src_gen.gene_src_tissue_fraction           ? 
_entity_src_gen.gene_src_details                   ? 
_entity_src_gen.pdbx_gene_src_fragment             ? 
_entity_src_gen.pdbx_gene_src_scientific_name      'Mus musculus' 
_entity_src_gen.pdbx_gene_src_ncbi_taxonomy_id     10090 
_entity_src_gen.pdbx_gene_src_variant              ? 
_entity_src_gen.pdbx_gene_src_cell_line            ? 
_entity_src_gen.pdbx_gene_src_atcc                 ? 
_entity_src_gen.pdbx_gene_src_organ                ? 
_entity_src_gen.pdbx_gene_src_organelle            ? 
_entity_src_gen.pdbx_gene_src_cell                 ? 
_entity_src_gen.pdbx_gene_src_cellular_location    ? 
_entity_src_gen.host_org_common_name               ? 
_entity_src_gen.pdbx_host_org_scientific_name      'Escherichia coli' 
_entity_src_gen.pdbx_host_org_ncbi_taxonomy_id     562 
_entity_src_gen.host_org_genus                     ? 
_entity_src_gen.pdbx_host_org_gene                 ? 
_entity_src_gen.pdbx_host_org_organ                ? 
_entity_src_gen.host_org_species                   ? 
_entity_src_gen.pdbx_host_org_tissue               ? 
_entity_src_gen.pdbx_host_org_tissue_fraction      ? 
_entity_src_gen.pdbx_host_org_strain               'BL21(DE3)' 
_entity_src_gen.pdbx_host_org_variant              ? 
_entity_src_gen.pdbx_host_org_cell_line            ? 
_entity_src_gen.pdbx_host_org_atcc                 ? 
_entity_src_gen.pdbx_host_org_culture_collection   ? 
_entity_src_gen.pdbx_host_org_cell                 ? 
_entity_src_gen.pdbx_host_org_organelle            ? 
_entity_src_gen.pdbx_host_org_cellular_location    ? 
_entity_src_gen.pdbx_host_org_vector_type          plasmid 
_entity_src_gen.pdbx_host_org_vector               ? 
_entity_src_gen.host_org_details                   ? 
_entity_src_gen.expression_system_id               ? 
_entity_src_gen.plasmid_name                       pDEST-HisMBP 
_entity_src_gen.plasmid_details                    ? 
_entity_src_gen.pdbx_description                   ? 
# 
loop_
_chem_comp.id 
_chem_comp.type 
_chem_comp.mon_nstd_flag 
_chem_comp.name 
_chem_comp.pdbx_synonyms 
_chem_comp.formula 
_chem_comp.formula_weight 
ALA 'L-peptide linking' y ALANINE         ? 'C3 H7 N O2'     89.093  
ARG 'L-peptide linking' y ARGININE        ? 'C6 H15 N4 O2 1' 175.209 
ASN 'L-peptide linking' y ASPARAGINE      ? 'C4 H8 N2 O3'    132.118 
ASP 'L-peptide linking' y 'ASPARTIC ACID' ? 'C4 H7 N O4'     133.103 
CYS 'L-peptide linking' y CYSTEINE        ? 'C3 H7 N O2 S'   121.158 
GLN 'L-peptide linking' y GLUTAMINE       ? 'C5 H10 N2 O3'   146.144 
GLU 'L-peptide linking' y 'GLUTAMIC ACID' ? 'C5 H9 N O4'     147.129 
GLY 'peptide linking'   y GLYCINE         ? 'C2 H5 N O2'     75.067  
HIS 'L-peptide linking' y HISTIDINE       ? 'C6 H10 N3 O2 1' 156.162 
HOH non-polymer         . WATER           ? 'H2 O'           18.015  
ILE 'L-peptide linking' y ISOLEUCINE      ? 'C6 H13 N O2'    131.173 
LEU 'L-peptide linking' y LEUCINE         ? 'C6 H13 N O2'    131.173 
LYS 'L-peptide linking' y LYSINE          ? 'C6 H15 N2 O2 1' 147.195 
MET 'L-peptide linking' y METHIONINE      ? 'C5 H11 N O2 S'  149.211 
PHE 'L-peptide linking' y PHENYLALANINE   ? 'C9 H11 N O2'    165.189 
PRO 'L-peptide linking' y PROLINE         ? 'C5 H9 N O2'     115.130 
SER 'L-peptide linking' y SERINE          ? 'C3 H7 N O3'     105.093 
THR 'L-peptide linking' y THREONINE       ? 'C4 H9 N O3'     119.119 
TRP 'L-peptide linking' y TRYPTOPHAN      ? 'C11 H12 N2 O2'  204.225 
TYR 'L-peptide linking' y TYROSINE        ? 'C9 H11 N O3'    181.189 
VAL 'L-peptide linking' y VALINE          ? 'C5 H11 N O2'    117.146 
# 
loop_
_pdbx_poly_seq_scheme.asym_id 
_pdbx_poly_seq_scheme.entity_id 
_pdbx_poly_seq_scheme.seq_id 
_pdbx_poly_seq_scheme.mon_id 
_pdbx_poly_seq_scheme.ndb_seq_num 
_pdbx_poly_seq_scheme.pdb_seq_num 
_pdbx_poly_seq_scheme.auth_seq_num 
_pdbx_poly_seq_scheme.pdb_mon_id 
_pdbx_poly_seq_scheme.auth_mon_id 
_pdbx_poly_seq_scheme.pdb_strand_id 
_pdbx_poly_seq_scheme.pdb_ins_code 
_pdbx_poly_seq_scheme.hetero 
A 1 1  GLY 1  1  1  GLY GLY A . n 
A 1 2  ARG 2  2  2  ARG ARG A . n 
A 1 3  PRO 3  3  3  PRO PRO A . n 
A 1 4  ARG 4  4  4  ARG ARG A . n 
A 1 5  PRO 5  5  5  PRO PRO A . n 
A 1 6  GLU 6  6  6  GLU GLU A . n 
A 1 7  VAL 7  7  7  VAL VAL A . n 
A 1 8  ALA 8  8  8  ALA ALA A . n 
A 1 9  HIS 9  9  9  HIS HIS A . n 
A 1 10 GLN 10 10 10 GLN GLN A . n 
A 1 11 LEU 11 11 11 LEU LEU A . n 
A 1 12 PHE 12 12 12 PHE PHE A . n 
A 1 13 ARG 13 13 13 ARG ARG A . n 
A 1 14 CYS 14 14 14 CYS CYS A . n 
A 1 15 PHE 15 15 15 PHE PHE A . n 
A 1 16 GLN 16 16 16 GLN GLN A . n 
A 1 17 TYR 17 17 17 TYR TYR A . n 
A 1 18 GLN 18 18 18 GLN GLN A . n 
A 1 19 GLU 19 19 19 GLU GLU A . n 
A 1 20 ASP 20 20 20 ASP ASP A . n 
A 1 21 MET 21 21 21 MET MET A . n 
A 1 22 GLY 22 22 22 GLY GLY A . n 
A 1 23 PRO 23 23 23 PRO PRO A . n 
A 1 24 ARG 24 24 24 ARG ARG A . n 
A 1 25 ALA 25 25 25 ALA ALA A . n 
A 1 26 SER 26 26 26 SER SER A . n 
A 1 27 LEU 27 27 27 LEU LEU A . n 
A 1 28 GLY 28 28 28 GLY GLY A . n 
A 1 29 ARG 29 29 29 ARG ARG A . n 
A 1 30 LEU 30 30 30 LEU LEU A . n 
A 1 31 ARG 31 31 31 ARG ARG A . n 
A 1 32 GLU 32 32 32 GLU GLU A . n 
A 1 33 LEU 33 33 33 LEU LEU A . n 
A 1 34 CYS 34 34 34 CYS CYS A . n 
A 1 35 ASN 35 35 35 ASN ASN A . n 
A 1 36 HIS 36 36 36 HIS HIS A . n 
A 1 37 TRP 37 37 37 TRP TRP A . n 
A 1 38 LEU 38 38 38 LEU LEU A . n 
A 1 39 ARG 39 39 39 ARG ARG A . n 
A 1 40 PRO 40 40 40 PRO PRO A . n 
A 1 41 ALA 41 41 41 ALA ALA A . n 
A 1 42 LEU 42 42 42 LEU LEU A . n 
A 1 43 HIS 43 43 43 HIS HIS A . n 
A 1 44 THR 44 44 44 THR THR A . n 
A 1 45 LYS 45 45 45 LYS LYS A . n 
A 1 46 LYS 46 46 46 LYS LYS A . n 
A 1 47 GLN 47 47 47 GLN GLN A . n 
A 1 48 ILE 48 48 48 ILE ILE A . n 
A 1 49 LEU 49 49 49 LEU LEU A . n 
A 1 50 GLU 50 50 50 GLU GLU A . n 
A 1 51 LEU 51 51 51 LEU LEU A . n 
A 1 52 LEU 52 52 52 LEU LEU A . n 
A 1 53 VAL 53 53 53 VAL VAL A . n 
A 1 54 LEU 54 54 54 LEU LEU A . n 
A 1 55 GLU 55 55 55 GLU GLU A . n 
A 1 56 GLN 56 56 56 GLN GLN A . n 
A 1 57 PHE 57 57 57 PHE PHE A . n 
A 1 58 LEU 58 58 58 LEU LEU A . n 
A 1 59 SER 59 59 59 SER SER A . n 
A 1 60 VAL 60 60 60 VAL VAL A . n 
A 1 61 LEU 61 61 61 LEU LEU A . n 
A 1 62 PRO 62 62 62 PRO PRO A . n 
A 1 63 PRO 63 63 63 PRO PRO A . n 
A 1 64 HIS 64 64 64 HIS HIS A . n 
A 1 65 VAL 65 65 65 VAL VAL A . n 
A 1 66 LEU 66 66 66 LEU LEU A . n 
A 1 67 SER 67 67 67 SER SER A . n 
A 1 68 ARG 68 68 68 ARG ARG A . n 
A 1 69 LEU 69 69 69 LEU LEU A . n 
A 1 70 HIS 70 70 70 HIS HIS A . n 
A 1 71 GLY 71 71 71 GLY GLY A . n 
A 1 72 ALA 72 72 72 ALA ALA A . n 
A 1 73 PRO 73 73 73 PRO PRO A . n 
A 1 74 LEU 74 74 74 LEU LEU A . n 
A 1 75 ARG 75 75 75 ARG ARG A . n 
A 1 76 ASP 76 76 76 ASP ASP A . n 
A 1 77 GLY 77 77 77 GLY GLY A . n 
A 1 78 GLU 78 78 78 GLU GLU A . n 
A 1 79 GLU 79 79 79 GLU GLU A . n 
A 1 80 VAL 80 80 80 VAL VAL A . n 
A 1 81 ALA 81 81 81 ALA ALA A . n 
A 1 82 GLN 82 82 82 GLN GLN A . n 
A 1 83 LEU 83 83 83 LEU LEU A . n 
A 1 84 GLU 84 84 84 GLU GLU A . n 
A 1 85 GLY 85 85 85 GLY GLY A . n 
A 1 86 VAL 86 86 ?  ?   ?   A . n 
A 1 87 PRO 87 87 ?  ?   ?   A . n 
A 1 88 ARG 88 88 ?  ?   ?   A . n 
A 1 89 ASP 89 89 ?  ?   ?   A . n 
A 1 90 ILE 90 90 ?  ?   ?   A . n 
A 1 91 SER 91 91 ?  ?   ?   A . n 
A 1 92 HIS 92 92 ?  ?   ?   A . n 
A 1 93 MET 93 93 ?  ?   ?   A . n 
# 
loop_
_pdbx_nonpoly_scheme.asym_id 
_pdbx_nonpoly_scheme.entity_id 
_pdbx_nonpoly_scheme.mon_id 
_pdbx_nonpoly_scheme.ndb_seq_num 
_pdbx_nonpoly_scheme.pdb_seq_num 
_pdbx_nonpoly_scheme.auth_seq_num 
_pdbx_nonpoly_scheme.pdb_mon_id 
_pdbx_nonpoly_scheme.auth_mon_id 
_pdbx_nonpoly_scheme.pdb_strand_id 
_pdbx_nonpoly_scheme.pdb_ins_code 
B 2 HOH 1  101 1  HOH HOH A . 
B 2 HOH 2  102 2  HOH HOH A . 
B 2 HOH 3  103 3  HOH HOH A . 
B 2 HOH 4  104 4  HOH HOH A . 
B 2 HOH 5  105 5  HOH HOH A . 
B 2 HOH 6  106 6  HOH HOH A . 
B 2 HOH 7  107 7  HOH HOH A . 
B 2 HOH 8  108 8  HOH HOH A . 
B 2 HOH 9  109 9  HOH HOH A . 
B 2 HOH 10 110 10 HOH HOH A . 
B 2 HOH 11 111 11 HOH HOH A . 
B 2 HOH 12 112 12 HOH HOH A . 
B 2 HOH 13 113 13 HOH HOH A . 
B 2 HOH 14 114 14 HOH HOH A . 
B 2 HOH 15 115 15 HOH HOH A . 
B 2 HOH 16 116 16 HOH HOH A . 
B 2 HOH 17 117 17 HOH HOH A . 
B 2 HOH 18 118 18 HOH HOH A . 
B 2 HOH 19 119 19 HOH HOH A . 
B 2 HOH 20 120 20 HOH HOH A . 
B 2 HOH 21 121 21 HOH HOH A . 
B 2 HOH 22 122 22 HOH HOH A . 
B 2 HOH 23 123 23 HOH HOH A . 
B 2 HOH 24 124 24 HOH HOH A . 
B 2 HOH 25 125 25 HOH HOH A . 
# 
loop_
_software.name 
_software.classification 
_software.version 
_software.citation_id 
_software.pdbx_ordinal 
HKL-2000 'data collection' .                 ? 1 
PHENIX   'model building'  .                 ? 2 
PHENIX   refinement        '(phenix.refine)' ? 3 
HKL-2000 'data reduction'  .                 ? 4 
HKL-2000 'data scaling'    .                 ? 5 
PHENIX   phasing           .                 ? 6 
# 
_cell.entry_id           4E6S 
_cell.length_a           67.565 
_cell.length_b           67.565 
_cell.length_c           87.544 
_cell.angle_alpha        90.00 
_cell.angle_beta         90.00 
_cell.angle_gamma        90.00 
_cell.Z_PDB              16 
_cell.pdbx_unique_axis   ? 
_cell.length_a_esd       ? 
_cell.length_b_esd       ? 
_cell.length_c_esd       ? 
_cell.angle_alpha_esd    ? 
_cell.angle_beta_esd     ? 
_cell.angle_gamma_esd    ? 
# 
_symmetry.entry_id                         4E6S 
_symmetry.space_group_name_H-M             'I 4 2 2' 
_symmetry.pdbx_full_space_group_name_H-M   ? 
_symmetry.cell_setting                     ? 
_symmetry.Int_Tables_number                97 
_symmetry.space_group_name_Hall            ? 
# 
_exptl.entry_id          4E6S 
_exptl.method            'X-RAY DIFFRACTION' 
_exptl.crystals_number   2 
# 
loop_
_exptl_crystal.id 
_exptl_crystal.density_meas 
_exptl_crystal.density_Matthews 
_exptl_crystal.density_percent_sol 
_exptl_crystal.description 
_exptl_crystal.F_000 
_exptl_crystal.preparation 
1 ? 2.32 47.04 ? ? ? 
2 ? ?    ?     ? ? ? 
# 
loop_
_exptl_crystal_grow.crystal_id 
_exptl_crystal_grow.method 
_exptl_crystal_grow.temp 
_exptl_crystal_grow.temp_details 
_exptl_crystal_grow.pH 
_exptl_crystal_grow.pdbx_details 
_exptl_crystal_grow.pdbx_pH_range 
1 'VAPOR DIFFUSION, HANGING DROP' 291 ? 8.0 
'0.3M ammonium sulfate, 0.1 M Tris-Cl, pH 8.6, 25% PEG 3350, 0.1M EDTA, VAPOR DIFFUSION, HANGING DROP, temperature 291K' . 
2 'VAPOR DIFFUSION, HANGING DROP' 291 ? 8.0 
;0.3M ammonium sulfate, 0.1 M Tris-Cl, pH 8.6, 25% PEG 3350, 0.1M EDTA, Mercury derivative, VAPOR DIFFUSION, HANGING DROP, temperature 291K
;
. 
# 
loop_
_diffrn.id 
_diffrn.ambient_temp 
_diffrn.ambient_temp_details 
_diffrn.crystal_id 
1 100 ? 1 
2 100 ? 2 
# 
loop_
_diffrn_detector.diffrn_id 
_diffrn_detector.detector 
_diffrn_detector.type 
_diffrn_detector.pdbx_collection_date 
_diffrn_detector.details 
1 CCD 'ADSC QUANTUM 315r' 2009-06-29 ? 
2 CCD 'ADSC QUANTUM 315r' 2009-08-31 ? 
# 
loop_
_diffrn_radiation.diffrn_id 
_diffrn_radiation.wavelength_id 
_diffrn_radiation.pdbx_monochromatic_or_laue_m_l 
_diffrn_radiation.monochromator 
_diffrn_radiation.pdbx_diffrn_protocol 
_diffrn_radiation.pdbx_scattering_type 
1 1 M ? 'SINGLE WAVELENGTH' x-ray 
2 1 M ? 'SINGLE WAVELENGTH' x-ray 
# 
loop_
_diffrn_radiation_wavelength.id 
_diffrn_radiation_wavelength.wavelength 
_diffrn_radiation_wavelength.wt 
1 1.081 1.0 
2 1.000 1.0 
# 
loop_
_diffrn_source.diffrn_id 
_diffrn_source.source 
_diffrn_source.type 
_diffrn_source.pdbx_synchrotron_site 
_diffrn_source.pdbx_synchrotron_beamline 
_diffrn_source.pdbx_wavelength 
_diffrn_source.pdbx_wavelength_list 
1 SYNCHROTRON 'NSLS BEAMLINE X29A' NSLS X29A ? 1.081 
2 SYNCHROTRON 'NSLS BEAMLINE X29A' NSLS X29A ? 1.000 
# 
_reflns.entry_id                     4E6S 
_reflns.observed_criterion_sigma_I   0 
_reflns.observed_criterion_sigma_F   -3 
_reflns.d_resolution_low             50 
_reflns.d_resolution_high            1.85 
_reflns.number_obs                   8995 
_reflns.number_all                   ? 
_reflns.percent_possible_obs         100 
_reflns.pdbx_Rmerge_I_obs            0.045 
_reflns.pdbx_Rsym_value              0.045 
_reflns.pdbx_netI_over_sigmaI        47.538 
_reflns.B_iso_Wilson_estimate        0 
_reflns.pdbx_redundancy              15.2 
_reflns.R_free_details               ? 
_reflns.limit_h_max                  ? 
_reflns.limit_h_min                  ? 
_reflns.limit_k_max                  ? 
_reflns.limit_k_min                  ? 
_reflns.limit_l_max                  ? 
_reflns.limit_l_min                  ? 
_reflns.observed_criterion_F_max     ? 
_reflns.observed_criterion_F_min     ? 
_reflns.pdbx_chi_squared             ? 
_reflns.pdbx_scaling_rejects         ? 
_reflns.pdbx_ordinal                 1 
_reflns.pdbx_diffrn_id               1,2 
# 
_reflns_shell.d_res_high                  1.85 
_reflns_shell.d_res_low                   1.92 
_reflns_shell.percent_possible_all        100 
_reflns_shell.Rmerge_I_obs                0.468 
_reflns_shell.pdbx_Rsym_value             0.468 
_reflns_shell.meanI_over_sigI_obs         5.976 
_reflns_shell.pdbx_redundancy             14.1 
_reflns_shell.percent_possible_obs        ? 
_reflns_shell.number_unique_all           8995 
_reflns_shell.number_measured_all         ? 
_reflns_shell.number_measured_obs         ? 
_reflns_shell.number_unique_obs           ? 
_reflns_shell.pdbx_chi_squared            ? 
_reflns_shell.pdbx_rejects                ? 
_reflns_shell.pdbx_netI_over_sigmaI_obs   ? 
_reflns_shell.number_possible             ? 
_reflns_shell.Rmerge_F_all                ? 
_reflns_shell.Rmerge_F_obs                ? 
_reflns_shell.Rmerge_I_all                ? 
_reflns_shell.meanI_over_sigI_all         ? 
_reflns_shell.pdbx_Rrim_I_all             ? 
_reflns_shell.pdbx_Rpim_I_all             ? 
_reflns_shell.pdbx_ordinal                1 
_reflns_shell.pdbx_diffrn_id              1,2 
# 
_refine.entry_id                                 4E6S 
_refine.ls_number_reflns_obs                     8692 
_refine.ls_number_reflns_all                     ? 
_refine.pdbx_ls_sigma_I                          ? 
_refine.pdbx_ls_sigma_F                          0.15 
_refine.pdbx_data_cutoff_high_absF               ? 
_refine.pdbx_data_cutoff_low_absF                ? 
_refine.pdbx_data_cutoff_high_rms_absF           ? 
_refine.ls_d_res_low                             47.776 
_refine.ls_d_res_high                            1.850 
_refine.ls_percent_reflns_obs                    96.63 
_refine.ls_R_factor_obs                          0.2068 
_refine.ls_R_factor_all                          ? 
_refine.ls_R_factor_R_work                       0.2036 
_refine.ls_R_factor_R_free                       0.2351 
_refine.ls_R_factor_R_free_error                 ? 
_refine.ls_R_factor_R_free_error_details         ? 
_refine.ls_percent_reflns_R_free                 10.00 
_refine.ls_number_reflns_R_free                  869 
_refine.ls_number_parameters                     ? 
_refine.ls_number_restraints                     ? 
_refine.occupancy_min                            ? 
_refine.occupancy_max                            ? 
_refine.correlation_coeff_Fo_to_Fc               ? 
_refine.correlation_coeff_Fo_to_Fc_free          ? 
_refine.B_iso_mean                               ? 
_refine.aniso_B[1][1]                            -4.1125 
_refine.aniso_B[2][2]                            -4.1125 
_refine.aniso_B[3][3]                            8.2251 
_refine.aniso_B[1][2]                            -0.0000 
_refine.aniso_B[1][3]                            0.0000 
_refine.aniso_B[2][3]                            0.0000 
_refine.solvent_model_details                    'FLAT BULK SOLVENT MODEL' 
_refine.solvent_model_param_ksol                 0.400 
_refine.solvent_model_param_bsol                 75.354 
_refine.pdbx_solvent_vdw_probe_radii             1.11 
_refine.pdbx_solvent_ion_probe_radii             ? 
_refine.pdbx_solvent_shrinkage_radii             0.90 
_refine.pdbx_ls_cross_valid_method               ? 
_refine.details                                  ? 
_refine.pdbx_starting_model                      ? 
_refine.pdbx_method_to_determine_struct          'MOLECULAR REPLACEMENT' 
_refine.pdbx_isotropic_thermal_model             ? 
_refine.pdbx_stereochemistry_target_values       ML 
_refine.pdbx_stereochem_target_val_spec_case     ? 
_refine.pdbx_R_Free_selection_details            ? 
_refine.pdbx_overall_ESU_R                       ? 
_refine.pdbx_overall_ESU_R_Free                  ? 
_refine.overall_SU_ML                            0.27 
_refine.pdbx_overall_phase_error                 21.77 
_refine.overall_SU_B                             ? 
_refine.overall_SU_R_Cruickshank_DPI             ? 
_refine.ls_redundancy_reflns_obs                 ? 
_refine.B_iso_min                                ? 
_refine.B_iso_max                                ? 
_refine.overall_SU_R_free                        ? 
_refine.ls_wR_factor_R_free                      ? 
_refine.ls_wR_factor_R_work                      ? 
_refine.overall_FOM_free_R_set                   ? 
_refine.overall_FOM_work_R_set                   ? 
_refine.pdbx_diffrn_id                           1,2 
_refine.pdbx_refine_id                           'X-RAY DIFFRACTION' 
_refine.pdbx_TLS_residual_ADP_flag               ? 
_refine.pdbx_overall_SU_R_free_Cruickshank_DPI   ? 
_refine.pdbx_overall_SU_R_Blow_DPI               ? 
_refine.pdbx_overall_SU_R_free_Blow_DPI          ? 
# 
_refine_hist.pdbx_refine_id                   'X-RAY DIFFRACTION' 
_refine_hist.cycle_id                         LAST 
_refine_hist.pdbx_number_atoms_protein        690 
_refine_hist.pdbx_number_atoms_nucleic_acid   0 
_refine_hist.pdbx_number_atoms_ligand         0 
_refine_hist.number_atoms_solvent             25 
_refine_hist.number_atoms_total               715 
_refine_hist.d_res_high                       1.850 
_refine_hist.d_res_low                        47.776 
# 
loop_
_refine_ls_restr.type 
_refine_ls_restr.dev_ideal 
_refine_ls_restr.dev_ideal_target 
_refine_ls_restr.weight 
_refine_ls_restr.number 
_refine_ls_restr.pdbx_restraint_function 
_refine_ls_restr.pdbx_refine_id 
f_bond_d           0.008  ? ? 707 ? 'X-RAY DIFFRACTION' 
f_angle_d          0.984  ? ? 956 ? 'X-RAY DIFFRACTION' 
f_dihedral_angle_d 15.898 ? ? 274 ? 'X-RAY DIFFRACTION' 
f_chiral_restr     0.059  ? ? 102 ? 'X-RAY DIFFRACTION' 
f_plane_restr      0.006  ? ? 127 ? 'X-RAY DIFFRACTION' 
# 
loop_
_refine_ls_shell.pdbx_refine_id 
_refine_ls_shell.pdbx_total_number_of_bins_used 
_refine_ls_shell.d_res_high 
_refine_ls_shell.d_res_low 
_refine_ls_shell.number_reflns_R_work 
_refine_ls_shell.R_factor_R_work 
_refine_ls_shell.percent_reflns_obs 
_refine_ls_shell.R_factor_R_free 
_refine_ls_shell.R_factor_R_free_error 
_refine_ls_shell.percent_reflns_R_free 
_refine_ls_shell.number_reflns_R_free 
_refine_ls_shell.number_reflns_all 
_refine_ls_shell.R_factor_all 
_refine_ls_shell.number_reflns_obs 
_refine_ls_shell.redundancy_reflns_obs 
'X-RAY DIFFRACTION' 6 1.8496 1.9655  1189 0.2051 91.00 0.2627 . . 130 . . . . 
'X-RAY DIFFRACTION' 6 1.9655 2.1173  1245 0.1893 94.00 0.2320 . . 140 . . . . 
'X-RAY DIFFRACTION' 6 2.1173 2.3303  1297 0.1850 97.00 0.2040 . . 145 . . . . 
'X-RAY DIFFRACTION' 6 2.3303 2.6675  1312 0.1942 99.00 0.2256 . . 143 . . . . 
'X-RAY DIFFRACTION' 6 2.6675 3.3606  1349 0.2095 99.00 0.2524 . . 152 . . . . 
'X-RAY DIFFRACTION' 6 3.3606 47.7916 1431 0.2075 99.00 0.2324 . . 159 . . . . 
# 
_struct.entry_id                  4E6S 
_struct.title                     'Crystal structure of the SCAN domain from mouse Zfp206' 
_struct.pdbx_model_details        ? 
_struct.pdbx_CASP_flag            ? 
_struct.pdbx_model_type_details   ? 
# 
_struct_keywords.entry_id        4E6S 
_struct_keywords.pdbx_keywords   TRANSCRIPTION 
_struct_keywords.text            
'SCAN domain, protein interaction, other SCANs, N-terminal part, zinc finger transcription factor, TRANSCRIPTION' 
# 
loop_
_struct_asym.id 
_struct_asym.pdbx_blank_PDB_chainid_flag 
_struct_asym.pdbx_modified 
_struct_asym.entity_id 
_struct_asym.details 
A N N 1 ? 
B N N 2 ? 
# 
_struct_ref.id                         1 
_struct_ref.db_name                    PDB 
_struct_ref.db_code                    4E6S 
_struct_ref.pdbx_db_accession          4E6S 
_struct_ref.entity_id                  1 
_struct_ref.pdbx_align_begin           ? 
_struct_ref.pdbx_seq_one_letter_code   ? 
_struct_ref.pdbx_db_isoform            ? 
# 
_struct_ref_seq.align_id                      1 
_struct_ref_seq.ref_id                        1 
_struct_ref_seq.pdbx_PDB_id_code              4E6S 
_struct_ref_seq.pdbx_strand_id                A 
_struct_ref_seq.seq_align_beg                 1 
_struct_ref_seq.pdbx_seq_align_beg_ins_code   ? 
_struct_ref_seq.seq_align_end                 93 
_struct_ref_seq.pdbx_seq_align_end_ins_code   ? 
_struct_ref_seq.pdbx_db_accession             4E6S 
_struct_ref_seq.db_align_beg                  1 
_struct_ref_seq.pdbx_db_align_beg_ins_code    ? 
_struct_ref_seq.db_align_end                  93 
_struct_ref_seq.pdbx_db_align_end_ins_code    ? 
_struct_ref_seq.pdbx_auth_seq_align_beg       1 
_struct_ref_seq.pdbx_auth_seq_align_end       93 
# 
_pdbx_struct_assembly.id                   1 
_pdbx_struct_assembly.details              author_and_software_defined_assembly 
_pdbx_struct_assembly.method_details       PISA 
_pdbx_struct_assembly.oligomeric_details   dimeric 
_pdbx_struct_assembly.oligomeric_count     2 
# 
loop_
_pdbx_struct_assembly_prop.biol_id 
_pdbx_struct_assembly_prop.type 
_pdbx_struct_assembly_prop.value 
_pdbx_struct_assembly_prop.details 
1 'ABSA (A^2)' 3270 ? 
1 MORE         -22  ? 
1 'SSA (A^2)'  9690 ? 
# 
_pdbx_struct_assembly_gen.assembly_id       1 
_pdbx_struct_assembly_gen.oper_expression   1,2 
_pdbx_struct_assembly_gen.asym_id_list      A,B 
# 
loop_
_pdbx_struct_oper_list.id 
_pdbx_struct_oper_list.type 
_pdbx_struct_oper_list.name 
_pdbx_struct_oper_list.symmetry_operation 
_pdbx_struct_oper_list.matrix[1][1] 
_pdbx_struct_oper_list.matrix[1][2] 
_pdbx_struct_oper_list.matrix[1][3] 
_pdbx_struct_oper_list.vector[1] 
_pdbx_struct_oper_list.matrix[2][1] 
_pdbx_struct_oper_list.matrix[2][2] 
_pdbx_struct_oper_list.matrix[2][3] 
_pdbx_struct_oper_list.vector[2] 
_pdbx_struct_oper_list.matrix[3][1] 
_pdbx_struct_oper_list.matrix[3][2] 
_pdbx_struct_oper_list.matrix[3][3] 
_pdbx_struct_oper_list.vector[3] 
1 'identity operation'         1_555 x,y,z  1.0000000000 0.0000000000 0.0000000000 0.0000000000 0.0000000000 1.0000000000  0.0000000000 0.0000000000  0.0000000000 0.0000000000 1.0000000000  0.0000000000  
2 'crystal symmetry operation' 7_555 y,x,-z 0.0384167239 0.8982524527 0.4377975406 8.8354934195 0.8982524527 -0.2229926096 0.3787041422 -5.3543147261 0.4377975406 0.3787041422 -0.8154241143 -9.9712707144 
# 
_struct_biol.id        1 
_struct_biol.details   ? 
# 
loop_
_struct_conf.conf_type_id 
_struct_conf.id 
_struct_conf.pdbx_PDB_helix_id 
_struct_conf.beg_label_comp_id 
_struct_conf.beg_label_asym_id 
_struct_conf.beg_label_seq_id 
_struct_conf.pdbx_beg_PDB_ins_code 
_struct_conf.end_label_comp_id 
_struct_conf.end_label_asym_id 
_struct_conf.end_label_seq_id 
_struct_conf.pdbx_end_PDB_ins_code 
_struct_conf.beg_auth_comp_id 
_struct_conf.beg_auth_asym_id 
_struct_conf.beg_auth_seq_id 
_struct_conf.end_auth_comp_id 
_struct_conf.end_auth_asym_id 
_struct_conf.end_auth_seq_id 
_struct_conf.pdbx_PDB_helix_class 
_struct_conf.details 
_struct_conf.pdbx_PDB_helix_length 
HELX_P HELX_P1 1 ARG A 4  ? CYS A 14 ? ARG A 4  CYS A 14 1 ? 11 
HELX_P HELX_P2 2 GLY A 22 ? ARG A 39 ? GLY A 22 ARG A 39 1 ? 18 
HELX_P HELX_P3 3 THR A 44 ? VAL A 60 ? THR A 44 VAL A 60 1 ? 17 
HELX_P HELX_P4 4 PRO A 62 ? SER A 67 ? PRO A 62 SER A 67 1 ? 6  
HELX_P HELX_P5 5 ARG A 68 ? HIS A 70 ? ARG A 68 HIS A 70 5 ? 3  
HELX_P HELX_P6 6 ASP A 76 ? LEU A 83 ? ASP A 76 LEU A 83 1 ? 8  
# 
_struct_conf_type.id          HELX_P 
_struct_conf_type.criteria    ? 
_struct_conf_type.reference   ? 
# 
_pdbx_validate_torsion.id              1 
_pdbx_validate_torsion.PDB_model_num   1 
_pdbx_validate_torsion.auth_comp_id    GLU 
_pdbx_validate_torsion.auth_asym_id    A 
_pdbx_validate_torsion.auth_seq_id     84 
_pdbx_validate_torsion.PDB_ins_code    ? 
_pdbx_validate_torsion.label_alt_id    ? 
_pdbx_validate_torsion.phi             -142.87 
_pdbx_validate_torsion.psi             19.03 
# 
_pdbx_refine_tls.pdbx_refine_id   'X-RAY DIFFRACTION' 
_pdbx_refine_tls.id               1 
_pdbx_refine_tls.details          ? 
_pdbx_refine_tls.method           refined 
_pdbx_refine_tls.origin_x         0.1066 
_pdbx_refine_tls.origin_y         -0.4747 
_pdbx_refine_tls.origin_z         0.1473 
_pdbx_refine_tls.T[1][1]          0.3260 
_pdbx_refine_tls.T[2][2]          0.2916 
_pdbx_refine_tls.T[3][3]          0.3003 
_pdbx_refine_tls.T[1][2]          -0.0042 
_pdbx_refine_tls.T[1][3]          -0.0248 
_pdbx_refine_tls.T[2][3]          -0.0186 
_pdbx_refine_tls.L[1][1]          1.7326 
_pdbx_refine_tls.L[2][2]          2.0441 
_pdbx_refine_tls.L[3][3]          0.9603 
_pdbx_refine_tls.L[1][2]          -0.3950 
_pdbx_refine_tls.L[1][3]          0.0568 
_pdbx_refine_tls.L[2][3]          0.3294 
_pdbx_refine_tls.S[1][1]          -0.0786 
_pdbx_refine_tls.S[1][2]          -0.2580 
_pdbx_refine_tls.S[1][3]          0.1847 
_pdbx_refine_tls.S[2][1]          0.4359 
_pdbx_refine_tls.S[2][2]          -0.0490 
_pdbx_refine_tls.S[2][3]          0.0343 
_pdbx_refine_tls.S[3][1]          -0.1268 
_pdbx_refine_tls.S[3][2]          -0.0224 
_pdbx_refine_tls.S[3][3]          0.0420 
# 
_pdbx_refine_tls_group.pdbx_refine_id      'X-RAY DIFFRACTION' 
_pdbx_refine_tls_group.id                  1 
_pdbx_refine_tls_group.refine_tls_id       1 
_pdbx_refine_tls_group.beg_auth_asym_id    ? 
_pdbx_refine_tls_group.beg_auth_seq_id     ? 
_pdbx_refine_tls_group.beg_label_asym_id   ? 
_pdbx_refine_tls_group.beg_label_seq_id    ? 
_pdbx_refine_tls_group.end_auth_asym_id    ? 
_pdbx_refine_tls_group.end_auth_seq_id     ? 
_pdbx_refine_tls_group.end_label_asym_id   ? 
_pdbx_refine_tls_group.end_label_seq_id    ? 
_pdbx_refine_tls_group.selection           ? 
_pdbx_refine_tls_group.selection_details   all 
# 
_pdbx_entry_details.entry_id                 4E6S 
_pdbx_entry_details.nonpolymer_details       ? 
_pdbx_entry_details.sequence_details         
;A SEQUENCE DATABASE REFERENCE FOR THIS PROTEIN DOES NOT CURRENTLY EXIST IN UNIPROT. THE AUTHOR STATES THERE IS A MUTATION Q106A IN THIS PROTEIN.
;
_pdbx_entry_details.compound_details         ? 
_pdbx_entry_details.source_details           ? 
_pdbx_entry_details.has_ligand_of_interest   ? 
# 
loop_
_pdbx_unobs_or_zero_occ_residues.id 
_pdbx_unobs_or_zero_occ_residues.PDB_model_num 
_pdbx_unobs_or_zero_occ_residues.polymer_flag 
_pdbx_unobs_or_zero_occ_residues.occupancy_flag 
_pdbx_unobs_or_zero_occ_residues.auth_asym_id 
_pdbx_unobs_or_zero_occ_residues.auth_comp_id 
_pdbx_unobs_or_zero_occ_residues.auth_seq_id 
_pdbx_unobs_or_zero_occ_residues.PDB_ins_code 
_pdbx_unobs_or_zero_occ_residues.label_asym_id 
_pdbx_unobs_or_zero_occ_residues.label_comp_id 
_pdbx_unobs_or_zero_occ_residues.label_seq_id 
1 1 Y 1 A VAL 86 ? A VAL 86 
2 1 Y 1 A PRO 87 ? A PRO 87 
3 1 Y 1 A ARG 88 ? A ARG 88 
4 1 Y 1 A ASP 89 ? A ASP 89 
5 1 Y 1 A ILE 90 ? A ILE 90 
6 1 Y 1 A SER 91 ? A SER 91 
7 1 Y 1 A HIS 92 ? A HIS 92 
8 1 Y 1 A MET 93 ? A MET 93 
# 
loop_
_chem_comp_atom.comp_id 
_chem_comp_atom.atom_id 
_chem_comp_atom.type_symbol 
_chem_comp_atom.pdbx_aromatic_flag 
_chem_comp_atom.pdbx_stereo_config 
_chem_comp_atom.pdbx_ordinal 
ALA N    N N N 1   
ALA CA   C N S 2   
ALA C    C N N 3   
ALA O    O N N 4   
ALA CB   C N N 5   
ALA OXT  O N N 6   
ALA H    H N N 7   
ALA H2   H N N 8   
ALA HA   H N N 9   
ALA HB1  H N N 10  
ALA HB2  H N N 11  
ALA HB3  H N N 12  
ALA HXT  H N N 13  
ARG N    N N N 14  
ARG CA   C N S 15  
ARG C    C N N 16  
ARG O    O N N 17  
ARG CB   C N N 18  
ARG CG   C N N 19  
ARG CD   C N N 20  
ARG NE   N N N 21  
ARG CZ   C N N 22  
ARG NH1  N N N 23  
ARG NH2  N N N 24  
ARG OXT  O N N 25  
ARG H    H N N 26  
ARG H2   H N N 27  
ARG HA   H N N 28  
ARG HB2  H N N 29  
ARG HB3  H N N 30  
ARG HG2  H N N 31  
ARG HG3  H N N 32  
ARG HD2  H N N 33  
ARG HD3  H N N 34  
ARG HE   H N N 35  
ARG HH11 H N N 36  
ARG HH12 H N N 37  
ARG HH21 H N N 38  
ARG HH22 H N N 39  
ARG HXT  H N N 40  
ASN N    N N N 41  
ASN CA   C N S 42  
ASN C    C N N 43  
ASN O    O N N 44  
ASN CB   C N N 45  
ASN CG   C N N 46  
ASN OD1  O N N 47  
ASN ND2  N N N 48  
ASN OXT  O N N 49  
ASN H    H N N 50  
ASN H2   H N N 51  
ASN HA   H N N 52  
ASN HB2  H N N 53  
ASN HB3  H N N 54  
ASN HD21 H N N 55  
ASN HD22 H N N 56  
ASN HXT  H N N 57  
ASP N    N N N 58  
ASP CA   C N S 59  
ASP C    C N N 60  
ASP O    O N N 61  
ASP CB   C N N 62  
ASP CG   C N N 63  
ASP OD1  O N N 64  
ASP OD2  O N N 65  
ASP OXT  O N N 66  
ASP H    H N N 67  
ASP H2   H N N 68  
ASP HA   H N N 69  
ASP HB2  H N N 70  
ASP HB3  H N N 71  
ASP HD2  H N N 72  
ASP HXT  H N N 73  
CYS N    N N N 74  
CYS CA   C N R 75  
CYS C    C N N 76  
CYS O    O N N 77  
CYS CB   C N N 78  
CYS SG   S N N 79  
CYS OXT  O N N 80  
CYS H    H N N 81  
CYS H2   H N N 82  
CYS HA   H N N 83  
CYS HB2  H N N 84  
CYS HB3  H N N 85  
CYS HG   H N N 86  
CYS HXT  H N N 87  
GLN N    N N N 88  
GLN CA   C N S 89  
GLN C    C N N 90  
GLN O    O N N 91  
GLN CB   C N N 92  
GLN CG   C N N 93  
GLN CD   C N N 94  
GLN OE1  O N N 95  
GLN NE2  N N N 96  
GLN OXT  O N N 97  
GLN H    H N N 98  
GLN H2   H N N 99  
GLN HA   H N N 100 
GLN HB2  H N N 101 
GLN HB3  H N N 102 
GLN HG2  H N N 103 
GLN HG3  H N N 104 
GLN HE21 H N N 105 
GLN HE22 H N N 106 
GLN HXT  H N N 107 
GLU N    N N N 108 
GLU CA   C N S 109 
GLU C    C N N 110 
GLU O    O N N 111 
GLU CB   C N N 112 
GLU CG   C N N 113 
GLU CD   C N N 114 
GLU OE1  O N N 115 
GLU OE2  O N N 116 
GLU OXT  O N N 117 
GLU H    H N N 118 
GLU H2   H N N 119 
GLU HA   H N N 120 
GLU HB2  H N N 121 
GLU HB3  H N N 122 
GLU HG2  H N N 123 
GLU HG3  H N N 124 
GLU HE2  H N N 125 
GLU HXT  H N N 126 
GLY N    N N N 127 
GLY CA   C N N 128 
GLY C    C N N 129 
GLY O    O N N 130 
GLY OXT  O N N 131 
GLY H    H N N 132 
GLY H2   H N N 133 
GLY HA2  H N N 134 
GLY HA3  H N N 135 
GLY HXT  H N N 136 
HIS N    N N N 137 
HIS CA   C N S 138 
HIS C    C N N 139 
HIS O    O N N 140 
HIS CB   C N N 141 
HIS CG   C Y N 142 
HIS ND1  N Y N 143 
HIS CD2  C Y N 144 
HIS CE1  C Y N 145 
HIS NE2  N Y N 146 
HIS OXT  O N N 147 
HIS H    H N N 148 
HIS H2   H N N 149 
HIS HA   H N N 150 
HIS HB2  H N N 151 
HIS HB3  H N N 152 
HIS HD1  H N N 153 
HIS HD2  H N N 154 
HIS HE1  H N N 155 
HIS HE2  H N N 156 
HIS HXT  H N N 157 
HOH O    O N N 158 
HOH H1   H N N 159 
HOH H2   H N N 160 
ILE N    N N N 161 
ILE CA   C N S 162 
ILE C    C N N 163 
ILE O    O N N 164 
ILE CB   C N S 165 
ILE CG1  C N N 166 
ILE CG2  C N N 167 
ILE CD1  C N N 168 
ILE OXT  O N N 169 
ILE H    H N N 170 
ILE H2   H N N 171 
ILE HA   H N N 172 
ILE HB   H N N 173 
ILE HG12 H N N 174 
ILE HG13 H N N 175 
ILE HG21 H N N 176 
ILE HG22 H N N 177 
ILE HG23 H N N 178 
ILE HD11 H N N 179 
ILE HD12 H N N 180 
ILE HD13 H N N 181 
ILE HXT  H N N 182 
LEU N    N N N 183 
LEU CA   C N S 184 
LEU C    C N N 185 
LEU O    O N N 186 
LEU CB   C N N 187 
LEU CG   C N N 188 
LEU CD1  C N N 189 
LEU CD2  C N N 190 
LEU OXT  O N N 191 
LEU H    H N N 192 
LEU H2   H N N 193 
LEU HA   H N N 194 
LEU HB2  H N N 195 
LEU HB3  H N N 196 
LEU HG   H N N 197 
LEU HD11 H N N 198 
LEU HD12 H N N 199 
LEU HD13 H N N 200 
LEU HD21 H N N 201 
LEU HD22 H N N 202 
LEU HD23 H N N 203 
LEU HXT  H N N 204 
LYS N    N N N 205 
LYS CA   C N S 206 
LYS C    C N N 207 
LYS O    O N N 208 
LYS CB   C N N 209 
LYS CG   C N N 210 
LYS CD   C N N 211 
LYS CE   C N N 212 
LYS NZ   N N N 213 
LYS OXT  O N N 214 
LYS H    H N N 215 
LYS H2   H N N 216 
LYS HA   H N N 217 
LYS HB2  H N N 218 
LYS HB3  H N N 219 
LYS HG2  H N N 220 
LYS HG3  H N N 221 
LYS HD2  H N N 222 
LYS HD3  H N N 223 
LYS HE2  H N N 224 
LYS HE3  H N N 225 
LYS HZ1  H N N 226 
LYS HZ2  H N N 227 
LYS HZ3  H N N 228 
LYS HXT  H N N 229 
MET N    N N N 230 
MET CA   C N S 231 
MET C    C N N 232 
MET O    O N N 233 
MET CB   C N N 234 
MET CG   C N N 235 
MET SD   S N N 236 
MET CE   C N N 237 
MET OXT  O N N 238 
MET H    H N N 239 
MET H2   H N N 240 
MET HA   H N N 241 
MET HB2  H N N 242 
MET HB3  H N N 243 
MET HG2  H N N 244 
MET HG3  H N N 245 
MET HE1  H N N 246 
MET HE2  H N N 247 
MET HE3  H N N 248 
MET HXT  H N N 249 
PHE N    N N N 250 
PHE CA   C N S 251 
PHE C    C N N 252 
PHE O    O N N 253 
PHE CB   C N N 254 
PHE CG   C Y N 255 
PHE CD1  C Y N 256 
PHE CD2  C Y N 257 
PHE CE1  C Y N 258 
PHE CE2  C Y N 259 
PHE CZ   C Y N 260 
PHE OXT  O N N 261 
PHE H    H N N 262 
PHE H2   H N N 263 
PHE HA   H N N 264 
PHE HB2  H N N 265 
PHE HB3  H N N 266 
PHE HD1  H N N 267 
PHE HD2  H N N 268 
PHE HE1  H N N 269 
PHE HE2  H N N 270 
PHE HZ   H N N 271 
PHE HXT  H N N 272 
PRO N    N N N 273 
PRO CA   C N S 274 
PRO C    C N N 275 
PRO O    O N N 276 
PRO CB   C N N 277 
PRO CG   C N N 278 
PRO CD   C N N 279 
PRO OXT  O N N 280 
PRO H    H N N 281 
PRO HA   H N N 282 
PRO HB2  H N N 283 
PRO HB3  H N N 284 
PRO HG2  H N N 285 
PRO HG3  H N N 286 
PRO HD2  H N N 287 
PRO HD3  H N N 288 
PRO HXT  H N N 289 
SER N    N N N 290 
SER CA   C N S 291 
SER C    C N N 292 
SER O    O N N 293 
SER CB   C N N 294 
SER OG   O N N 295 
SER OXT  O N N 296 
SER H    H N N 297 
SER H2   H N N 298 
SER HA   H N N 299 
SER HB2  H N N 300 
SER HB3  H N N 301 
SER HG   H N N 302 
SER HXT  H N N 303 
THR N    N N N 304 
THR CA   C N S 305 
THR C    C N N 306 
THR O    O N N 307 
THR CB   C N R 308 
THR OG1  O N N 309 
THR CG2  C N N 310 
THR OXT  O N N 311 
THR H    H N N 312 
THR H2   H N N 313 
THR HA   H N N 314 
THR HB   H N N 315 
THR HG1  H N N 316 
THR HG21 H N N 317 
THR HG22 H N N 318 
THR HG23 H N N 319 
THR HXT  H N N 320 
TRP N    N N N 321 
TRP CA   C N S 322 
TRP C    C N N 323 
TRP O    O N N 324 
TRP CB   C N N 325 
TRP CG   C Y N 326 
TRP CD1  C Y N 327 
TRP CD2  C Y N 328 
TRP NE1  N Y N 329 
TRP CE2  C Y N 330 
TRP CE3  C Y N 331 
TRP CZ2  C Y N 332 
TRP CZ3  C Y N 333 
TRP CH2  C Y N 334 
TRP OXT  O N N 335 
TRP H    H N N 336 
TRP H2   H N N 337 
TRP HA   H N N 338 
TRP HB2  H N N 339 
TRP HB3  H N N 340 
TRP HD1  H N N 341 
TRP HE1  H N N 342 
TRP HE3  H N N 343 
TRP HZ2  H N N 344 
TRP HZ3  H N N 345 
TRP HH2  H N N 346 
TRP HXT  H N N 347 
TYR N    N N N 348 
TYR CA   C N S 349 
TYR C    C N N 350 
TYR O    O N N 351 
TYR CB   C N N 352 
TYR CG   C Y N 353 
TYR CD1  C Y N 354 
TYR CD2  C Y N 355 
TYR CE1  C Y N 356 
TYR CE2  C Y N 357 
TYR CZ   C Y N 358 
TYR OH   O N N 359 
TYR OXT  O N N 360 
TYR H    H N N 361 
TYR H2   H N N 362 
TYR HA   H N N 363 
TYR HB2  H N N 364 
TYR HB3  H N N 365 
TYR HD1  H N N 366 
TYR HD2  H N N 367 
TYR HE1  H N N 368 
TYR HE2  H N N 369 
TYR HH   H N N 370 
TYR HXT  H N N 371 
VAL N    N N N 372 
VAL CA   C N S 373 
VAL C    C N N 374 
VAL O    O N N 375 
VAL CB   C N N 376 
VAL CG1  C N N 377 
VAL CG2  C N N 378 
VAL OXT  O N N 379 
VAL H    H N N 380 
VAL H2   H N N 381 
VAL HA   H N N 382 
VAL HB   H N N 383 
VAL HG11 H N N 384 
VAL HG12 H N N 385 
VAL HG13 H N N 386 
VAL HG21 H N N 387 
VAL HG22 H N N 388 
VAL HG23 H N N 389 
VAL HXT  H N N 390 
# 
loop_
_chem_comp_bond.comp_id 
_chem_comp_bond.atom_id_1 
_chem_comp_bond.atom_id_2 
_chem_comp_bond.value_order 
_chem_comp_bond.pdbx_aromatic_flag 
_chem_comp_bond.pdbx_stereo_config 
_chem_comp_bond.pdbx_ordinal 
ALA N   CA   sing N N 1   
ALA N   H    sing N N 2   
ALA N   H2   sing N N 3   
ALA CA  C    sing N N 4   
ALA CA  CB   sing N N 5   
ALA CA  HA   sing N N 6   
ALA C   O    doub N N 7   
ALA C   OXT  sing N N 8   
ALA CB  HB1  sing N N 9   
ALA CB  HB2  sing N N 10  
ALA CB  HB3  sing N N 11  
ALA OXT HXT  sing N N 12  
ARG N   CA   sing N N 13  
ARG N   H    sing N N 14  
ARG N   H2   sing N N 15  
ARG CA  C    sing N N 16  
ARG CA  CB   sing N N 17  
ARG CA  HA   sing N N 18  
ARG C   O    doub N N 19  
ARG C   OXT  sing N N 20  
ARG CB  CG   sing N N 21  
ARG CB  HB2  sing N N 22  
ARG CB  HB3  sing N N 23  
ARG CG  CD   sing N N 24  
ARG CG  HG2  sing N N 25  
ARG CG  HG3  sing N N 26  
ARG CD  NE   sing N N 27  
ARG CD  HD2  sing N N 28  
ARG CD  HD3  sing N N 29  
ARG NE  CZ   sing N N 30  
ARG NE  HE   sing N N 31  
ARG CZ  NH1  sing N N 32  
ARG CZ  NH2  doub N N 33  
ARG NH1 HH11 sing N N 34  
ARG NH1 HH12 sing N N 35  
ARG NH2 HH21 sing N N 36  
ARG NH2 HH22 sing N N 37  
ARG OXT HXT  sing N N 38  
ASN N   CA   sing N N 39  
ASN N   H    sing N N 40  
ASN N   H2   sing N N 41  
ASN CA  C    sing N N 42  
ASN CA  CB   sing N N 43  
ASN CA  HA   sing N N 44  
ASN C   O    doub N N 45  
ASN C   OXT  sing N N 46  
ASN CB  CG   sing N N 47  
ASN CB  HB2  sing N N 48  
ASN CB  HB3  sing N N 49  
ASN CG  OD1  doub N N 50  
ASN CG  ND2  sing N N 51  
ASN ND2 HD21 sing N N 52  
ASN ND2 HD22 sing N N 53  
ASN OXT HXT  sing N N 54  
ASP N   CA   sing N N 55  
ASP N   H    sing N N 56  
ASP N   H2   sing N N 57  
ASP CA  C    sing N N 58  
ASP CA  CB   sing N N 59  
ASP CA  HA   sing N N 60  
ASP C   O    doub N N 61  
ASP C   OXT  sing N N 62  
ASP CB  CG   sing N N 63  
ASP CB  HB2  sing N N 64  
ASP CB  HB3  sing N N 65  
ASP CG  OD1  doub N N 66  
ASP CG  OD2  sing N N 67  
ASP OD2 HD2  sing N N 68  
ASP OXT HXT  sing N N 69  
CYS N   CA   sing N N 70  
CYS N   H    sing N N 71  
CYS N   H2   sing N N 72  
CYS CA  C    sing N N 73  
CYS CA  CB   sing N N 74  
CYS CA  HA   sing N N 75  
CYS C   O    doub N N 76  
CYS C   OXT  sing N N 77  
CYS CB  SG   sing N N 78  
CYS CB  HB2  sing N N 79  
CYS CB  HB3  sing N N 80  
CYS SG  HG   sing N N 81  
CYS OXT HXT  sing N N 82  
GLN N   CA   sing N N 83  
GLN N   H    sing N N 84  
GLN N   H2   sing N N 85  
GLN CA  C    sing N N 86  
GLN CA  CB   sing N N 87  
GLN CA  HA   sing N N 88  
GLN C   O    doub N N 89  
GLN C   OXT  sing N N 90  
GLN CB  CG   sing N N 91  
GLN CB  HB2  sing N N 92  
GLN CB  HB3  sing N N 93  
GLN CG  CD   sing N N 94  
GLN CG  HG2  sing N N 95  
GLN CG  HG3  sing N N 96  
GLN CD  OE1  doub N N 97  
GLN CD  NE2  sing N N 98  
GLN NE2 HE21 sing N N 99  
GLN NE2 HE22 sing N N 100 
GLN OXT HXT  sing N N 101 
GLU N   CA   sing N N 102 
GLU N   H    sing N N 103 
GLU N   H2   sing N N 104 
GLU CA  C    sing N N 105 
GLU CA  CB   sing N N 106 
GLU CA  HA   sing N N 107 
GLU C   O    doub N N 108 
GLU C   OXT  sing N N 109 
GLU CB  CG   sing N N 110 
GLU CB  HB2  sing N N 111 
GLU CB  HB3  sing N N 112 
GLU CG  CD   sing N N 113 
GLU CG  HG2  sing N N 114 
GLU CG  HG3  sing N N 115 
GLU CD  OE1  doub N N 116 
GLU CD  OE2  sing N N 117 
GLU OE2 HE2  sing N N 118 
GLU OXT HXT  sing N N 119 
GLY N   CA   sing N N 120 
GLY N   H    sing N N 121 
GLY N   H2   sing N N 122 
GLY CA  C    sing N N 123 
GLY CA  HA2  sing N N 124 
GLY CA  HA3  sing N N 125 
GLY C   O    doub N N 126 
GLY C   OXT  sing N N 127 
GLY OXT HXT  sing N N 128 
HIS N   CA   sing N N 129 
HIS N   H    sing N N 130 
HIS N   H2   sing N N 131 
HIS CA  C    sing N N 132 
HIS CA  CB   sing N N 133 
HIS CA  HA   sing N N 134 
HIS C   O    doub N N 135 
HIS C   OXT  sing N N 136 
HIS CB  CG   sing N N 137 
HIS CB  HB2  sing N N 138 
HIS CB  HB3  sing N N 139 
HIS CG  ND1  sing Y N 140 
HIS CG  CD2  doub Y N 141 
HIS ND1 CE1  doub Y N 142 
HIS ND1 HD1  sing N N 143 
HIS CD2 NE2  sing Y N 144 
HIS CD2 HD2  sing N N 145 
HIS CE1 NE2  sing Y N 146 
HIS CE1 HE1  sing N N 147 
HIS NE2 HE2  sing N N 148 
HIS OXT HXT  sing N N 149 
HOH O   H1   sing N N 150 
HOH O   H2   sing N N 151 
ILE N   CA   sing N N 152 
ILE N   H    sing N N 153 
ILE N   H2   sing N N 154 
ILE CA  C    sing N N 155 
ILE CA  CB   sing N N 156 
ILE CA  HA   sing N N 157 
ILE C   O    doub N N 158 
ILE C   OXT  sing N N 159 
ILE CB  CG1  sing N N 160 
ILE CB  CG2  sing N N 161 
ILE CB  HB   sing N N 162 
ILE CG1 CD1  sing N N 163 
ILE CG1 HG12 sing N N 164 
ILE CG1 HG13 sing N N 165 
ILE CG2 HG21 sing N N 166 
ILE CG2 HG22 sing N N 167 
ILE CG2 HG23 sing N N 168 
ILE CD1 HD11 sing N N 169 
ILE CD1 HD12 sing N N 170 
ILE CD1 HD13 sing N N 171 
ILE OXT HXT  sing N N 172 
LEU N   CA   sing N N 173 
LEU N   H    sing N N 174 
LEU N   H2   sing N N 175 
LEU CA  C    sing N N 176 
LEU CA  CB   sing N N 177 
LEU CA  HA   sing N N 178 
LEU C   O    doub N N 179 
LEU C   OXT  sing N N 180 
LEU CB  CG   sing N N 181 
LEU CB  HB2  sing N N 182 
LEU CB  HB3  sing N N 183 
LEU CG  CD1  sing N N 184 
LEU CG  CD2  sing N N 185 
LEU CG  HG   sing N N 186 
LEU CD1 HD11 sing N N 187 
LEU CD1 HD12 sing N N 188 
LEU CD1 HD13 sing N N 189 
LEU CD2 HD21 sing N N 190 
LEU CD2 HD22 sing N N 191 
LEU CD2 HD23 sing N N 192 
LEU OXT HXT  sing N N 193 
LYS N   CA   sing N N 194 
LYS N   H    sing N N 195 
LYS N   H2   sing N N 196 
LYS CA  C    sing N N 197 
LYS CA  CB   sing N N 198 
LYS CA  HA   sing N N 199 
LYS C   O    doub N N 200 
LYS C   OXT  sing N N 201 
LYS CB  CG   sing N N 202 
LYS CB  HB2  sing N N 203 
LYS CB  HB3  sing N N 204 
LYS CG  CD   sing N N 205 
LYS CG  HG2  sing N N 206 
LYS CG  HG3  sing N N 207 
LYS CD  CE   sing N N 208 
LYS CD  HD2  sing N N 209 
LYS CD  HD3  sing N N 210 
LYS CE  NZ   sing N N 211 
LYS CE  HE2  sing N N 212 
LYS CE  HE3  sing N N 213 
LYS NZ  HZ1  sing N N 214 
LYS NZ  HZ2  sing N N 215 
LYS NZ  HZ3  sing N N 216 
LYS OXT HXT  sing N N 217 
MET N   CA   sing N N 218 
MET N   H    sing N N 219 
MET N   H2   sing N N 220 
MET CA  C    sing N N 221 
MET CA  CB   sing N N 222 
MET CA  HA   sing N N 223 
MET C   O    doub N N 224 
MET C   OXT  sing N N 225 
MET CB  CG   sing N N 226 
MET CB  HB2  sing N N 227 
MET CB  HB3  sing N N 228 
MET CG  SD   sing N N 229 
MET CG  HG2  sing N N 230 
MET CG  HG3  sing N N 231 
MET SD  CE   sing N N 232 
MET CE  HE1  sing N N 233 
MET CE  HE2  sing N N 234 
MET CE  HE3  sing N N 235 
MET OXT HXT  sing N N 236 
PHE N   CA   sing N N 237 
PHE N   H    sing N N 238 
PHE N   H2   sing N N 239 
PHE CA  C    sing N N 240 
PHE CA  CB   sing N N 241 
PHE CA  HA   sing N N 242 
PHE C   O    doub N N 243 
PHE C   OXT  sing N N 244 
PHE CB  CG   sing N N 245 
PHE CB  HB2  sing N N 246 
PHE CB  HB3  sing N N 247 
PHE CG  CD1  doub Y N 248 
PHE CG  CD2  sing Y N 249 
PHE CD1 CE1  sing Y N 250 
PHE CD1 HD1  sing N N 251 
PHE CD2 CE2  doub Y N 252 
PHE CD2 HD2  sing N N 253 
PHE CE1 CZ   doub Y N 254 
PHE CE1 HE1  sing N N 255 
PHE CE2 CZ   sing Y N 256 
PHE CE2 HE2  sing N N 257 
PHE CZ  HZ   sing N N 258 
PHE OXT HXT  sing N N 259 
PRO N   CA   sing N N 260 
PRO N   CD   sing N N 261 
PRO N   H    sing N N 262 
PRO CA  C    sing N N 263 
PRO CA  CB   sing N N 264 
PRO CA  HA   sing N N 265 
PRO C   O    doub N N 266 
PRO C   OXT  sing N N 267 
PRO CB  CG   sing N N 268 
PRO CB  HB2  sing N N 269 
PRO CB  HB3  sing N N 270 
PRO CG  CD   sing N N 271 
PRO CG  HG2  sing N N 272 
PRO CG  HG3  sing N N 273 
PRO CD  HD2  sing N N 274 
PRO CD  HD3  sing N N 275 
PRO OXT HXT  sing N N 276 
SER N   CA   sing N N 277 
SER N   H    sing N N 278 
SER N   H2   sing N N 279 
SER CA  C    sing N N 280 
SER CA  CB   sing N N 281 
SER CA  HA   sing N N 282 
SER C   O    doub N N 283 
SER C   OXT  sing N N 284 
SER CB  OG   sing N N 285 
SER CB  HB2  sing N N 286 
SER CB  HB3  sing N N 287 
SER OG  HG   sing N N 288 
SER OXT HXT  sing N N 289 
THR N   CA   sing N N 290 
THR N   H    sing N N 291 
THR N   H2   sing N N 292 
THR CA  C    sing N N 293 
THR CA  CB   sing N N 294 
THR CA  HA   sing N N 295 
THR C   O    doub N N 296 
THR C   OXT  sing N N 297 
THR CB  OG1  sing N N 298 
THR CB  CG2  sing N N 299 
THR CB  HB   sing N N 300 
THR OG1 HG1  sing N N 301 
THR CG2 HG21 sing N N 302 
THR CG2 HG22 sing N N 303 
THR CG2 HG23 sing N N 304 
THR OXT HXT  sing N N 305 
TRP N   CA   sing N N 306 
TRP N   H    sing N N 307 
TRP N   H2   sing N N 308 
TRP CA  C    sing N N 309 
TRP CA  CB   sing N N 310 
TRP CA  HA   sing N N 311 
TRP C   O    doub N N 312 
TRP C   OXT  sing N N 313 
TRP CB  CG   sing N N 314 
TRP CB  HB2  sing N N 315 
TRP CB  HB3  sing N N 316 
TRP CG  CD1  doub Y N 317 
TRP CG  CD2  sing Y N 318 
TRP CD1 NE1  sing Y N 319 
TRP CD1 HD1  sing N N 320 
TRP CD2 CE2  doub Y N 321 
TRP CD2 CE3  sing Y N 322 
TRP NE1 CE2  sing Y N 323 
TRP NE1 HE1  sing N N 324 
TRP CE2 CZ2  sing Y N 325 
TRP CE3 CZ3  doub Y N 326 
TRP CE3 HE3  sing N N 327 
TRP CZ2 CH2  doub Y N 328 
TRP CZ2 HZ2  sing N N 329 
TRP CZ3 CH2  sing Y N 330 
TRP CZ3 HZ3  sing N N 331 
TRP CH2 HH2  sing N N 332 
TRP OXT HXT  sing N N 333 
TYR N   CA   sing N N 334 
TYR N   H    sing N N 335 
TYR N   H2   sing N N 336 
TYR CA  C    sing N N 337 
TYR CA  CB   sing N N 338 
TYR CA  HA   sing N N 339 
TYR C   O    doub N N 340 
TYR C   OXT  sing N N 341 
TYR CB  CG   sing N N 342 
TYR CB  HB2  sing N N 343 
TYR CB  HB3  sing N N 344 
TYR CG  CD1  doub Y N 345 
TYR CG  CD2  sing Y N 346 
TYR CD1 CE1  sing Y N 347 
TYR CD1 HD1  sing N N 348 
TYR CD2 CE2  doub Y N 349 
TYR CD2 HD2  sing N N 350 
TYR CE1 CZ   doub Y N 351 
TYR CE1 HE1  sing N N 352 
TYR CE2 CZ   sing Y N 353 
TYR CE2 HE2  sing N N 354 
TYR CZ  OH   sing N N 355 
TYR OH  HH   sing N N 356 
TYR OXT HXT  sing N N 357 
VAL N   CA   sing N N 358 
VAL N   H    sing N N 359 
VAL N   H2   sing N N 360 
VAL CA  C    sing N N 361 
VAL CA  CB   sing N N 362 
VAL CA  HA   sing N N 363 
VAL C   O    doub N N 364 
VAL C   OXT  sing N N 365 
VAL CB  CG1  sing N N 366 
VAL CB  CG2  sing N N 367 
VAL CB  HB   sing N N 368 
VAL CG1 HG11 sing N N 369 
VAL CG1 HG12 sing N N 370 
VAL CG1 HG13 sing N N 371 
VAL CG2 HG21 sing N N 372 
VAL CG2 HG22 sing N N 373 
VAL CG2 HG23 sing N N 374 
VAL OXT HXT  sing N N 375 
# 
_atom_sites.entry_id                    4E6S 
_atom_sites.fract_transf_matrix[1][1]   -0.00041610 
_atom_sites.fract_transf_matrix[1][2]   -0.01230958 
_atom_sites.fract_transf_matrix[1][3]   -0.00820797 
_atom_sites.fract_transf_matrix[2][1]   -0.01466652 
_atom_sites.fract_transf_matrix[2][2]   -0.00073721 
_atom_sites.fract_transf_matrix[2][3]   0.00184912 
_atom_sites.fract_transf_matrix[3][1]   -0.00150240 
_atom_sites.fract_transf_matrix[3][2]   0.00631725 
_atom_sites.fract_transf_matrix[3][3]   -0.00939788 
_atom_sites.fract_transf_vector[1]      -0.315930 
_atom_sites.fract_transf_vector[2]      -0.171854 
_atom_sites.fract_transf_vector[3]      -0.023305 
# 
loop_
_atom_type.symbol 
C 
N 
O 
S 
# 
loop_
_atom_site.group_PDB 
_atom_site.id 
_atom_site.type_symbol 
_atom_site.label_atom_id 
_atom_site.label_alt_id 
_atom_site.label_comp_id 
_atom_site.label_asym_id 
_atom_site.label_entity_id 
_atom_site.label_seq_id 
_atom_site.pdbx_PDB_ins_code 
_atom_site.Cartn_x 
_atom_site.Cartn_y 
_atom_site.Cartn_z 
_atom_site.occupancy 
_atom_site.B_iso_or_equiv 
_atom_site.pdbx_formal_charge 
_atom_site.auth_seq_id 
_atom_site.auth_comp_id 
_atom_site.auth_asym_id 
_atom_site.auth_atom_id 
_atom_site.pdbx_PDB_model_num 
ATOM   1   N N   . GLY A 1 1  ? -6.787  -9.022  7.267   1.00 81.11  ? 1   GLY A N   1 
ATOM   2   C CA  . GLY A 1 1  ? -6.112  -9.664  8.377   1.00 84.39  ? 1   GLY A CA  1 
ATOM   3   C C   . GLY A 1 1  ? -6.317  -8.925  9.685   1.00 86.90  ? 1   GLY A C   1 
ATOM   4   O O   . GLY A 1 1  ? -7.343  -8.277  9.881   1.00 99.70  ? 1   GLY A O   1 
ATOM   5   N N   . ARG A 1 2  ? -5.339  -9.021  10.582  1.00 80.70  ? 2   ARG A N   1 
ATOM   6   C CA  . ARG A 1 2  ? -5.420  -8.355  11.880  1.00 73.44  ? 2   ARG A CA  1 
ATOM   7   C C   . ARG A 1 2  ? -5.026  -6.877  11.805  1.00 61.09  ? 2   ARG A C   1 
ATOM   8   O O   . ARG A 1 2  ? -5.825  -6.013  12.160  1.00 66.93  ? 2   ARG A O   1 
ATOM   9   C CB  . ARG A 1 2  ? -4.570  -9.084  12.919  1.00 81.91  ? 2   ARG A CB  1 
ATOM   10  C CG  . ARG A 1 2  ? -5.003  -10.515 13.182  1.00 92.44  ? 2   ARG A CG  1 
ATOM   11  C CD  . ARG A 1 2  ? -3.836  -11.352 13.678  1.00 98.67  ? 2   ARG A CD  1 
ATOM   12  N NE  . ARG A 1 2  ? -2.784  -11.463 12.670  1.00 99.54  ? 2   ARG A NE  1 
ATOM   13  C CZ  . ARG A 1 2  ? -1.728  -10.658 12.591  1.00 100.98 ? 2   ARG A CZ  1 
ATOM   14  N NH1 . ARG A 1 2  ? -1.573  -9.675  13.467  1.00 99.88  ? 2   ARG A NH1 1 
ATOM   15  N NH2 . ARG A 1 2  ? -0.824  -10.838 11.635  1.00 100.88 ? 2   ARG A NH2 1 
ATOM   16  N N   . PRO A 1 3  ? -3.797  -6.574  11.344  1.00 55.19  ? 3   PRO A N   1 
ATOM   17  C CA  . PRO A 1 3  ? -3.460  -5.150  11.225  1.00 50.36  ? 3   PRO A CA  1 
ATOM   18  C C   . PRO A 1 3  ? -4.295  -4.514  10.126  1.00 39.25  ? 3   PRO A C   1 
ATOM   19  O O   . PRO A 1 3  ? -4.505  -5.146  9.089   1.00 46.05  ? 3   PRO A O   1 
ATOM   20  C CB  . PRO A 1 3  ? -1.985  -5.156  10.792  1.00 52.32  ? 3   PRO A CB  1 
ATOM   21  C CG  . PRO A 1 3  ? -1.534  -6.587  10.861  1.00 58.63  ? 3   PRO A CG  1 
ATOM   22  C CD  . PRO A 1 3  ? -2.754  -7.438  10.768  1.00 56.98  ? 3   PRO A CD  1 
ATOM   23  N N   . ARG A 1 4  ? -4.768  -3.291  10.350  1.00 37.35  ? 4   ARG A N   1 
ATOM   24  C CA  . ARG A 1 4  ? -5.469  -2.539  9.311   1.00 38.79  ? 4   ARG A CA  1 
ATOM   25  C C   . ARG A 1 4  ? -4.581  -2.452  8.078   1.00 31.66  ? 4   ARG A C   1 
ATOM   26  O O   . ARG A 1 4  ? -3.353  -2.484  8.203   1.00 32.47  ? 4   ARG A O   1 
ATOM   27  C CB  . ARG A 1 4  ? -5.806  -1.135  9.808   1.00 39.34  ? 4   ARG A CB  1 
ATOM   28  C CG  . ARG A 1 4  ? -6.745  -1.120  11.001  1.00 63.95  ? 4   ARG A CG  1 
ATOM   29  C CD  . ARG A 1 4  ? -7.366  0.251   11.197  1.00 70.36  ? 4   ARG A CD  1 
ATOM   30  N NE  . ARG A 1 4  ? -6.394  1.239   11.654  1.00 84.76  ? 4   ARG A NE  1 
ATOM   31  C CZ  . ARG A 1 4  ? -6.208  1.572   12.929  1.00 89.45  ? 4   ARG A CZ  1 
ATOM   32  N NH1 . ARG A 1 4  ? -6.928  0.993   13.882  1.00 88.25  ? 4   ARG A NH1 1 
ATOM   33  N NH2 . ARG A 1 4  ? -5.302  2.485   13.252  1.00 89.39  ? 4   ARG A NH2 1 
ATOM   34  N N   . PRO A 1 5  ? -5.190  -2.374  6.878   1.00 35.54  ? 5   PRO A N   1 
ATOM   35  C CA  . PRO A 1 5  ? -4.400  -2.376  5.637   1.00 33.01  ? 5   PRO A CA  1 
ATOM   36  C C   . PRO A 1 5  ? -3.378  -1.254  5.571   1.00 32.58  ? 5   PRO A C   1 
ATOM   37  O O   . PRO A 1 5  ? -2.278  -1.489  5.091   1.00 28.17  ? 5   PRO A O   1 
ATOM   38  C CB  . PRO A 1 5  ? -5.459  -2.186  4.545   1.00 34.80  ? 5   PRO A CB  1 
ATOM   39  C CG  . PRO A 1 5  ? -6.695  -2.821  5.127   1.00 37.12  ? 5   PRO A CG  1 
ATOM   40  C CD  . PRO A 1 5  ? -6.633  -2.543  6.615   1.00 34.66  ? 5   PRO A CD  1 
ATOM   41  N N   . GLU A 1 6  ? -3.746  -0.052  6.022   1.00 30.24  ? 6   GLU A N   1 
ATOM   42  C CA  . GLU A 1 6  ? -2.815  1.074   6.065   1.00 32.46  ? 6   GLU A CA  1 
ATOM   43  C C   . GLU A 1 6  ? -1.613  0.792   6.958   1.00 35.43  ? 6   GLU A C   1 
ATOM   44  O O   . GLU A 1 6  ? -0.491  1.187   6.641   1.00 33.93  ? 6   GLU A O   1 
ATOM   45  C CB  . GLU A 1 6  ? -3.516  2.342   6.591   1.00 37.34  ? 6   GLU A CB  1 
ATOM   46  C CG  . GLU A 1 6  ? -4.552  2.915   5.643   1.00 51.96  ? 6   GLU A CG  1 
ATOM   47  C CD  . GLU A 1 6  ? -5.858  2.117   5.628   1.00 58.81  ? 6   GLU A CD  1 
ATOM   48  O OE1 . GLU A 1 6  ? -6.086  1.297   6.557   1.00 42.79  ? 6   GLU A OE1 1 
ATOM   49  O OE2 . GLU A 1 6  ? -6.653  2.319   4.679   1.00 58.10  ? 6   GLU A OE2 1 
ATOM   50  N N   . VAL A 1 7  ? -1.851  0.131   8.080   1.00 31.55  ? 7   VAL A N   1 
ATOM   51  C CA  . VAL A 1 7  ? -0.779  -0.196  9.007   1.00 33.29  ? 7   VAL A CA  1 
ATOM   52  C C   . VAL A 1 7  ? 0.102   -1.296  8.418   1.00 40.05  ? 7   VAL A C   1 
ATOM   53  O O   . VAL A 1 7  ? 1.314   -1.221  8.470   1.00 31.42  ? 7   VAL A O   1 
ATOM   54  C CB  . VAL A 1 7  ? -1.323  -0.637  10.369  1.00 34.64  ? 7   VAL A CB  1 
ATOM   55  C CG1 . VAL A 1 7  ? -0.203  -1.149  11.258  1.00 34.93  ? 7   VAL A CG1 1 
ATOM   56  C CG2 . VAL A 1 7  ? -2.044  0.532   11.051  1.00 35.85  ? 7   VAL A CG2 1 
ATOM   57  N N   . ALA A 1 8  ? -0.530  -2.313  7.854   1.00 30.62  ? 8   ALA A N   1 
ATOM   58  C CA  . ALA A 1 8  ? 0.186   -3.389  7.169   1.00 29.65  ? 8   ALA A CA  1 
ATOM   59  C C   . ALA A 1 8  ? 1.072   -2.845  6.049   1.00 28.51  ? 8   ALA A C   1 
ATOM   60  O O   . ALA A 1 8  ? 2.195   -3.308  5.841   1.00 28.24  ? 8   ALA A O   1 
ATOM   61  C CB  . ALA A 1 8  ? -0.821  -4.383  6.600   1.00 29.67  ? 8   ALA A CB  1 
ATOM   62  N N   . HIS A 1 9  ? 0.551   -1.874  5.313   1.00 27.99  ? 9   HIS A N   1 
ATOM   63  C CA  . HIS A 1 9  ? 1.280   -1.266  4.217   1.00 27.09  ? 9   HIS A CA  1 
ATOM   64  C C   . HIS A 1 9  ? 2.613   -0.697  4.714   1.00 29.46  ? 9   HIS A C   1 
ATOM   65  O O   . HIS A 1 9  ? 3.684   -0.970  4.156   1.00 27.24  ? 9   HIS A O   1 
ATOM   66  C CB  . HIS A 1 9  ? 0.424   -0.168  3.593   1.00 26.85  ? 9   HIS A CB  1 
ATOM   67  C CG  . HIS A 1 9  ? 1.104   0.584   2.496   1.00 37.29  ? 9   HIS A CG  1 
ATOM   68  N ND1 . HIS A 1 9  ? 0.712   1.848   2.113   1.00 44.84  ? 9   HIS A ND1 1 
ATOM   69  C CD2 . HIS A 1 9  ? 2.159   0.261   1.710   1.00 30.30  ? 9   HIS A CD2 1 
ATOM   70  C CE1 . HIS A 1 9  ? 1.492   2.267   1.131   1.00 50.87  ? 9   HIS A CE1 1 
ATOM   71  N NE2 . HIS A 1 9  ? 2.377   1.323   0.869   1.00 35.38  ? 9   HIS A NE2 1 
ATOM   72  N N   . GLN A 1 10 ? 2.545   0.092   5.779   1.00 28.94  ? 10  GLN A N   1 
ATOM   73  C CA  . GLN A 1 10 ? 3.758   0.676   6.343   1.00 29.80  ? 10  GLN A CA  1 
ATOM   74  C C   . GLN A 1 10 ? 4.727   -0.330  6.967   1.00 30.27  ? 10  GLN A C   1 
ATOM   75  O O   . GLN A 1 10 ? 5.956   -0.191  6.840   1.00 31.34  ? 10  GLN A O   1 
ATOM   76  C CB  . GLN A 1 10 ? 3.374   1.723   7.380   1.00 31.18  ? 10  GLN A CB  1 
ATOM   77  C CG  . GLN A 1 10 ? 2.588   2.857   6.775   1.00 38.35  ? 10  GLN A CG  1 
ATOM   78  C CD  . GLN A 1 10 ? 3.342   3.545   5.659   1.00 50.82  ? 10  GLN A CD  1 
ATOM   79  O OE1 . GLN A 1 10 ? 4.563   3.711   5.725   1.00 55.54  ? 10  GLN A OE1 1 
ATOM   80  N NE2 . GLN A 1 10 ? 2.616   3.963   4.628   1.00 51.31  ? 10  GLN A NE2 1 
ATOM   81  N N   . LEU A 1 11 ? 4.189   -1.302  7.689   1.00 30.71  ? 11  LEU A N   1 
ATOM   82  C CA  . LEU A 1 11 ? 5.009   -2.385  8.217   1.00 31.19  ? 11  LEU A CA  1 
ATOM   83  C C   . LEU A 1 11 ? 5.737   -3.114  7.088   1.00 32.20  ? 11  LEU A C   1 
ATOM   84  O O   . LEU A 1 11 ? 6.910   -3.478  7.223   1.00 30.29  ? 11  LEU A O   1 
ATOM   85  C CB  . LEU A 1 11 ? 4.167   -3.375  9.023   1.00 31.84  ? 11  LEU A CB  1 
ATOM   86  C CG  . LEU A 1 11 ? 3.724   -2.875  10.406  1.00 33.56  ? 11  LEU A CG  1 
ATOM   87  C CD1 . LEU A 1 11 ? 2.720   -3.853  10.990  1.00 44.44  ? 11  LEU A CD1 1 
ATOM   88  C CD2 . LEU A 1 11 ? 4.919   -2.677  11.357  1.00 34.97  ? 11  LEU A CD2 1 
ATOM   89  N N   . PHE A 1 12 ? 5.025   -3.327  5.982   1.00 29.32  ? 12  PHE A N   1 
ATOM   90  C CA  . PHE A 1 12 ? 5.603   -3.933  4.780   1.00 27.48  ? 12  PHE A CA  1 
ATOM   91  C C   . PHE A 1 12 ? 6.766   -3.093  4.210   1.00 30.74  ? 12  PHE A C   1 
ATOM   92  O O   . PHE A 1 12 ? 7.871   -3.601  4.000   1.00 28.38  ? 12  PHE A O   1 
ATOM   93  C CB  . PHE A 1 12 ? 4.503   -4.125  3.738   1.00 26.34  ? 12  PHE A CB  1 
ATOM   94  C CG  . PHE A 1 12 ? 4.947   -4.872  2.486   1.00 26.44  ? 12  PHE A CG  1 
ATOM   95  C CD1 . PHE A 1 12 ? 5.314   -6.210  2.547   1.00 25.26  ? 12  PHE A CD1 1 
ATOM   96  C CD2 . PHE A 1 12 ? 4.947   -4.232  1.256   1.00 25.55  ? 12  PHE A CD2 1 
ATOM   97  C CE1 . PHE A 1 12 ? 5.694   -6.906  1.400   1.00 24.40  ? 12  PHE A CE1 1 
ATOM   98  C CE2 . PHE A 1 12 ? 5.321   -4.914  0.097   1.00 23.91  ? 12  PHE A CE2 1 
ATOM   99  C CZ  . PHE A 1 12 ? 5.681   -6.268  0.177   1.00 23.57  ? 12  PHE A CZ  1 
ATOM   100 N N   . ARG A 1 13 ? 6.526   -1.809  3.967   1.00 27.37  ? 13  ARG A N   1 
ATOM   101 C CA  . ARG A 1 13 ? 7.558   -0.959  3.367   1.00 27.37  ? 13  ARG A CA  1 
ATOM   102 C C   . ARG A 1 13 ? 8.708   -0.664  4.314   1.00 28.91  ? 13  ARG A C   1 
ATOM   103 O O   . ARG A 1 13 ? 9.837   -0.440  3.871   1.00 32.99  ? 13  ARG A O   1 
ATOM   104 C CB  . ARG A 1 13 ? 6.954   0.355   2.879   1.00 32.12  ? 13  ARG A CB  1 
ATOM   105 C CG  . ARG A 1 13 ? 6.033   0.154   1.699   1.00 30.10  ? 13  ARG A CG  1 
ATOM   106 C CD  . ARG A 1 13 ? 6.794   -0.544  0.562   1.00 33.85  ? 13  ARG A CD  1 
ATOM   107 N NE  . ARG A 1 13 ? 5.978   -0.669  -0.640  1.00 27.02  ? 13  ARG A NE  1 
ATOM   108 C CZ  . ARG A 1 13 ? 6.125   -1.633  -1.546  1.00 30.40  ? 13  ARG A CZ  1 
ATOM   109 N NH1 . ARG A 1 13 ? 7.064   -2.561  -1.388  1.00 25.10  ? 13  ARG A NH1 1 
ATOM   110 N NH2 . ARG A 1 13 ? 5.329   -1.664  -2.605  1.00 26.27  ? 13  ARG A NH2 1 
ATOM   111 N N   . CYS A 1 14 ? 8.437   -0.663  5.614   1.00 33.63  ? 14  CYS A N   1 
ATOM   112 C CA  . CYS A 1 14 ? 9.468   -0.256  6.582   1.00 35.15  ? 14  CYS A CA  1 
ATOM   113 C C   . CYS A 1 14 ? 10.191  -1.453  7.170   1.00 36.85  ? 14  CYS A C   1 
ATOM   114 O O   . CYS A 1 14 ? 10.972  -1.325  8.110   1.00 36.58  ? 14  CYS A O   1 
ATOM   115 C CB  . CYS A 1 14 ? 8.861   0.603   7.690   1.00 36.67  ? 14  CYS A CB  1 
ATOM   116 S SG  . CYS A 1 14 ? 8.247   2.187   7.085   1.00 45.00  ? 14  CYS A SG  1 
ATOM   117 N N   . PHE A 1 15 ? 9.951   -2.616  6.583   1.00 33.86  ? 15  PHE A N   1 
ATOM   118 C CA  . PHE A 1 15 ? 10.489  -3.867  7.097   1.00 33.62  ? 15  PHE A CA  1 
ATOM   119 C C   . PHE A 1 15 ? 12.005  -3.828  7.067   1.00 43.32  ? 15  PHE A C   1 
ATOM   120 O O   . PHE A 1 15 ? 12.596  -3.418  6.068   1.00 40.33  ? 15  PHE A O   1 
ATOM   121 C CB  . PHE A 1 15 ? 10.003  -5.036  6.230   1.00 32.89  ? 15  PHE A CB  1 
ATOM   122 C CG  . PHE A 1 15 ? 10.419  -6.381  6.748   1.00 37.23  ? 15  PHE A CG  1 
ATOM   123 C CD1 . PHE A 1 15 ? 9.705   -6.994  7.765   1.00 40.82  ? 15  PHE A CD1 1 
ATOM   124 C CD2 . PHE A 1 15 ? 11.516  -7.042  6.207   1.00 39.11  ? 15  PHE A CD2 1 
ATOM   125 C CE1 . PHE A 1 15 ? 10.081  -8.244  8.242   1.00 51.64  ? 15  PHE A CE1 1 
ATOM   126 C CE2 . PHE A 1 15 ? 11.901  -8.290  6.686   1.00 41.73  ? 15  PHE A CE2 1 
ATOM   127 C CZ  . PHE A 1 15 ? 11.184  -8.886  7.705   1.00 45.36  ? 15  PHE A CZ  1 
ATOM   128 N N   . GLN A 1 16 ? 12.624  -4.271  8.153   1.00 46.81  ? 16  GLN A N   1 
ATOM   129 C CA  . GLN A 1 16 ? 14.078  -4.337  8.231   1.00 52.88  ? 16  GLN A CA  1 
ATOM   130 C C   . GLN A 1 16 ? 14.549  -5.785  8.277   1.00 46.66  ? 16  GLN A C   1 
ATOM   131 O O   . GLN A 1 16 ? 13.974  -6.615  8.979   1.00 53.06  ? 16  GLN A O   1 
ATOM   132 C CB  . GLN A 1 16 ? 14.582  -3.570  9.454   1.00 49.01  ? 16  GLN A CB  1 
ATOM   133 C CG  . GLN A 1 16 ? 14.176  -2.096  9.464   1.00 59.03  ? 16  GLN A CG  1 
ATOM   134 C CD  . GLN A 1 16 ? 14.746  -1.316  8.285   1.00 86.13  ? 16  GLN A CD  1 
ATOM   135 O OE1 . GLN A 1 16 ? 15.767  -1.694  7.710   1.00 100.10 ? 16  GLN A OE1 1 
ATOM   136 N NE2 . GLN A 1 16 ? 14.085  -0.220  7.922   1.00 88.11  ? 16  GLN A NE2 1 
ATOM   137 N N   . TYR A 1 17 ? 15.595  -6.089  7.523   1.00 55.59  ? 17  TYR A N   1 
ATOM   138 C CA  . TYR A 1 17 ? 16.104  -7.448  7.503   1.00 61.86  ? 17  TYR A CA  1 
ATOM   139 C C   . TYR A 1 17 ? 16.925  -7.746  8.749   1.00 62.63  ? 17  TYR A C   1 
ATOM   140 O O   . TYR A 1 17 ? 17.578  -6.866  9.309   1.00 58.11  ? 17  TYR A O   1 
ATOM   141 C CB  . TYR A 1 17 ? 16.931  -7.711  6.246   1.00 69.08  ? 17  TYR A CB  1 
ATOM   142 C CG  . TYR A 1 17 ? 17.300  -9.168  6.084   1.00 72.46  ? 17  TYR A CG  1 
ATOM   143 C CD1 . TYR A 1 17 ? 16.319  -10.155 6.110   1.00 62.37  ? 17  TYR A CD1 1 
ATOM   144 C CD2 . TYR A 1 17 ? 18.623  -9.559  5.904   1.00 74.56  ? 17  TYR A CD2 1 
ATOM   145 C CE1 . TYR A 1 17 ? 16.642  -11.491 5.962   1.00 64.25  ? 17  TYR A CE1 1 
ATOM   146 C CE2 . TYR A 1 17 ? 18.957  -10.897 5.757   1.00 74.75  ? 17  TYR A CE2 1 
ATOM   147 C CZ  . TYR A 1 17 ? 17.960  -11.858 5.787   1.00 72.39  ? 17  TYR A CZ  1 
ATOM   148 O OH  . TYR A 1 17 ? 18.272  -13.190 5.642   1.00 72.54  ? 17  TYR A OH  1 
ATOM   149 N N   . GLN A 1 18 ? 16.870  -8.995  9.188   1.00 78.26  ? 18  GLN A N   1 
ATOM   150 C CA  . GLN A 1 18 ? 17.685  -9.448  10.304  1.00 84.46  ? 18  GLN A CA  1 
ATOM   151 C C   . GLN A 1 18 ? 18.121  -10.889 10.070  1.00 71.63  ? 18  GLN A C   1 
ATOM   152 O O   . GLN A 1 18 ? 17.290  -11.792 9.948   1.00 57.71  ? 18  GLN A O   1 
ATOM   153 C CB  . GLN A 1 18 ? 16.923  -9.306  11.622  1.00 92.97  ? 18  GLN A CB  1 
ATOM   154 C CG  . GLN A 1 18 ? 15.533  -9.913  11.611  1.00 97.31  ? 18  GLN A CG  1 
ATOM   155 C CD  . GLN A 1 18 ? 14.727  -9.521  12.832  1.00 100.31 ? 18  GLN A CD  1 
ATOM   156 O OE1 . GLN A 1 18 ? 14.845  -8.404  13.332  1.00 99.98  ? 18  GLN A OE1 1 
ATOM   157 N NE2 . GLN A 1 18 ? 13.903  -10.441 13.321  1.00 99.24  ? 18  GLN A NE2 1 
ATOM   158 N N   . GLU A 1 19 ? 19.433  -11.087 9.989   1.00 82.13  ? 19  GLU A N   1 
ATOM   159 C CA  . GLU A 1 19 ? 20.012  -12.391 9.685   1.00 89.19  ? 19  GLU A CA  1 
ATOM   160 C C   . GLU A 1 19 ? 19.614  -13.443 10.711  1.00 85.00  ? 19  GLU A C   1 
ATOM   161 O O   . GLU A 1 19 ? 19.439  -14.614 10.373  1.00 88.37  ? 19  GLU A O   1 
ATOM   162 C CB  . GLU A 1 19 ? 21.540  -12.298 9.617   1.00 98.68  ? 19  GLU A CB  1 
ATOM   163 C CG  . GLU A 1 19 ? 22.058  -11.052 8.921   1.00 107.67 ? 19  GLU A CG  1 
ATOM   164 C CD  . GLU A 1 19 ? 21.874  -9.801  9.760   1.00 116.18 ? 19  GLU A CD  1 
ATOM   165 O OE1 . GLU A 1 19 ? 21.836  -9.921  11.003  1.00 120.74 ? 19  GLU A OE1 1 
ATOM   166 O OE2 . GLU A 1 19 ? 21.764  -8.702  9.178   1.00 117.81 ? 19  GLU A OE2 1 
ATOM   167 N N   . ASP A 1 20 ? 19.472  -13.019 11.962  1.00 83.67  ? 20  ASP A N   1 
ATOM   168 C CA  . ASP A 1 20 ? 19.206  -13.940 13.063  1.00 87.43  ? 20  ASP A CA  1 
ATOM   169 C C   . ASP A 1 20 ? 17.929  -14.766 12.869  1.00 83.41  ? 20  ASP A C   1 
ATOM   170 O O   . ASP A 1 20 ? 17.767  -15.823 13.481  1.00 85.94  ? 20  ASP A O   1 
ATOM   171 C CB  . ASP A 1 20 ? 19.171  -13.190 14.401  1.00 83.80  ? 20  ASP A CB  1 
ATOM   172 C CG  . ASP A 1 20 ? 18.100  -12.116 14.443  1.00 88.74  ? 20  ASP A CG  1 
ATOM   173 O OD1 . ASP A 1 20 ? 17.511  -11.814 13.385  1.00 94.04  ? 20  ASP A OD1 1 
ATOM   174 O OD2 . ASP A 1 20 ? 17.847  -11.571 15.537  1.00 94.52  ? 20  ASP A OD2 1 
ATOM   175 N N   . MET A 1 21 ? 17.028  -14.294 12.017  1.00 82.63  ? 21  MET A N   1 
ATOM   176 C CA  . MET A 1 21 ? 15.804  -15.039 11.744  1.00 76.33  ? 21  MET A CA  1 
ATOM   177 C C   . MET A 1 21 ? 15.840  -15.751 10.392  1.00 70.05  ? 21  MET A C   1 
ATOM   178 O O   . MET A 1 21 ? 15.217  -16.799 10.223  1.00 61.17  ? 21  MET A O   1 
ATOM   179 C CB  . MET A 1 21 ? 14.575  -14.140 11.865  1.00 87.13  ? 21  MET A CB  1 
ATOM   180 C CG  . MET A 1 21 ? 14.252  -13.743 13.301  1.00 101.02 ? 21  MET A CG  1 
ATOM   181 S SD  . MET A 1 21 ? 14.235  -15.140 14.452  1.00 112.74 ? 21  MET A SD  1 
ATOM   182 C CE  . MET A 1 21 ? 13.634  -14.345 15.943  1.00 99.43  ? 21  MET A CE  1 
ATOM   183 N N   . GLY A 1 22 ? 16.568  -15.180 9.434   1.00 61.08  ? 22  GLY A N   1 
ATOM   184 C CA  . GLY A 1 22 ? 16.819  -15.853 8.171   1.00 45.76  ? 22  GLY A CA  1 
ATOM   185 C C   . GLY A 1 22 ? 15.897  -15.450 7.037   1.00 43.33  ? 22  GLY A C   1 
ATOM   186 O O   . GLY A 1 22 ? 14.887  -14.790 7.259   1.00 44.34  ? 22  GLY A O   1 
ATOM   187 N N   . PRO A 1 23 ? 16.238  -15.867 5.808   1.00 45.22  ? 23  PRO A N   1 
ATOM   188 C CA  . PRO A 1 23 ? 15.506  -15.488 4.595   1.00 40.24  ? 23  PRO A CA  1 
ATOM   189 C C   . PRO A 1 23 ? 14.067  -15.978 4.638   1.00 36.08  ? 23  PRO A C   1 
ATOM   190 O O   . PRO A 1 23 ? 13.139  -15.247 4.283   1.00 34.52  ? 23  PRO A O   1 
ATOM   191 C CB  . PRO A 1 23 ? 16.256  -16.227 3.476   1.00 47.36  ? 23  PRO A CB  1 
ATOM   192 C CG  . PRO A 1 23 ? 17.555  -16.655 4.065   1.00 53.47  ? 23  PRO A CG  1 
ATOM   193 C CD  . PRO A 1 23 ? 17.328  -16.820 5.530   1.00 48.08  ? 23  PRO A CD  1 
ATOM   194 N N   . ARG A 1 24 ? 13.886  -17.217 5.072   1.00 37.58  ? 24  ARG A N   1 
ATOM   195 C CA  . ARG A 1 24 ? 12.576  -17.855 4.989   1.00 37.40  ? 24  ARG A CA  1 
ATOM   196 C C   . ARG A 1 24 ? 11.574  -17.211 5.941   1.00 40.29  ? 24  ARG A C   1 
ATOM   197 O O   . ARG A 1 24 ? 10.401  -17.039 5.602   1.00 45.96  ? 24  ARG A O   1 
ATOM   198 C CB  . ARG A 1 24 ? 12.694  -19.354 5.266   1.00 37.43  ? 24  ARG A CB  1 
ATOM   199 C CG  . ARG A 1 24 ? 11.397  -20.112 5.083   1.00 47.39  ? 24  ARG A CG  1 
ATOM   200 C CD  . ARG A 1 24 ? 11.628  -21.601 5.255   1.00 56.67  ? 24  ARG A CD  1 
ATOM   201 N NE  . ARG A 1 24 ? 12.575  -22.111 4.269   1.00 56.86  ? 24  ARG A NE  1 
ATOM   202 C CZ  . ARG A 1 24 ? 12.234  -22.485 3.040   1.00 55.34  ? 24  ARG A CZ  1 
ATOM   203 N NH1 . ARG A 1 24 ? 10.966  -22.406 2.655   1.00 52.50  ? 24  ARG A NH1 1 
ATOM   204 N NH2 . ARG A 1 24 ? 13.154  -22.938 2.200   1.00 53.88  ? 24  ARG A NH2 1 
ATOM   205 N N   . ALA A 1 25 ? 12.043  -16.851 7.128   1.00 39.56  ? 25  ALA A N   1 
ATOM   206 C CA  . ALA A 1 25 ? 11.209  -16.161 8.099   1.00 41.25  ? 25  ALA A CA  1 
ATOM   207 C C   . ALA A 1 25 ? 10.853  -14.762 7.606   1.00 37.11  ? 25  ALA A C   1 
ATOM   208 O O   . ALA A 1 25 ? 9.721   -14.307 7.761   1.00 37.26  ? 25  ALA A O   1 
ATOM   209 C CB  . ALA A 1 25 ? 11.915  -16.092 9.446   1.00 46.42  ? 25  ALA A CB  1 
ATOM   210 N N   . SER A 1 26 ? 11.822  -14.079 7.009   1.00 40.77  ? 26  SER A N   1 
ATOM   211 C CA  . SER A 1 26 ? 11.596  -12.727 6.508   1.00 35.27  ? 26  SER A CA  1 
ATOM   212 C C   . SER A 1 26 ? 10.594  -12.710 5.365   1.00 29.99  ? 26  SER A C   1 
ATOM   213 O O   . SER A 1 26 ? 9.689   -11.871 5.323   1.00 29.17  ? 26  SER A O   1 
ATOM   214 C CB  . SER A 1 26 ? 12.914  -12.076 6.082   1.00 36.07  ? 26  SER A CB  1 
ATOM   215 O OG  . SER A 1 26 ? 13.691  -11.782 7.227   1.00 46.21  ? 26  SER A OG  1 
ATOM   216 N N   . LEU A 1 27 ? 10.737  -13.653 4.441   1.00 29.04  ? 27  LEU A N   1 
ATOM   217 C CA  . LEU A 1 27 ? 9.816   -13.743 3.331   1.00 28.90  ? 27  LEU A CA  1 
ATOM   218 C C   . LEU A 1 27 ? 8.413   -14.069 3.830   1.00 31.68  ? 27  LEU A C   1 
ATOM   219 O O   . LEU A 1 27 ? 7.440   -13.570 3.288   1.00 27.18  ? 27  LEU A O   1 
ATOM   220 C CB  . LEU A 1 27 ? 10.274  -14.824 2.348   1.00 33.03  ? 27  LEU A CB  1 
ATOM   221 C CG  . LEU A 1 27 ? 11.421  -14.374 1.445   1.00 30.38  ? 27  LEU A CG  1 
ATOM   222 C CD1 . LEU A 1 27 ? 12.145  -15.597 0.852   1.00 34.00  ? 27  LEU A CD1 1 
ATOM   223 C CD2 . LEU A 1 27 ? 10.903  -13.418 0.348   1.00 26.22  ? 27  LEU A CD2 1 
ATOM   224 N N   . GLY A 1 28 ? 8.319   -14.927 4.844   1.00 30.90  ? 28  GLY A N   1 
ATOM   225 C CA  . GLY A 1 28 ? 7.036   -15.313 5.409   1.00 34.64  ? 28  GLY A CA  1 
ATOM   226 C C   . GLY A 1 28 ? 6.310   -14.138 6.031   1.00 33.48  ? 28  GLY A C   1 
ATOM   227 O O   . GLY A 1 28 ? 5.109   -13.935 5.811   1.00 30.39  ? 28  GLY A O   1 
ATOM   228 N N   . ARG A 1 29 ? 7.050   -13.359 6.807   1.00 30.36  ? 29  ARG A N   1 
ATOM   229 C CA  . ARG A 1 29 ? 6.523   -12.149 7.419   1.00 30.65  ? 29  ARG A CA  1 
ATOM   230 C C   . ARG A 1 29 ? 6.101   -11.106 6.374   1.00 30.04  ? 29  ARG A C   1 
ATOM   231 O O   . ARG A 1 29 ? 5.026   -10.507 6.487   1.00 29.14  ? 29  ARG A O   1 
ATOM   232 C CB  . ARG A 1 29 ? 7.562   -11.574 8.390   1.00 32.43  ? 29  ARG A CB  1 
ATOM   233 C CG  . ARG A 1 29 ? 7.147   -10.275 9.061   1.00 42.01  ? 29  ARG A CG  1 
ATOM   234 C CD  . ARG A 1 29 ? 5.750   -10.374 9.677   1.00 54.73  ? 29  ARG A CD  1 
ATOM   235 N NE  . ARG A 1 29 ? 5.448   -9.199  10.492  1.00 62.13  ? 29  ARG A NE  1 
ATOM   236 C CZ  . ARG A 1 29 ? 4.263   -8.941  11.038  1.00 58.25  ? 29  ARG A CZ  1 
ATOM   237 N NH1 . ARG A 1 29 ? 3.243   -9.775  10.855  1.00 52.15  ? 29  ARG A NH1 1 
ATOM   238 N NH2 . ARG A 1 29 ? 4.099   -7.837  11.759  1.00 58.74  ? 29  ARG A NH2 1 
ATOM   239 N N   . LEU A 1 30 ? 6.941   -10.874 5.368   1.00 28.31  ? 30  LEU A N   1 
ATOM   240 C CA  . LEU A 1 30 ? 6.587   -9.958  4.276   1.00 27.07  ? 30  LEU A CA  1 
ATOM   241 C C   . LEU A 1 30 ? 5.332   -10.420 3.527   1.00 26.24  ? 30  LEU A C   1 
ATOM   242 O O   . LEU A 1 30 ? 4.475   -9.605  3.147   1.00 25.71  ? 30  LEU A O   1 
ATOM   243 C CB  . LEU A 1 30 ? 7.750   -9.830  3.287   1.00 26.43  ? 30  LEU A CB  1 
ATOM   244 C CG  . LEU A 1 30 ? 8.916   -9.008  3.849   1.00 27.62  ? 30  LEU A CG  1 
ATOM   245 C CD1 . LEU A 1 30 ? 10.158  -9.146  2.960   1.00 28.66  ? 30  LEU A CD1 1 
ATOM   246 C CD2 . LEU A 1 30 ? 8.496   -7.527  4.036   1.00 27.22  ? 30  LEU A CD2 1 
ATOM   247 N N   . ARG A 1 31 ? 5.255   -11.722 3.281   1.00 26.21  ? 31  ARG A N   1 
ATOM   248 C CA  . ARG A 1 31 ? 4.109   -12.290 2.575   1.00 25.61  ? 31  ARG A CA  1 
ATOM   249 C C   . ARG A 1 31 ? 2.790   -12.063 3.341   1.00 26.18  ? 31  ARG A C   1 
ATOM   250 O O   . ARG A 1 31 ? 1.774   -11.705 2.737   1.00 26.80  ? 31  ARG A O   1 
ATOM   251 C CB  . ARG A 1 31 ? 4.336   -13.780 2.285   1.00 29.05  ? 31  ARG A CB  1 
ATOM   252 C CG  . ARG A 1 31 ? 3.268   -14.412 1.394   1.00 32.05  ? 31  ARG A CG  1 
ATOM   253 C CD  . ARG A 1 31 ? 3.606   -15.880 0.995   1.00 32.68  ? 31  ARG A CD  1 
ATOM   254 N NE  . ARG A 1 31 ? 4.891   -15.981 0.290   1.00 32.17  ? 31  ARG A NE  1 
ATOM   255 C CZ  . ARG A 1 31 ? 6.004   -16.464 0.829   1.00 37.57  ? 31  ARG A CZ  1 
ATOM   256 N NH1 . ARG A 1 31 ? 5.999   -16.906 2.078   1.00 38.48  ? 31  ARG A NH1 1 
ATOM   257 N NH2 . ARG A 1 31 ? 7.126   -16.511 0.120   1.00 34.26  ? 31  ARG A NH2 1 
ATOM   258 N N   . GLU A 1 32 ? 2.806   -12.257 4.657   1.00 29.68  ? 32  GLU A N   1 
ATOM   259 C CA  . GLU A 1 32 ? 1.627   -11.984 5.486   1.00 29.53  ? 32  GLU A CA  1 
ATOM   260 C C   . GLU A 1 32 ? 1.249   -10.506 5.437   1.00 28.31  ? 32  GLU A C   1 
ATOM   261 O O   . GLU A 1 32 ? 0.076   -10.163 5.292   1.00 30.09  ? 32  GLU A O   1 
ATOM   262 C CB  . GLU A 1 32 ? 1.868   -12.352 6.952   1.00 33.84  ? 32  GLU A CB  1 
ATOM   263 C CG  . GLU A 1 32 ? 2.396   -13.745 7.207   1.00 60.33  ? 32  GLU A CG  1 
ATOM   264 C CD  . GLU A 1 32 ? 2.838   -13.936 8.655   1.00 76.03  ? 32  GLU A CD  1 
ATOM   265 O OE1 . GLU A 1 32 ? 2.518   -13.064 9.495   1.00 67.03  ? 32  GLU A OE1 1 
ATOM   266 O OE2 . GLU A 1 32 ? 3.510   -14.953 8.947   1.00 82.79  ? 32  GLU A OE2 1 
ATOM   267 N N   . LEU A 1 33 ? 2.242   -9.628  5.580   1.00 27.90  ? 33  LEU A N   1 
ATOM   268 C CA  . LEU A 1 33 ? 1.986   -8.189  5.596   1.00 27.79  ? 33  LEU A CA  1 
ATOM   269 C C   . LEU A 1 33 ? 1.433   -7.741  4.255   1.00 32.01  ? 33  LEU A C   1 
ATOM   270 O O   . LEU A 1 33 ? 0.496   -6.959  4.193   1.00 26.46  ? 33  LEU A O   1 
ATOM   271 C CB  . LEU A 1 33 ? 3.264   -7.413  5.945   1.00 28.13  ? 33  LEU A CB  1 
ATOM   272 C CG  . LEU A 1 33 ? 3.703   -7.540  7.403   1.00 29.72  ? 33  LEU A CG  1 
ATOM   273 C CD1 . LEU A 1 33 ? 5.035   -6.800  7.610   1.00 30.07  ? 33  LEU A CD1 1 
ATOM   274 C CD2 . LEU A 1 33 ? 2.621   -6.973  8.360   1.00 30.74  ? 33  LEU A CD2 1 
ATOM   275 N N   . CYS A 1 34 ? 1.982   -8.283  3.174   1.00 25.53  ? 34  CYS A N   1 
ATOM   276 C CA  . CYS A 1 34 ? 1.520   -7.919  1.834   1.00 24.43  ? 34  CYS A CA  1 
ATOM   277 C C   . CYS A 1 34 ? 0.059   -8.325  1.639   1.00 24.40  ? 34  CYS A C   1 
ATOM   278 O O   . CYS A 1 34 ? -0.729  -7.578  1.047   1.00 24.40  ? 34  CYS A O   1 
ATOM   279 C CB  . CYS A 1 34 ? 2.388   -8.620  0.774   1.00 26.88  ? 34  CYS A CB  1 
ATOM   280 S SG  . CYS A 1 34 ? 2.187   -7.933  -0.885  1.00 27.16  ? 34  CYS A SG  1 
ATOM   281 N N   . ASN A 1 35 ? -0.289  -9.501  2.142   1.00 24.94  ? 35  ASN A N   1 
ATOM   282 C CA  . ASN A 1 35 ? -1.690  -9.939  2.127   1.00 25.22  ? 35  ASN A CA  1 
ATOM   283 C C   . ASN A 1 35 ? -2.581  -9.046  2.994   1.00 28.84  ? 35  ASN A C   1 
ATOM   284 O O   . ASN A 1 35 ? -3.704  -8.729  2.615   1.00 25.96  ? 35  ASN A O   1 
ATOM   285 C CB  . ASN A 1 35 ? -1.809  -11.396 2.574   1.00 31.19  ? 35  ASN A CB  1 
ATOM   286 C CG  . ASN A 1 35 ? -1.522  -12.364 1.447   1.00 44.62  ? 35  ASN A CG  1 
ATOM   287 O OD1 . ASN A 1 35 ? -2.378  -12.613 0.603   1.00 43.91  ? 35  ASN A OD1 1 
ATOM   288 N ND2 . ASN A 1 35 ? -0.311  -12.904 1.418   1.00 43.53  ? 35  ASN A ND2 1 
ATOM   289 N N   . HIS A 1 36 ? -2.089  -8.651  4.167   1.00 26.91  ? 36  HIS A N   1 
ATOM   290 C CA  . HIS A 1 36 ? -2.897  -7.794  5.049   1.00 27.86  ? 36  HIS A CA  1 
ATOM   291 C C   . HIS A 1 36 ? -3.159  -6.420  4.420   1.00 32.15  ? 36  HIS A C   1 
ATOM   292 O O   . HIS A 1 36 ? -4.202  -5.786  4.654   1.00 30.43  ? 36  HIS A O   1 
ATOM   293 C CB  . HIS A 1 36 ? -2.267  -7.635  6.439   1.00 32.43  ? 36  HIS A CB  1 
ATOM   294 C CG  . HIS A 1 36 ? -2.240  -8.899  7.248   1.00 34.34  ? 36  HIS A CG  1 
ATOM   295 N ND1 . HIS A 1 36 ? -3.232  -9.853  7.177   1.00 45.84  ? 36  HIS A ND1 1 
ATOM   296 C CD2 . HIS A 1 36 ? -1.352  -9.350  8.167   1.00 38.67  ? 36  HIS A CD2 1 
ATOM   297 C CE1 . HIS A 1 36 ? -2.946  -10.845 8.001   1.00 47.65  ? 36  HIS A CE1 1 
ATOM   298 N NE2 . HIS A 1 36 ? -1.813  -10.562 8.618   1.00 42.55  ? 36  HIS A NE2 1 
ATOM   299 N N   . TRP A 1 37 ? -2.204  -5.958  3.631   1.00 26.34  ? 37  TRP A N   1 
ATOM   300 C CA  . TRP A 1 37 ? -2.326  -4.694  2.938   1.00 25.82  ? 37  TRP A CA  1 
ATOM   301 C C   . TRP A 1 37 ? -3.238  -4.786  1.715   1.00 25.05  ? 37  TRP A C   1 
ATOM   302 O O   . TRP A 1 37 ? -4.220  -4.034  1.608   1.00 25.29  ? 37  TRP A O   1 
ATOM   303 C CB  . TRP A 1 37 ? -0.934  -4.169  2.544   1.00 25.32  ? 37  TRP A CB  1 
ATOM   304 C CG  . TRP A 1 37 ? -0.948  -3.017  1.588   1.00 24.74  ? 37  TRP A CG  1 
ATOM   305 C CD1 . TRP A 1 37 ? -1.891  -2.032  1.493   1.00 24.98  ? 37  TRP A CD1 1 
ATOM   306 C CD2 . TRP A 1 37 ? 0.070   -2.693  0.627   1.00 24.02  ? 37  TRP A CD2 1 
ATOM   307 N NE1 . TRP A 1 37 ? -1.547  -1.141  0.504   1.00 27.40  ? 37  TRP A NE1 1 
ATOM   308 C CE2 . TRP A 1 37 ? -0.350  -1.531  -0.049  1.00 23.86  ? 37  TRP A CE2 1 
ATOM   309 C CE3 . TRP A 1 37 ? 1.270   -3.316  0.237   1.00 23.60  ? 37  TRP A CE3 1 
ATOM   310 C CZ2 . TRP A 1 37 ? 0.409   -0.943  -1.080  1.00 30.23  ? 37  TRP A CZ2 1 
ATOM   311 C CZ3 . TRP A 1 37 ? 2.022   -2.736  -0.790  1.00 26.46  ? 37  TRP A CZ3 1 
ATOM   312 C CH2 . TRP A 1 37 ? 1.584   -1.565  -1.438  1.00 27.42  ? 37  TRP A CH2 1 
ATOM   313 N N   . LEU A 1 38 ? -2.940  -5.725  0.810   1.00 24.26  ? 38  LEU A N   1 
ATOM   314 C CA  . LEU A 1 38 ? -3.554  -5.727  -0.516  1.00 23.53  ? 38  LEU A CA  1 
ATOM   315 C C   . LEU A 1 38 ? -4.824  -6.594  -0.603  1.00 23.83  ? 38  LEU A C   1 
ATOM   316 O O   . LEU A 1 38 ? -5.550  -6.525  -1.597  1.00 24.54  ? 38  LEU A O   1 
ATOM   317 C CB  . LEU A 1 38 ? -2.540  -6.191  -1.580  1.00 22.64  ? 38  LEU A CB  1 
ATOM   318 C CG  . LEU A 1 38 ? -1.347  -5.227  -1.790  1.00 22.36  ? 38  LEU A CG  1 
ATOM   319 C CD1 . LEU A 1 38 ? -0.277  -5.786  -2.762  1.00 24.11  ? 38  LEU A CD1 1 
ATOM   320 C CD2 . LEU A 1 38 ? -1.830  -3.864  -2.264  1.00 24.74  ? 38  LEU A CD2 1 
ATOM   321 N N   . ARG A 1 39 ? -5.045  -7.409  0.421   1.00 24.61  ? 39  ARG A N   1 
ATOM   322 C CA  . ARG A 1 39 ? -6.303  -8.143  0.613   1.00 25.27  ? 39  ARG A CA  1 
ATOM   323 C C   . ARG A 1 39 ? -6.830  -8.782  -0.662  1.00 29.09  ? 39  ARG A C   1 
ATOM   324 O O   . ARG A 1 39 ? -7.895  -8.413  -1.166  1.00 28.09  ? 39  ARG A O   1 
ATOM   325 C CB  . ARG A 1 39 ? -7.380  -7.211  1.226   1.00 26.11  ? 39  ARG A CB  1 
ATOM   326 C CG  . ARG A 1 39 ? -7.070  -6.642  2.623   1.00 35.71  ? 39  ARG A CG  1 
ATOM   327 C CD  . ARG A 1 39 ? -6.882  -7.750  3.675   1.00 38.29  ? 39  ARG A CD  1 
ATOM   328 N NE  . ARG A 1 39 ? -7.811  -8.874  3.515   1.00 47.79  ? 39  ARG A NE  1 
ATOM   329 C CZ  . ARG A 1 39 ? -8.949  -9.028  4.194   1.00 51.10  ? 39  ARG A CZ  1 
ATOM   330 N NH1 . ARG A 1 39 ? -9.322  -8.121  5.083   1.00 48.10  ? 39  ARG A NH1 1 
ATOM   331 N NH2 . ARG A 1 39 ? -9.729  -10.085 3.971   1.00 53.14  ? 39  ARG A NH2 1 
ATOM   332 N N   . PRO A 1 40 ? -6.101  -9.773  -1.187  1.00 24.18  ? 40  PRO A N   1 
ATOM   333 C CA  . PRO A 1 40 ? -6.527  -10.378 -2.449  1.00 23.73  ? 40  PRO A CA  1 
ATOM   334 C C   . PRO A 1 40 ? -7.884  -11.085 -2.343  1.00 25.88  ? 40  PRO A C   1 
ATOM   335 O O   . PRO A 1 40 ? -8.543  -11.286 -3.359  1.00 33.30  ? 40  PRO A O   1 
ATOM   336 C CB  . PRO A 1 40 ? -5.402  -11.396 -2.744  1.00 32.00  ? 40  PRO A CB  1 
ATOM   337 C CG  . PRO A 1 40 ? -4.750  -11.645 -1.391  1.00 32.66  ? 40  PRO A CG  1 
ATOM   338 C CD  . PRO A 1 40 ? -4.782  -10.264 -0.755  1.00 29.44  ? 40  PRO A CD  1 
ATOM   339 N N   . ALA A 1 41 ? -8.297  -11.460 -1.140  1.00 26.39  ? 41  ALA A N   1 
ATOM   340 C CA  . ALA A 1 41 ? -9.624  -12.069 -0.966  1.00 28.34  ? 41  ALA A CA  1 
ATOM   341 C C   . ALA A 1 41 ? -10.749 -11.068 -1.240  1.00 33.43  ? 41  ALA A C   1 
ATOM   342 O O   . ALA A 1 41 ? -11.900 -11.464 -1.487  1.00 29.67  ? 41  ALA A O   1 
ATOM   343 C CB  . ALA A 1 41 ? -9.784  -12.652 0.447   1.00 31.27  ? 41  ALA A CB  1 
ATOM   344 N N   . LEU A 1 42 ? -10.429 -9.779  -1.165  1.00 26.42  ? 42  LEU A N   1 
ATOM   345 C CA  . LEU A 1 42 ? -11.425 -8.728  -1.334  1.00 26.79  ? 42  LEU A CA  1 
ATOM   346 C C   . LEU A 1 42 ? -11.322 -8.023  -2.672  1.00 25.89  ? 42  LEU A C   1 
ATOM   347 O O   . LEU A 1 42 ? -12.286 -7.424  -3.129  1.00 26.25  ? 42  LEU A O   1 
ATOM   348 C CB  . LEU A 1 42 ? -11.284 -7.663  -0.218  1.00 27.28  ? 42  LEU A CB  1 
ATOM   349 C CG  . LEU A 1 42 ? -11.379 -8.130  1.225   1.00 28.41  ? 42  LEU A CG  1 
ATOM   350 C CD1 . LEU A 1 42 ? -11.299 -6.921  2.183   1.00 28.99  ? 42  LEU A CD1 1 
ATOM   351 C CD2 . LEU A 1 42 ? -12.697 -8.893  1.455   1.00 33.08  ? 42  LEU A CD2 1 
ATOM   352 N N   . HIS A 1 43 ? -10.135 -8.068  -3.278  1.00 25.17  ? 43  HIS A N   1 
ATOM   353 C CA  . HIS A 1 43 ? -9.818  -7.248  -4.440  1.00 24.11  ? 43  HIS A CA  1 
ATOM   354 C C   . HIS A 1 43 ? -9.481  -8.065  -5.680  1.00 23.51  ? 43  HIS A C   1 
ATOM   355 O O   . HIS A 1 43 ? -8.777  -9.066  -5.582  1.00 28.36  ? 43  HIS A O   1 
ATOM   356 C CB  . HIS A 1 43 ? -8.598  -6.351  -4.109  1.00 23.57  ? 43  HIS A CB  1 
ATOM   357 C CG  . HIS A 1 43 ? -8.851  -5.417  -2.954  1.00 25.84  ? 43  HIS A CG  1 
ATOM   358 N ND1 . HIS A 1 43 ? -7.882  -5.082  -2.030  1.00 27.00  ? 43  HIS A ND1 1 
ATOM   359 C CD2 . HIS A 1 43 ? -9.982  -4.789  -2.555  1.00 30.16  ? 43  HIS A CD2 1 
ATOM   360 C CE1 . HIS A 1 43 ? -8.400  -4.265  -1.125  1.00 27.67  ? 43  HIS A CE1 1 
ATOM   361 N NE2 . HIS A 1 43 ? -9.673  -4.061  -1.427  1.00 26.62  ? 43  HIS A NE2 1 
ATOM   362 N N   . THR A 1 44 ? -9.917  -7.587  -6.848  1.00 23.83  ? 44  THR A N   1 
ATOM   363 C CA  . THR A 1 44 ? -9.557  -8.238  -8.117  1.00 26.79  ? 44  THR A CA  1 
ATOM   364 C C   . THR A 1 44 ? -8.121  -7.872  -8.455  1.00 33.18  ? 44  THR A C   1 
ATOM   365 O O   . THR A 1 44 ? -7.562  -6.953  -7.859  1.00 23.16  ? 44  THR A O   1 
ATOM   366 C CB  . THR A 1 44 ? -10.392 -7.702  -9.251  1.00 25.10  ? 44  THR A CB  1 
ATOM   367 O OG1 . THR A 1 44 ? -10.254 -6.274  -9.278  1.00 23.78  ? 44  THR A OG1 1 
ATOM   368 C CG2 . THR A 1 44 ? -11.890 -8.065  -9.056  1.00 25.92  ? 44  THR A CG2 1 
ATOM   369 N N   . LYS A 1 45 ? -7.530  -8.554  -9.439  1.00 22.76  ? 45  LYS A N   1 
ATOM   370 C CA  . LYS A 1 45 ? -6.202  -8.148  -9.897  1.00 23.51  ? 45  LYS A CA  1 
ATOM   371 C C   . LYS A 1 45 ? -6.199  -6.689  -10.280 1.00 21.06  ? 45  LYS A C   1 
ATOM   372 O O   . LYS A 1 45 ? -5.241  -5.976  -10.014 1.00 24.49  ? 45  LYS A O   1 
ATOM   373 C CB  . LYS A 1 45 ? -5.813  -8.933  -11.156 1.00 27.74  ? 45  LYS A CB  1 
ATOM   374 C CG  . LYS A 1 45 ? -5.430  -10.357 -10.927 1.00 33.30  ? 45  LYS A CG  1 
ATOM   375 C CD  . LYS A 1 45 ? -5.070  -11.003 -12.303 1.00 26.55  ? 45  LYS A CD  1 
ATOM   376 C CE  . LYS A 1 45 ? -5.199  -12.485 -12.257 1.00 28.51  ? 45  LYS A CE  1 
ATOM   377 N NZ  . LYS A 1 45 ? -4.680  -12.980 -13.568 1.00 25.10  ? 45  LYS A NZ  1 
ATOM   378 N N   . LYS A 1 46 ? -7.260  -6.254  -10.953 1.00 24.90  ? 46  LYS A N   1 
ATOM   379 C CA  . LYS A 1 46 ? -7.338  -4.873  -11.405 1.00 30.32  ? 46  LYS A CA  1 
ATOM   380 C C   . LYS A 1 46 ? -7.191  -3.947  -10.207 1.00 27.47  ? 46  LYS A C   1 
ATOM   381 O O   . LYS A 1 46 ? -6.441  -2.977  -10.248 1.00 23.83  ? 46  LYS A O   1 
ATOM   382 C CB  . LYS A 1 46 ? -8.666  -4.603  -12.112 1.00 30.97  ? 46  LYS A CB  1 
ATOM   383 C CG  . LYS A 1 46 ? -8.856  -3.171  -12.600 1.00 32.80  ? 46  LYS A CG  1 
ATOM   384 C CD  . LYS A 1 46 ? -10.240 -3.023  -13.269 1.00 42.82  ? 46  LYS A CD  1 
ATOM   385 C CE  . LYS A 1 46 ? -10.623 -1.573  -13.526 1.00 51.56  ? 46  LYS A CE  1 
ATOM   386 N NZ  . LYS A 1 46 ? -9.949  -1.014  -14.724 1.00 58.96  ? 46  LYS A NZ  1 
ATOM   387 N N   . GLN A 1 47 ? -7.908  -4.251  -9.130  1.00 25.73  ? 47  GLN A N   1 
ATOM   388 C CA  . GLN A 1 47 ? -7.849  -3.366  -7.960  1.00 23.94  ? 47  GLN A CA  1 
ATOM   389 C C   . GLN A 1 47 ? -6.490  -3.425  -7.255  1.00 24.10  ? 47  GLN A C   1 
ATOM   390 O O   . GLN A 1 47 ? -5.994  -2.417  -6.711  1.00 21.99  ? 47  GLN A O   1 
ATOM   391 C CB  . GLN A 1 47 ? -8.961  -3.712  -6.980  1.00 26.94  ? 47  GLN A CB  1 
ATOM   392 C CG  . GLN A 1 47 ? -8.826  -3.022  -5.613  1.00 25.32  ? 47  GLN A CG  1 
ATOM   393 C CD  . GLN A 1 47 ? -9.249  -1.566  -5.620  1.00 34.63  ? 47  GLN A CD  1 
ATOM   394 O OE1 . GLN A 1 47 ? -10.361 -1.235  -5.216  1.00 36.91  ? 47  GLN A OE1 1 
ATOM   395 N NE2 . GLN A 1 47 ? -8.359  -0.689  -6.058  1.00 31.91  ? 47  GLN A NE2 1 
ATOM   396 N N   . ILE A 1 48 ? -5.895  -4.608  -7.209  1.00 21.50  ? 48  ILE A N   1 
ATOM   397 C CA  . ILE A 1 48 ? -4.594  -4.736  -6.564  1.00 21.21  ? 48  ILE A CA  1 
ATOM   398 C C   . ILE A 1 48 ? -3.586  -3.895  -7.331  1.00 22.17  ? 48  ILE A C   1 
ATOM   399 O O   . ILE A 1 48 ? -2.839  -3.125  -6.719  1.00 21.26  ? 48  ILE A O   1 
ATOM   400 C CB  . ILE A 1 48 ? -4.138  -6.202  -6.494  1.00 22.60  ? 48  ILE A CB  1 
ATOM   401 C CG1 . ILE A 1 48 ? -5.009  -7.004  -5.515  1.00 24.34  ? 48  ILE A CG1 1 
ATOM   402 C CG2 . ILE A 1 48 ? -2.648  -6.311  -6.142  1.00 21.20  ? 48  ILE A CG2 1 
ATOM   403 C CD1 . ILE A 1 48 ? -4.888  -8.544  -5.769  1.00 29.25  ? 48  ILE A CD1 1 
ATOM   404 N N   . LEU A 1 49 ? -3.569  -4.013  -8.663  1.00 21.30  ? 49  LEU A N   1 
ATOM   405 C CA  . LEU A 1 49 ? -2.666  -3.167  -9.465  1.00 21.97  ? 49  LEU A CA  1 
ATOM   406 C C   . LEU A 1 49 ? -2.953  -1.677  -9.261  1.00 21.37  ? 49  LEU A C   1 
ATOM   407 O O   . LEU A 1 49 ? -2.046  -0.865  -9.190  1.00 21.09  ? 49  LEU A O   1 
ATOM   408 C CB  . LEU A 1 49 ? -2.746  -3.488  -10.958 1.00 22.27  ? 49  LEU A CB  1 
ATOM   409 C CG  . LEU A 1 49 ? -1.653  -4.513  -11.350 1.00 33.30  ? 49  LEU A CG  1 
ATOM   410 C CD1 . LEU A 1 49 ? -1.823  -5.793  -10.570 1.00 33.89  ? 49  LEU A CD1 1 
ATOM   411 C CD2 . LEU A 1 49 ? -1.669  -4.794  -12.843 1.00 46.86  ? 49  LEU A CD2 1 
ATOM   412 N N   . GLU A 1 50 ? -4.226  -1.303  -9.165  1.00 22.44  ? 50  GLU A N   1 
ATOM   413 C CA  . GLU A 1 50 ? -4.543  0.114   -8.963  1.00 22.04  ? 50  GLU A CA  1 
ATOM   414 C C   . GLU A 1 50 ? -3.975  0.628   -7.653  1.00 24.90  ? 50  GLU A C   1 
ATOM   415 O O   . GLU A 1 50 ? -3.541  1.786   -7.565  1.00 26.60  ? 50  GLU A O   1 
ATOM   416 C CB  . GLU A 1 50 ? -6.064  0.335   -8.988  1.00 29.55  ? 50  GLU A CB  1 
ATOM   417 C CG  . GLU A 1 50 ? -6.478  1.787   -9.204  1.00 37.65  ? 50  GLU A CG  1 
ATOM   418 C CD  . GLU A 1 50 ? -6.189  2.289   -10.623 1.00 33.36  ? 50  GLU A CD  1 
ATOM   419 O OE1 . GLU A 1 50 ? -5.641  1.519   -11.454 1.00 39.74  ? 50  GLU A OE1 1 
ATOM   420 O OE2 . GLU A 1 50 ? -6.511  3.461   -10.897 1.00 37.66  ? 50  GLU A OE2 1 
ATOM   421 N N   . LEU A 1 51 ? -3.998  -0.199  -6.607  1.00 21.98  ? 51  LEU A N   1 
ATOM   422 C CA  . LEU A 1 51 ? -3.390  0.222   -5.344  1.00 22.32  ? 51  LEU A CA  1 
ATOM   423 C C   . LEU A 1 51 ? -1.875  0.418   -5.459  1.00 24.52  ? 51  LEU A C   1 
ATOM   424 O O   . LEU A 1 51 ? -1.306  1.298   -4.803  1.00 22.54  ? 51  LEU A O   1 
ATOM   425 C CB  . LEU A 1 51 ? -3.700  -0.760  -4.220  1.00 22.88  ? 51  LEU A CB  1 
ATOM   426 C CG  . LEU A 1 51 ? -5.196  -0.872  -3.857  1.00 22.99  ? 51  LEU A CG  1 
ATOM   427 C CD1 . LEU A 1 51 ? -5.335  -1.979  -2.815  1.00 31.78  ? 51  LEU A CD1 1 
ATOM   428 C CD2 . LEU A 1 51 ? -5.689  0.482   -3.315  1.00 23.76  ? 51  LEU A CD2 1 
ATOM   429 N N   . LEU A 1 52 ? -1.212  -0.431  -6.239  1.00 21.51  ? 52  LEU A N   1 
ATOM   430 C CA  . LEU A 1 52 ? 0.227   -0.249  -6.484  1.00 21.40  ? 52  LEU A CA  1 
ATOM   431 C C   . LEU A 1 52 ? 0.505   1.008   -7.299  1.00 21.68  ? 52  LEU A C   1 
ATOM   432 O O   . LEU A 1 52 ? 1.461   1.757   -7.016  1.00 25.66  ? 52  LEU A O   1 
ATOM   433 C CB  . LEU A 1 52 ? 0.802   -1.480  -7.213  1.00 20.85  ? 52  LEU A CB  1 
ATOM   434 C CG  . LEU A 1 52 ? 0.557   -2.750  -6.410  1.00 27.18  ? 52  LEU A CG  1 
ATOM   435 C CD1 . LEU A 1 52 ? 0.865   -4.005  -7.252  1.00 32.83  ? 52  LEU A CD1 1 
ATOM   436 C CD2 . LEU A 1 52 ? 1.410   -2.682  -5.167  1.00 27.47  ? 52  LEU A CD2 1 
ATOM   437 N N   . VAL A 1 53 ? -0.327  1.238   -8.311  1.00 22.09  ? 53  VAL A N   1 
ATOM   438 C CA  . VAL A 1 53 ? -0.220  2.438   -9.128  1.00 22.09  ? 53  VAL A CA  1 
ATOM   439 C C   . VAL A 1 53 ? -0.389  3.681   -8.255  1.00 27.46  ? 53  VAL A C   1 
ATOM   440 O O   . VAL A 1 53 ? 0.390   4.626   -8.344  1.00 23.31  ? 53  VAL A O   1 
ATOM   441 C CB  . VAL A 1 53 ? -1.275  2.462   -10.249 1.00 23.51  ? 53  VAL A CB  1 
ATOM   442 C CG1 . VAL A 1 53 ? -1.374  3.861   -10.863 1.00 26.16  ? 53  VAL A CG1 1 
ATOM   443 C CG2 . VAL A 1 53 ? -0.965  1.409   -11.317 1.00 24.39  ? 53  VAL A CG2 1 
ATOM   444 N N   . LEU A 1 54 ? -1.402  3.679   -7.394  1.00 22.95  ? 54  LEU A N   1 
ATOM   445 C CA  . LEU A 1 54 ? -1.566  4.819   -6.480  1.00 23.73  ? 54  LEU A CA  1 
ATOM   446 C C   . LEU A 1 54 ? -0.390  5.021   -5.536  1.00 26.57  ? 54  LEU A C   1 
ATOM   447 O O   . LEU A 1 54 ? -0.027  6.165   -5.234  1.00 29.35  ? 54  LEU A O   1 
ATOM   448 C CB  . LEU A 1 54 ? -2.857  4.697   -5.675  1.00 24.01  ? 54  LEU A CB  1 
ATOM   449 C CG  . LEU A 1 54 ? -4.118  4.890   -6.513  1.00 32.81  ? 54  LEU A CG  1 
ATOM   450 C CD1 . LEU A 1 54 ? -5.356  4.528   -5.692  1.00 43.03  ? 54  LEU A CD1 1 
ATOM   451 C CD2 . LEU A 1 54 ? -4.188  6.341   -6.988  1.00 40.34  ? 54  LEU A CD2 1 
ATOM   452 N N   . GLU A 1 55 ? 0.190   3.936   -5.030  1.00 23.54  ? 55  GLU A N   1 
ATOM   453 C CA  . GLU A 1 55 ? 1.313   4.086   -4.104  1.00 23.94  ? 55  GLU A CA  1 
ATOM   454 C C   . GLU A 1 55 ? 2.449   4.817   -4.808  1.00 28.35  ? 55  GLU A C   1 
ATOM   455 O O   . GLU A 1 55 ? 3.075   5.744   -4.248  1.00 27.03  ? 55  GLU A O   1 
ATOM   456 C CB  . GLU A 1 55 ? 1.793   2.718   -3.578  1.00 24.06  ? 55  GLU A CB  1 
ATOM   457 C CG  . GLU A 1 55 ? 2.948   2.824   -2.558  1.00 27.38  ? 55  GLU A CG  1 
ATOM   458 C CD  . GLU A 1 55 ? 3.650   1.494   -2.282  1.00 27.81  ? 55  GLU A CD  1 
ATOM   459 O OE1 . GLU A 1 55 ? 3.688   0.626   -3.183  1.00 25.03  ? 55  GLU A OE1 1 
ATOM   460 O OE2 . GLU A 1 55 ? 4.165   1.323   -1.161  1.00 28.05  ? 55  GLU A OE2 1 
ATOM   461 N N   . GLN A 1 56 ? 2.730   4.394   -6.035  1.00 25.49  ? 56  GLN A N   1 
ATOM   462 C CA  . GLN A 1 56 ? 3.824   4.995   -6.798  1.00 30.81  ? 56  GLN A CA  1 
ATOM   463 C C   . GLN A 1 56 ? 3.514   6.444   -7.144  1.00 29.81  ? 56  GLN A C   1 
ATOM   464 O O   . GLN A 1 56 ? 4.381   7.321   -7.041  1.00 26.07  ? 56  GLN A O   1 
ATOM   465 C CB  . GLN A 1 56 ? 4.119   4.201   -8.077  1.00 26.45  ? 56  GLN A CB  1 
ATOM   466 C CG  . GLN A 1 56 ? 5.294   4.810   -8.916  1.00 23.90  ? 56  GLN A CG  1 
ATOM   467 C CD  . GLN A 1 56 ? 6.628   4.764   -8.202  1.00 29.16  ? 56  GLN A CD  1 
ATOM   468 O OE1 . GLN A 1 56 ? 6.936   3.805   -7.487  1.00 29.50  ? 56  GLN A OE1 1 
ATOM   469 N NE2 . GLN A 1 56 ? 7.449   5.797   -8.414  1.00 30.46  ? 56  GLN A NE2 1 
ATOM   470 N N   . PHE A 1 57 ? 2.270   6.697   -7.539  1.00 24.69  ? 57  PHE A N   1 
ATOM   471 C CA  . PHE A 1 57 ? 1.822   8.039   -7.907  1.00 25.51  ? 57  PHE A CA  1 
ATOM   472 C C   . PHE A 1 57 ? 1.933   9.008   -6.742  1.00 28.27  ? 57  PHE A C   1 
ATOM   473 O O   . PHE A 1 57 ? 2.493   10.092  -6.888  1.00 35.91  ? 57  PHE A O   1 
ATOM   474 C CB  . PHE A 1 57 ? 0.384   8.005   -8.411  1.00 29.29  ? 57  PHE A CB  1 
ATOM   475 C CG  . PHE A 1 57 ? -0.159  9.358   -8.798  1.00 33.71  ? 57  PHE A CG  1 
ATOM   476 C CD1 . PHE A 1 57 ? 0.294   9.999   -9.940  1.00 40.23  ? 57  PHE A CD1 1 
ATOM   477 C CD2 . PHE A 1 57 ? -1.135  9.970   -8.030  1.00 30.64  ? 57  PHE A CD2 1 
ATOM   478 C CE1 . PHE A 1 57 ? -0.209  11.235  -10.303 1.00 43.27  ? 57  PHE A CE1 1 
ATOM   479 C CE2 . PHE A 1 57 ? -1.643  11.208  -8.389  1.00 31.62  ? 57  PHE A CE2 1 
ATOM   480 C CZ  . PHE A 1 57 ? -1.173  11.839  -9.524  1.00 35.37  ? 57  PHE A CZ  1 
ATOM   481 N N   . LEU A 1 58 ? 1.422   8.620   -5.578  1.00 32.79  ? 58  LEU A N   1 
ATOM   482 C CA  . LEU A 1 58 ? 1.451   9.521   -4.413  1.00 28.55  ? 58  LEU A CA  1 
ATOM   483 C C   . LEU A 1 58 ? 2.885   9.790   -3.974  1.00 28.63  ? 58  LEU A C   1 
ATOM   484 O O   . LEU A 1 58 ? 3.206   10.850  -3.411  1.00 33.17  ? 58  LEU A O   1 
ATOM   485 C CB  . LEU A 1 58 ? 0.656   8.923   -3.255  1.00 30.63  ? 58  LEU A CB  1 
ATOM   486 C CG  . LEU A 1 58 ? -0.812  8.655   -3.595  1.00 36.23  ? 58  LEU A CG  1 
ATOM   487 C CD1 . LEU A 1 58 ? -1.448  7.703   -2.597  1.00 47.22  ? 58  LEU A CD1 1 
ATOM   488 C CD2 . LEU A 1 58 ? -1.562  9.960   -3.663  1.00 41.50  ? 58  LEU A CD2 1 
ATOM   489 N N   . SER A 1 59 ? 3.759   8.833   -4.220  1.00 28.96  ? 59  SER A N   1 
ATOM   490 C CA  . SER A 1 59 ? 5.141   8.982   -3.769  1.00 31.98  ? 59  SER A CA  1 
ATOM   491 C C   . SER A 1 59 ? 5.887   10.076  -4.549  1.00 42.40  ? 59  SER A C   1 
ATOM   492 O O   . SER A 1 59 ? 6.899   10.600  -4.082  1.00 41.82  ? 59  SER A O   1 
ATOM   493 C CB  . SER A 1 59 ? 5.883   7.640   -3.845  1.00 30.85  ? 59  SER A CB  1 
ATOM   494 O OG  . SER A 1 59 ? 6.373   7.440   -5.147  1.00 36.42  ? 59  SER A OG  1 
ATOM   495 N N   . VAL A 1 60 ? 5.387   10.441  -5.723  1.00 41.94  ? 60  VAL A N   1 
ATOM   496 C CA  . VAL A 1 60 ? 6.050   11.470  -6.536  1.00 44.42  ? 60  VAL A CA  1 
ATOM   497 C C   . VAL A 1 60 ? 5.323   12.828  -6.560  1.00 55.33  ? 60  VAL A C   1 
ATOM   498 O O   . VAL A 1 60 ? 5.759   13.755  -7.239  1.00 59.50  ? 60  VAL A O   1 
ATOM   499 C CB  . VAL A 1 60 ? 6.299   10.985  -7.987  1.00 42.88  ? 60  VAL A CB  1 
ATOM   500 C CG1 . VAL A 1 60 ? 7.308   9.851   -7.998  1.00 51.80  ? 60  VAL A CG1 1 
ATOM   501 C CG2 . VAL A 1 60 ? 5.000   10.534  -8.640  1.00 44.30  ? 60  VAL A CG2 1 
ATOM   502 N N   . LEU A 1 61 ? 4.220   12.946  -5.823  1.00 44.04  ? 61  LEU A N   1 
ATOM   503 C CA  . LEU A 1 61 ? 3.490   14.222  -5.733  1.00 34.00  ? 61  LEU A CA  1 
ATOM   504 C C   . LEU A 1 61 ? 4.196   15.233  -4.831  1.00 43.25  ? 61  LEU A C   1 
ATOM   505 O O   . LEU A 1 61 ? 4.724   14.874  -3.784  1.00 38.68  ? 61  LEU A O   1 
ATOM   506 C CB  . LEU A 1 61 ? 2.071   14.005  -5.210  1.00 44.63  ? 61  LEU A CB  1 
ATOM   507 C CG  . LEU A 1 61 ? 0.944   13.832  -6.231  1.00 51.18  ? 61  LEU A CG  1 
ATOM   508 C CD1 . LEU A 1 61 ? 1.435   13.169  -7.497  1.00 51.94  ? 61  LEU A CD1 1 
ATOM   509 C CD2 . LEU A 1 61 ? -0.220  13.073  -5.616  1.00 39.07  ? 61  LEU A CD2 1 
ATOM   510 N N   . PRO A 1 62 ? 4.204   16.507  -5.243  1.00 51.48  ? 62  PRO A N   1 
ATOM   511 C CA  . PRO A 1 62 ? 4.648   17.578  -4.342  1.00 58.02  ? 62  PRO A CA  1 
ATOM   512 C C   . PRO A 1 62 ? 3.765   17.614  -3.094  1.00 48.97  ? 62  PRO A C   1 
ATOM   513 O O   . PRO A 1 62 ? 2.559   17.366  -3.193  1.00 46.70  ? 62  PRO A O   1 
ATOM   514 C CB  . PRO A 1 62 ? 4.432   18.843  -5.172  1.00 60.30  ? 62  PRO A CB  1 
ATOM   515 C CG  . PRO A 1 62 ? 4.490   18.379  -6.592  1.00 63.33  ? 62  PRO A CG  1 
ATOM   516 C CD  . PRO A 1 62 ? 3.907   16.997  -6.599  1.00 57.54  ? 62  PRO A CD  1 
ATOM   517 N N   . PRO A 1 63 ? 4.360   17.910  -1.931  1.00 59.64  ? 63  PRO A N   1 
ATOM   518 C CA  . PRO A 1 63 ? 3.640   17.949  -0.653  1.00 62.34  ? 63  PRO A CA  1 
ATOM   519 C C   . PRO A 1 63 ? 2.335   18.743  -0.726  1.00 47.18  ? 63  PRO A C   1 
ATOM   520 O O   . PRO A 1 63 ? 1.345   18.346  -0.110  1.00 46.90  ? 63  PRO A O   1 
ATOM   521 C CB  . PRO A 1 63 ? 4.635   18.652  0.278   1.00 73.03  ? 63  PRO A CB  1 
ATOM   522 C CG  . PRO A 1 63 ? 5.967   18.294  -0.278  1.00 69.09  ? 63  PRO A CG  1 
ATOM   523 C CD  . PRO A 1 63 ? 5.788   18.241  -1.772  1.00 63.78  ? 63  PRO A CD  1 
ATOM   524 N N   . HIS A 1 64 ? 2.329   19.842  -1.470  1.00 53.17  ? 64  HIS A N   1 
ATOM   525 C CA  . HIS A 1 64 ? 1.165   20.719  -1.488  1.00 65.90  ? 64  HIS A CA  1 
ATOM   526 C C   . HIS A 1 64 ? 0.053   20.130  -2.342  1.00 65.18  ? 64  HIS A C   1 
ATOM   527 O O   . HIS A 1 64 ? -1.122  20.444  -2.152  1.00 60.78  ? 64  HIS A O   1 
ATOM   528 C CB  . HIS A 1 64 ? 1.536   22.134  -1.955  1.00 69.40  ? 64  HIS A CB  1 
ATOM   529 C CG  . HIS A 1 64 ? 1.970   22.210  -3.386  1.00 62.06  ? 64  HIS A CG  1 
ATOM   530 N ND1 . HIS A 1 64 ? 3.222   21.816  -3.806  1.00 65.28  ? 64  HIS A ND1 1 
ATOM   531 C CD2 . HIS A 1 64 ? 1.322   22.650  -4.490  1.00 58.26  ? 64  HIS A CD2 1 
ATOM   532 C CE1 . HIS A 1 64 ? 3.325   22.002  -5.111  1.00 62.96  ? 64  HIS A CE1 1 
ATOM   533 N NE2 . HIS A 1 64 ? 2.184   22.501  -5.551  1.00 58.97  ? 64  HIS A NE2 1 
ATOM   534 N N   . VAL A 1 65 ? 0.436   19.260  -3.272  1.00 57.29  ? 65  VAL A N   1 
ATOM   535 C CA  . VAL A 1 65 ? -0.527  18.575  -4.124  1.00 55.88  ? 65  VAL A CA  1 
ATOM   536 C C   . VAL A 1 65 ? -1.118  17.411  -3.360  1.00 45.53  ? 65  VAL A C   1 
ATOM   537 O O   . VAL A 1 65 ? -2.331  17.214  -3.336  1.00 49.18  ? 65  VAL A O   1 
ATOM   538 C CB  . VAL A 1 65 ? 0.138   18.068  -5.404  1.00 53.81  ? 65  VAL A CB  1 
ATOM   539 C CG1 . VAL A 1 65 ? -0.813  17.189  -6.186  1.00 56.39  ? 65  VAL A CG1 1 
ATOM   540 C CG2 . VAL A 1 65 ? 0.603   19.248  -6.243  1.00 54.23  ? 65  VAL A CG2 1 
ATOM   541 N N   . LEU A 1 66 ? -0.239  16.639  -2.733  1.00 38.04  ? 66  LEU A N   1 
ATOM   542 C CA  . LEU A 1 66 ? -0.643  15.557  -1.850  1.00 41.81  ? 66  LEU A CA  1 
ATOM   543 C C   . LEU A 1 66 ? -1.638  16.040  -0.792  1.00 38.99  ? 66  LEU A C   1 
ATOM   544 O O   . LEU A 1 66 ? -2.625  15.367  -0.493  1.00 44.73  ? 66  LEU A O   1 
ATOM   545 C CB  . LEU A 1 66 ? 0.601   14.972  -1.178  1.00 44.63  ? 66  LEU A CB  1 
ATOM   546 C CG  . LEU A 1 66 ? 0.512   13.559  -0.617  1.00 56.50  ? 66  LEU A CG  1 
ATOM   547 C CD1 . LEU A 1 66 ? 0.230   12.558  -1.738  1.00 42.10  ? 66  LEU A CD1 1 
ATOM   548 C CD2 . LEU A 1 66 ? 1.802   13.217  0.116   1.00 49.92  ? 66  LEU A CD2 1 
ATOM   549 N N   . SER A 1 67 ? -1.370  17.206  -0.213  1.00 49.08  ? 67  SER A N   1 
ATOM   550 C CA  . SER A 1 67 ? -2.212  17.725  0.858   1.00 56.13  ? 67  SER A CA  1 
ATOM   551 C C   . SER A 1 67 ? -3.642  17.943  0.380   1.00 56.34  ? 67  SER A C   1 
ATOM   552 O O   . SER A 1 67 ? -4.586  17.929  1.175   1.00 53.68  ? 67  SER A O   1 
ATOM   553 C CB  . SER A 1 67 ? -1.622  19.018  1.439   1.00 53.38  ? 67  SER A CB  1 
ATOM   554 O OG  . SER A 1 67 ? -1.417  20.001  0.435   1.00 52.42  ? 67  SER A OG  1 
ATOM   555 N N   . ARG A 1 68 ? -3.799  18.134  -0.926  1.00 54.87  ? 68  ARG A N   1 
ATOM   556 C CA  . ARG A 1 68 ? -5.127  18.297  -1.513  1.00 55.16  ? 68  ARG A CA  1 
ATOM   557 C C   . ARG A 1 68 ? -5.918  16.996  -1.442  1.00 51.11  ? 68  ARG A C   1 
ATOM   558 O O   . ARG A 1 68 ? -7.145  16.991  -1.542  1.00 57.86  ? 68  ARG A O   1 
ATOM   559 C CB  . ARG A 1 68 ? -5.015  18.797  -2.955  1.00 61.85  ? 68  ARG A CB  1 
ATOM   560 C CG  . ARG A 1 68 ? -4.388  20.183  -3.074  1.00 68.11  ? 68  ARG A CG  1 
ATOM   561 C CD  . ARG A 1 68 ? -4.004  20.516  -4.507  1.00 74.25  ? 68  ARG A CD  1 
ATOM   562 N NE  . ARG A 1 68 ? -5.158  20.514  -5.400  1.00 83.80  ? 68  ARG A NE  1 
ATOM   563 C CZ  . ARG A 1 68 ? -5.076  20.576  -6.727  1.00 91.57  ? 68  ARG A CZ  1 
ATOM   564 N NH1 . ARG A 1 68 ? -3.890  20.644  -7.321  1.00 90.37  ? 68  ARG A NH1 1 
ATOM   565 N NH2 . ARG A 1 68 ? -6.183  20.568  -7.462  1.00 90.96  ? 68  ARG A NH2 1 
ATOM   566 N N   . LEU A 1 69 ? -5.210  15.885  -1.264  1.00 45.15  ? 69  LEU A N   1 
ATOM   567 C CA  . LEU A 1 69 ? -5.852  14.584  -1.145  1.00 43.06  ? 69  LEU A CA  1 
ATOM   568 C C   . LEU A 1 69 ? -6.099  14.220  0.316   1.00 54.47  ? 69  LEU A C   1 
ATOM   569 O O   . LEU A 1 69 ? -6.673  13.174  0.614   1.00 51.79  ? 69  LEU A O   1 
ATOM   570 C CB  . LEU A 1 69 ? -4.997  13.506  -1.815  1.00 39.90  ? 69  LEU A CB  1 
ATOM   571 C CG  . LEU A 1 69 ? -4.783  13.626  -3.325  1.00 44.18  ? 69  LEU A CG  1 
ATOM   572 C CD1 . LEU A 1 69 ? -3.732  12.613  -3.776  1.00 37.08  ? 69  LEU A CD1 1 
ATOM   573 C CD2 . LEU A 1 69 ? -6.104  13.420  -4.090  1.00 45.25  ? 69  LEU A CD2 1 
ATOM   574 N N   . HIS A 1 70 ? -5.664  15.088  1.226   1.00 58.83  ? 70  HIS A N   1 
ATOM   575 C CA  . HIS A 1 70 ? -5.846  14.848  2.656   1.00 69.76  ? 70  HIS A CA  1 
ATOM   576 C C   . HIS A 1 70 ? -7.292  14.477  2.994   1.00 73.14  ? 70  HIS A C   1 
ATOM   577 O O   . HIS A 1 70 ? -8.213  15.256  2.751   1.00 78.89  ? 70  HIS A O   1 
ATOM   578 C CB  . HIS A 1 70 ? -5.420  16.077  3.467   1.00 76.67  ? 70  HIS A CB  1 
ATOM   579 C CG  . HIS A 1 70 ? -5.538  15.889  4.947   1.00 80.52  ? 70  HIS A CG  1 
ATOM   580 N ND1 . HIS A 1 70 ? -6.699  16.157  5.641   1.00 86.88  ? 70  HIS A ND1 1 
ATOM   581 C CD2 . HIS A 1 70 ? -4.643  15.450  5.864   1.00 72.71  ? 70  HIS A CD2 1 
ATOM   582 C CE1 . HIS A 1 70 ? -6.512  15.895  6.923   1.00 85.10  ? 70  HIS A CE1 1 
ATOM   583 N NE2 . HIS A 1 70 ? -5.273  15.464  7.085   1.00 77.93  ? 70  HIS A NE2 1 
ATOM   584 N N   . GLY A 1 71 ? -7.482  13.282  3.550   1.00 69.01  ? 71  GLY A N   1 
ATOM   585 C CA  . GLY A 1 71 ? -8.798  12.836  3.978   1.00 65.47  ? 71  GLY A CA  1 
ATOM   586 C C   . GLY A 1 71 ? -9.578  12.052  2.937   1.00 77.18  ? 71  GLY A C   1 
ATOM   587 O O   . GLY A 1 71 ? -10.529 11.342  3.269   1.00 76.74  ? 71  GLY A O   1 
ATOM   588 N N   . ALA A 1 72 ? -9.175  12.175  1.676   1.00 68.29  ? 72  ALA A N   1 
ATOM   589 C CA  . ALA A 1 72 ? -9.905  11.564  0.573   1.00 65.44  ? 72  ALA A CA  1 
ATOM   590 C C   . ALA A 1 72 ? -9.591  10.075  0.423   1.00 61.43  ? 72  ALA A C   1 
ATOM   591 O O   . ALA A 1 72 ? -8.504  9.622   0.777   1.00 56.03  ? 72  ALA A O   1 
ATOM   592 C CB  . ALA A 1 72 ? -9.616  12.311  -0.726  1.00 58.97  ? 72  ALA A CB  1 
ATOM   593 N N   . PRO A 1 73 ? -10.556 9.303   -0.094  1.00 69.98  ? 73  PRO A N   1 
ATOM   594 C CA  . PRO A 1 73 ? -10.303 7.886   -0.362  1.00 69.11  ? 73  PRO A CA  1 
ATOM   595 C C   . PRO A 1 73 ? -9.208  7.743   -1.412  1.00 60.88  ? 73  PRO A C   1 
ATOM   596 O O   . PRO A 1 73 ? -9.029  8.623   -2.252  1.00 57.19  ? 73  PRO A O   1 
ATOM   597 C CB  . PRO A 1 73 ? -11.636 7.388   -0.925  1.00 69.95  ? 73  PRO A CB  1 
ATOM   598 C CG  . PRO A 1 73 ? -12.651 8.385   -0.457  1.00 72.44  ? 73  PRO A CG  1 
ATOM   599 C CD  . PRO A 1 73 ? -11.936 9.694   -0.424  1.00 73.12  ? 73  PRO A CD  1 
ATOM   600 N N   . LEU A 1 74 ? -8.472  6.644   -1.359  1.00 52.59  ? 74  LEU A N   1 
ATOM   601 C CA  . LEU A 1 74 ? -7.402  6.440   -2.319  1.00 49.73  ? 74  LEU A CA  1 
ATOM   602 C C   . LEU A 1 74 ? -7.485  5.013   -2.830  1.00 42.35  ? 74  LEU A C   1 
ATOM   603 O O   . LEU A 1 74 ? -6.674  4.163   -2.472  1.00 44.22  ? 74  LEU A O   1 
ATOM   604 C CB  . LEU A 1 74 ? -6.048  6.730   -1.674  1.00 58.91  ? 74  LEU A CB  1 
ATOM   605 C CG  . LEU A 1 74 ? -5.951  8.100   -0.999  1.00 64.20  ? 74  LEU A CG  1 
ATOM   606 C CD1 . LEU A 1 74 ? -4.686  8.217   -0.154  1.00 64.22  ? 74  LEU A CD1 1 
ATOM   607 C CD2 . LEU A 1 74 ? -6.025  9.217   -2.028  1.00 58.52  ? 74  LEU A CD2 1 
ATOM   608 N N   . ARG A 1 75 ? -8.481  4.754   -3.665  1.00 35.05  ? 75  ARG A N   1 
ATOM   609 C CA  . ARG A 1 75 ? -8.751  3.388   -4.107  1.00 35.00  ? 75  ARG A CA  1 
ATOM   610 C C   . ARG A 1 75 ? -8.773  3.272   -5.621  1.00 34.93  ? 75  ARG A C   1 
ATOM   611 O O   . ARG A 1 75 ? -8.601  2.180   -6.169  1.00 39.19  ? 75  ARG A O   1 
ATOM   612 C CB  . ARG A 1 75 ? -10.093 2.917   -3.535  1.00 45.15  ? 75  ARG A CB  1 
ATOM   613 C CG  . ARG A 1 75 ? -10.219 3.114   -2.026  1.00 58.03  ? 75  ARG A CG  1 
ATOM   614 C CD  . ARG A 1 75 ? -11.272 2.197   -1.423  1.00 60.35  ? 75  ARG A CD  1 
ATOM   615 N NE  . ARG A 1 75 ? -11.069 0.826   -1.877  1.00 57.83  ? 75  ARG A NE  1 
ATOM   616 C CZ  . ARG A 1 75 ? -10.158 -0.007  -1.383  1.00 57.32  ? 75  ARG A CZ  1 
ATOM   617 N NH1 . ARG A 1 75 ? -9.352  0.382   -0.397  1.00 48.84  ? 75  ARG A NH1 1 
ATOM   618 N NH2 . ARG A 1 75 ? -10.046 -1.229  -1.888  1.00 48.92  ? 75  ARG A NH2 1 
ATOM   619 N N   . ASP A 1 76 ? -8.972  4.405   -6.292  1.00 36.58  ? 76  ASP A N   1 
ATOM   620 C CA  . ASP A 1 76 ? -9.176  4.425   -7.737  1.00 41.62  ? 76  ASP A CA  1 
ATOM   621 C C   . ASP A 1 76 ? -8.484  5.641   -8.335  1.00 34.98  ? 76  ASP A C   1 
ATOM   622 O O   . ASP A 1 76 ? -8.710  6.761   -7.899  1.00 39.46  ? 76  ASP A O   1 
ATOM   623 C CB  . ASP A 1 76 ? -10.676 4.473   -8.074  1.00 42.57  ? 76  ASP A CB  1 
ATOM   624 C CG  . ASP A 1 76 ? -10.955 4.160   -9.537  1.00 57.67  ? 76  ASP A CG  1 
ATOM   625 O OD1 . ASP A 1 76 ? -10.150 4.557   -10.407 1.00 67.20  ? 76  ASP A OD1 1 
ATOM   626 O OD2 . ASP A 1 76 ? -11.973 3.501   -9.824  1.00 52.68  ? 76  ASP A OD2 1 
ATOM   627 N N   . GLY A 1 77 ? -7.629  5.420   -9.325  1.00 35.45  ? 77  GLY A N   1 
ATOM   628 C CA  . GLY A 1 77 ? -6.942  6.534   -9.949  1.00 31.46  ? 77  GLY A CA  1 
ATOM   629 C C   . GLY A 1 77 ? -7.904  7.510   -10.588 1.00 35.19  ? 77  GLY A C   1 
ATOM   630 O O   . GLY A 1 77 ? -7.678  8.713   -10.561 1.00 37.24  ? 77  GLY A O   1 
ATOM   631 N N   . GLU A 1 78 ? -8.996  6.997   -11.151 1.00 31.64  ? 78  GLU A N   1 
ATOM   632 C CA  . GLU A 1 78 ? -9.981  7.871   -11.769 1.00 39.36  ? 78  GLU A CA  1 
ATOM   633 C C   . GLU A 1 78 ? -10.461 8.896   -10.767 1.00 36.22  ? 78  GLU A C   1 
ATOM   634 O O   . GLU A 1 78 ? -10.601 10.074  -11.081 1.00 39.56  ? 78  GLU A O   1 
ATOM   635 C CB  . GLU A 1 78 ? -11.188 7.080   -12.277 1.00 48.51  ? 78  GLU A CB  1 
ATOM   636 C CG  . GLU A 1 78 ? -12.348 7.989   -12.657 1.00 59.57  ? 78  GLU A CG  1 
ATOM   637 C CD  . GLU A 1 78 ? -11.950 9.024   -13.697 1.00 71.30  ? 78  GLU A CD  1 
ATOM   638 O OE1 . GLU A 1 78 ? -11.139 8.682   -14.586 1.00 75.04  ? 78  GLU A OE1 1 
ATOM   639 O OE2 . GLU A 1 78 ? -12.446 10.172  -13.633 1.00 64.88  ? 78  GLU A OE2 1 
ATOM   640 N N   . GLU A 1 79 ? -10.716 8.440   -9.548  1.00 39.73  ? 79  GLU A N   1 
ATOM   641 C CA  . GLU A 1 79 ? -11.241 9.322   -8.514  1.00 45.96  ? 79  GLU A CA  1 
ATOM   642 C C   . GLU A 1 79 ? -10.189 10.321  -8.018  1.00 47.29  ? 79  GLU A C   1 
ATOM   643 O O   . GLU A 1 79 ? -10.492 11.495  -7.805  1.00 45.40  ? 79  GLU A O   1 
ATOM   644 C CB  . GLU A 1 79 ? -11.827 8.499   -7.361  1.00 41.78  ? 79  GLU A CB  1 
ATOM   645 C CG  . GLU A 1 79 ? -12.961 7.567   -7.808  1.00 54.92  ? 79  GLU A CG  1 
ATOM   646 C CD  . GLU A 1 79 ? -14.118 8.310   -8.482  1.00 70.10  ? 79  GLU A CD  1 
ATOM   647 O OE1 . GLU A 1 79 ? -14.263 9.531   -8.257  1.00 79.03  ? 79  GLU A OE1 1 
ATOM   648 O OE2 . GLU A 1 79 ? -14.888 7.676   -9.235  1.00 56.06  ? 79  GLU A OE2 1 
ATOM   649 N N   . VAL A 1 80 ? -8.958  9.855   -7.841  1.00 37.82  ? 80  VAL A N   1 
ATOM   650 C CA  . VAL A 1 80 ? -7.847  10.730  -7.436  1.00 39.94  ? 80  VAL A CA  1 
ATOM   651 C C   . VAL A 1 80 ? -7.629  11.823  -8.485  1.00 39.23  ? 80  VAL A C   1 
ATOM   652 O O   . VAL A 1 80 ? -7.558  13.005  -8.154  1.00 47.90  ? 80  VAL A O   1 
ATOM   653 C CB  . VAL A 1 80 ? -6.554  9.917   -7.205  1.00 37.42  ? 80  VAL A CB  1 
ATOM   654 C CG1 . VAL A 1 80 ? -5.340  10.830  -6.957  1.00 34.63  ? 80  VAL A CG1 1 
ATOM   655 C CG2 . VAL A 1 80 ? -6.756  8.916   -6.053  1.00 39.25  ? 80  VAL A CG2 1 
ATOM   656 N N   . ALA A 1 81 ? -7.561  11.415  -9.748  1.00 43.27  ? 81  ALA A N   1 
ATOM   657 C CA  . ALA A 1 81 ? -7.397  12.343  -10.866 1.00 45.29  ? 81  ALA A CA  1 
ATOM   658 C C   . ALA A 1 81 ? -8.480  13.410  -10.888 1.00 46.46  ? 81  ALA A C   1 
ATOM   659 O O   . ALA A 1 81 ? -8.184  14.605  -10.972 1.00 52.14  ? 81  ALA A O   1 
ATOM   660 C CB  . ALA A 1 81 ? -7.382  11.582  -12.192 1.00 46.42  ? 81  ALA A CB  1 
ATOM   661 N N   . GLN A 1 82 ? -9.740  12.987  -10.822 1.00 50.97  ? 82  GLN A N   1 
ATOM   662 C CA  . GLN A 1 82 ? -10.830 13.958  -10.867 1.00 53.04  ? 82  GLN A CA  1 
ATOM   663 C C   . GLN A 1 82 ? -10.787 14.876  -9.643  1.00 50.07  ? 82  GLN A C   1 
ATOM   664 O O   . GLN A 1 82 ? -11.199 16.035  -9.706  1.00 58.49  ? 82  GLN A O   1 
ATOM   665 C CB  . GLN A 1 82 ? -12.196 13.277  -11.059 1.00 61.20  ? 82  GLN A CB  1 
ATOM   666 C CG  . GLN A 1 82 ? -12.776 12.606  -9.832  1.00 73.86  ? 82  GLN A CG  1 
ATOM   667 C CD  . GLN A 1 82 ? -14.156 12.016  -10.096 1.00 91.84  ? 82  GLN A CD  1 
ATOM   668 O OE1 . GLN A 1 82 ? -14.409 11.444  -11.158 1.00 94.87  ? 82  GLN A OE1 1 
ATOM   669 N NE2 . GLN A 1 82 ? -15.055 12.152  -9.125  1.00 97.51  ? 82  GLN A NE2 1 
ATOM   670 N N   . LEU A 1 83 ? -10.247 14.370  -8.538  1.00 51.14  ? 83  LEU A N   1 
ATOM   671 C CA  . LEU A 1 83 ? -10.065 15.190  -7.339  1.00 51.48  ? 83  LEU A CA  1 
ATOM   672 C C   . LEU A 1 83 ? -9.076  16.324  -7.585  1.00 71.22  ? 83  LEU A C   1 
ATOM   673 O O   . LEU A 1 83 ? -8.863  17.176  -6.722  1.00 69.34  ? 83  LEU A O   1 
ATOM   674 C CB  . LEU A 1 83 ? -9.599  14.341  -6.155  1.00 56.21  ? 83  LEU A CB  1 
ATOM   675 C CG  . LEU A 1 83 ? -10.677 13.847  -5.190  1.00 58.76  ? 83  LEU A CG  1 
ATOM   676 C CD1 . LEU A 1 83 ? -10.103 12.847  -4.201  1.00 64.60  ? 83  LEU A CD1 1 
ATOM   677 C CD2 . LEU A 1 83 ? -11.308 15.027  -4.457  1.00 55.08  ? 83  LEU A CD2 1 
ATOM   678 N N   . GLU A 1 84 ? -8.476  16.333  -8.768  1.00 77.50  ? 84  GLU A N   1 
ATOM   679 C CA  . GLU A 1 84 ? -7.521  17.369  -9.126  1.00 79.16  ? 84  GLU A CA  1 
ATOM   680 C C   . GLU A 1 84 ? -7.643  17.760  -10.594 1.00 80.96  ? 84  GLU A C   1 
ATOM   681 O O   . GLU A 1 84 ? -6.726  18.350  -11.163 1.00 88.61  ? 84  GLU A O   1 
ATOM   682 C CB  . GLU A 1 84 ? -6.105  16.897  -8.815  1.00 74.48  ? 84  GLU A CB  1 
ATOM   683 C CG  . GLU A 1 84 ? -5.871  16.657  -7.343  1.00 78.63  ? 84  GLU A CG  1 
ATOM   684 C CD  . GLU A 1 84 ? -4.685  15.767  -7.083  1.00 80.40  ? 84  GLU A CD  1 
ATOM   685 O OE1 . GLU A 1 84 ? -4.409  14.883  -7.921  1.00 73.99  ? 84  GLU A OE1 1 
ATOM   686 O OE2 . GLU A 1 84 ? -4.030  15.949  -6.035  1.00 85.43  ? 84  GLU A OE2 1 
ATOM   687 N N   . GLY A 1 85 ? -8.782  17.435  -11.197 1.00 79.29  ? 85  GLY A N   1 
ATOM   688 C CA  . GLY A 1 85 ? -9.015  17.715  -12.604 1.00 82.40  ? 85  GLY A CA  1 
ATOM   689 C C   . GLY A 1 85 ? -8.266  16.763  -13.523 1.00 80.81  ? 85  GLY A C   1 
ATOM   690 O O   . GLY A 1 85 ? -8.868  15.965  -14.247 1.00 75.81  ? 85  GLY A O   1 
HETATM 691 O O   . HOH B 2 .  ? 6.839   -4.406  -3.291  1.00 26.39  ? 101 HOH A O   1 
HETATM 692 O O   . HOH B 2 .  ? -7.033  -11.351 1.673   1.00 31.67  ? 102 HOH A O   1 
HETATM 693 O O   . HOH B 2 .  ? -5.710  -6.021  6.935   1.00 34.90  ? 103 HOH A O   1 
HETATM 694 O O   . HOH B 2 .  ? -12.398 0.092   -4.217  1.00 37.14  ? 104 HOH A O   1 
HETATM 695 O O   . HOH B 2 .  ? 14.280  -18.136 8.399   1.00 39.51  ? 105 HOH A O   1 
HETATM 696 O O   . HOH B 2 .  ? 0.379   -14.816 -0.995  1.00 34.19  ? 106 HOH A O   1 
HETATM 697 O O   . HOH B 2 .  ? -0.267  3.655   4.636   1.00 45.25  ? 107 HOH A O   1 
HETATM 698 O O   . HOH B 2 .  ? 15.780  -19.337 6.277   1.00 45.66  ? 108 HOH A O   1 
HETATM 699 O O   . HOH B 2 .  ? -12.700 -13.830 -2.099  1.00 38.59  ? 109 HOH A O   1 
HETATM 700 O O   . HOH B 2 .  ? -2.083  2.517   -2.304  1.00 34.34  ? 110 HOH A O   1 
HETATM 701 O O   . HOH B 2 .  ? -5.451  -1.071  -12.342 1.00 37.55  ? 111 HOH A O   1 
HETATM 702 O O   . HOH B 2 .  ? 8.054   -3.760  9.695   1.00 42.02  ? 112 HOH A O   1 
HETATM 703 O O   . HOH B 2 .  ? 8.714   -17.984 3.735   1.00 40.52  ? 113 HOH A O   1 
HETATM 704 O O   . HOH B 2 .  ? -10.289 6.561   -4.383  1.00 51.31  ? 114 HOH A O   1 
HETATM 705 O O   . HOH B 2 .  ? 9.139   -18.258 0.839   1.00 51.13  ? 115 HOH A O   1 
HETATM 706 O O   . HOH B 2 .  ? -2.930  1.262   -0.260  1.00 41.59  ? 116 HOH A O   1 
HETATM 707 O O   . HOH B 2 .  ? 2.959   6.370   -1.678  1.00 36.46  ? 117 HOH A O   1 
HETATM 708 O O   . HOH B 2 .  ? 12.427  -1.232  4.204   1.00 44.63  ? 118 HOH A O   1 
HETATM 709 O O   . HOH B 2 .  ? -6.504  -2.862  1.025   1.00 42.80  ? 119 HOH A O   1 
HETATM 710 O O   . HOH B 2 .  ? -8.103  5.278   1.050   1.00 61.43  ? 120 HOH A O   1 
HETATM 711 O O   . HOH B 2 .  ? -5.552  -15.614 -12.444 1.00 28.62  ? 121 HOH A O   1 
HETATM 712 O O   . HOH B 2 .  ? -15.160 -13.948 -3.239  1.00 33.97  ? 122 HOH A O   1 
HETATM 713 O O   . HOH B 2 .  ? 1.061   5.423   -0.216  1.00 57.37  ? 123 HOH A O   1 
HETATM 714 O O   . HOH B 2 .  ? 6.951   -6.329  11.243  1.00 50.66  ? 124 HOH A O   1 
HETATM 715 O O   . HOH B 2 .  ? -14.298 1.812   -4.867  1.00 44.28  ? 125 HOH A O   1 
# 
loop_
_atom_site_anisotrop.id 
_atom_site_anisotrop.type_symbol 
_atom_site_anisotrop.pdbx_label_atom_id 
_atom_site_anisotrop.pdbx_label_alt_id 
_atom_site_anisotrop.pdbx_label_comp_id 
_atom_site_anisotrop.pdbx_label_asym_id 
_atom_site_anisotrop.pdbx_label_seq_id 
_atom_site_anisotrop.pdbx_PDB_ins_code 
_atom_site_anisotrop.U[1][1] 
_atom_site_anisotrop.U[2][2] 
_atom_site_anisotrop.U[3][3] 
_atom_site_anisotrop.U[1][2] 
_atom_site_anisotrop.U[1][3] 
_atom_site_anisotrop.U[2][3] 
_atom_site_anisotrop.pdbx_auth_seq_id 
_atom_site_anisotrop.pdbx_auth_comp_id 
_atom_site_anisotrop.pdbx_auth_asym_id 
_atom_site_anisotrop.pdbx_auth_atom_id 
1   N N   . GLY A 1  ? 1.0899 1.0414 0.9507 -0.0096 0.0952  0.0162  1   GLY A N   
2   C CA  . GLY A 1  ? 1.1484 1.0842 0.9740 -0.0085 0.0947  0.0258  1   GLY A CA  
3   C C   . GLY A 1  ? 1.1947 1.1221 0.9851 -0.0034 0.1008  0.0210  1   GLY A C   
4   O O   . GLY A 1  ? 1.3531 1.2871 1.1480 -0.0022 0.1134  0.0127  1   GLY A O   
5   N N   . ARG A 2  ? 1.1326 1.0458 0.8879 -0.0001 0.0911  0.0256  2   ARG A N   
6   C CA  . ARG A 2  ? 1.0570 0.9602 0.7732 0.0056  0.0948  0.0205  2   ARG A CA  
7   C C   . ARG A 2  ? 0.8999 0.8053 0.6158 0.0100  0.0814  0.0050  2   ARG A C   
8   O O   . ARG A 2  ? 0.9742 0.8825 0.6865 0.0129  0.0909  -0.0057 2   ARG A O   
9   C CB  . ARG A 2  ? 1.1833 1.0695 0.8594 0.0083  0.0890  0.0316  2   ARG A CB  
10  C CG  . ARG A 2  ? 1.3202 1.2006 0.9916 0.0044  0.1041  0.0480  2   ARG A CG  
11  C CD  . ARG A 2  ? 1.4125 1.2779 1.0585 0.0067  0.0904  0.0606  2   ARG A CD  
12  N NE  . ARG A 2  ? 1.4130 1.2833 1.0857 0.0054  0.0700  0.0602  2   ARG A NE  
13  C CZ  . ARG A 2  ? 1.4322 1.3029 1.1016 0.0092  0.0490  0.0519  2   ARG A CZ  
14  N NH1 . ARG A 2  ? 1.4298 1.2953 1.0699 0.0145  0.0439  0.0425  2   ARG A NH1 
15  N NH2 . ARG A 2  ? 1.4200 1.2966 1.1162 0.0075  0.0333  0.0525  2   ARG A NH2 
16  N N   . PRO A 3  ? 0.8240 0.7277 0.5456 0.0104  0.0596  0.0035  3   PRO A N   
17  C CA  . PRO A 3  ? 0.7610 0.6659 0.4864 0.0137  0.0476  -0.0111 3   PRO A CA  
18  C C   . PRO A 3  ? 0.6032 0.5219 0.3664 0.0117  0.0535  -0.0183 3   PRO A C   
19  O O   . PRO A 3  ? 0.6763 0.6046 0.4687 0.0072  0.0559  -0.0120 3   PRO A O   
20  C CB  . PRO A 3  ? 0.7845 0.6872 0.5161 0.0129  0.0250  -0.0088 3   PRO A CB  
21  C CG  . PRO A 3  ? 0.8679 0.7665 0.5932 0.0109  0.0247  0.0064  3   PRO A CG  
22  C CD  . PRO A 3  ? 0.8434 0.7460 0.5755 0.0077  0.0463  0.0136  3   PRO A CD  
23  N N   . ARG A 4  ? 0.5792 0.4985 0.3415 0.0155  0.0552  -0.0316 4   ARG A N   
24  C CA  . ARG A 4  ? 0.5818 0.5127 0.3793 0.0150  0.0578  -0.0388 4   ARG A CA  
25  C C   . ARG A 4  ? 0.4812 0.4166 0.3051 0.0117  0.0417  -0.0357 4   ARG A C   
26  O O   . ARG A 4  ? 0.4971 0.4256 0.3111 0.0111  0.0267  -0.0332 4   ARG A O   
27  C CB  . ARG A 4  ? 0.5926 0.5196 0.3826 0.0206  0.0575  -0.0541 4   ARG A CB  
28  C CG  . ARG A 4  ? 0.9139 0.8377 0.6783 0.0248  0.0752  -0.0590 4   ARG A CG  
29  C CD  . ARG A 4  ? 0.9936 0.9175 0.7621 0.0306  0.0779  -0.0753 4   ARG A CD  
30  N NE  . ARG A 4  ? 1.1860 1.0975 0.9371 0.0340  0.0608  -0.0852 4   ARG A NE  
31  C CZ  . ARG A 4  ? 1.2618 1.1617 0.9751 0.0389  0.0609  -0.0931 4   ARG A CZ  
32  N NH1 . ARG A 4  ? 1.2560 1.1546 0.9426 0.0412  0.0789  -0.0911 4   ARG A NH1 
33  N NH2 . ARG A 4  ? 1.2684 1.1577 0.9704 0.0415  0.0433  -0.1034 4   ARG A NH2 
34  N N   . PRO A 5  ? 0.5153 0.4625 0.3727 0.0098  0.0449  -0.0356 5   PRO A N   
35  C CA  . PRO A 5  ? 0.4737 0.4258 0.3546 0.0067  0.0318  -0.0315 5   PRO A CA  
36  C C   . PRO A 5  ? 0.4711 0.4163 0.3505 0.0081  0.0158  -0.0375 5   PRO A C   
37  O O   . PRO A 5  ? 0.4135 0.3581 0.2986 0.0053  0.0040  -0.0322 5   PRO A O   
38  C CB  . PRO A 5  ? 0.4819 0.4467 0.3934 0.0066  0.0389  -0.0335 5   PRO A CB  
39  C CG  . PRO A 5  ? 0.5108 0.4803 0.4193 0.0067  0.0570  -0.0333 5   PRO A CG  
40  C CD  . PRO A 5  ? 0.4947 0.4528 0.3693 0.0100  0.0617  -0.0374 5   PRO A CD  
41  N N   . GLU A 6  ? 0.4447 0.3851 0.3192 0.0122  0.0159  -0.0488 6   GLU A N   
42  C CA  . GLU A 6  ? 0.4757 0.4078 0.3496 0.0131  0.0010  -0.0557 6   GLU A CA  
43  C C   . GLU A 6  ? 0.5246 0.4473 0.3743 0.0123  -0.0104 -0.0546 6   GLU A C   
44  O O   . GLU A 6  ? 0.5038 0.4239 0.3615 0.0101  -0.0251 -0.0548 6   GLU A O   
45  C CB  . GLU A 6  ? 0.5407 0.4673 0.4107 0.0184  0.0044  -0.0694 6   GLU A CB  
46  C CG  . GLU A 6  ? 0.7140 0.6486 0.6115 0.0203  0.0111  -0.0720 6   GLU A CG  
47  C CD  . GLU A 6  ? 0.7956 0.7411 0.6978 0.0212  0.0284  -0.0693 6   GLU A CD  
48  O OE1 . GLU A 6  ? 0.6003 0.5448 0.4808 0.0209  0.0378  -0.0670 6   GLU A OE1 
49  O OE2 . GLU A 6  ? 0.7748 0.7300 0.7029 0.0222  0.0324  -0.0692 6   GLU A OE2 
50  N N   . VAL A 7  ? 0.4867 0.4047 0.3074 0.0144  -0.0037 -0.0535 7   VAL A N   
51  C CA  . VAL A 7  ? 0.5206 0.4293 0.3147 0.0152  -0.0152 -0.0522 7   VAL A CA  
52  C C   . VAL A 7  ? 0.6014 0.5145 0.4058 0.0109  -0.0221 -0.0392 7   VAL A C   
53  O O   . VAL A 7  ? 0.4932 0.4033 0.2973 0.0100  -0.0378 -0.0389 7   VAL A O   
54  C CB  . VAL A 7  ? 0.5529 0.4540 0.3092 0.0193  -0.0051 -0.0530 7   VAL A CB  
55  C CG1 . VAL A 7  ? 0.5693 0.4609 0.2969 0.0206  -0.0182 -0.0494 7   VAL A CG1 
56  C CG2 . VAL A 7  ? 0.5742 0.4700 0.3180 0.0245  0.0003  -0.0682 7   VAL A CG2 
57  N N   . ALA A 8  ? 0.4758 0.3966 0.2910 0.0086  -0.0101 -0.0295 8   ALA A N   
58  C CA  . ALA A 8  ? 0.4575 0.3830 0.2859 0.0049  -0.0151 -0.0180 8   ALA A CA  
59  C C   . ALA A 8  ? 0.4319 0.3633 0.2883 0.0021  -0.0274 -0.0190 8   ALA A C   
60  O O   . ALA A 8  ? 0.4265 0.3584 0.2878 0.0005  -0.0384 -0.0138 8   ALA A O   
61  C CB  . ALA A 8  ? 0.4510 0.3843 0.2919 0.0026  0.0006  -0.0104 8   ALA A CB  
62  N N   . HIS A 9  ? 0.4173 0.3533 0.2928 0.0018  -0.0249 -0.0252 9   HIS A N   
63  C CA  . HIS A 9  ? 0.3959 0.3365 0.2970 -0.0009 -0.0342 -0.0252 9   HIS A CA  
64  C C   . HIS A 9  ? 0.4297 0.3637 0.3258 -0.0014 -0.0504 -0.0291 9   HIS A C   
65  O O   . HIS A 9  ? 0.3955 0.3334 0.3061 -0.0043 -0.0593 -0.0242 9   HIS A O   
66  C CB  . HIS A 9  ? 0.3871 0.3298 0.3034 0.0003  -0.0292 -0.0317 9   HIS A CB  
67  C CG  . HIS A 9  ? 0.5104 0.4557 0.4506 -0.0022 -0.0375 -0.0309 9   HIS A CG  
68  N ND1 . HIS A 9  ? 0.6033 0.5457 0.5548 -0.0008 -0.0380 -0.0372 9   HIS A ND1 
69  C CD2 . HIS A 9  ? 0.4154 0.3654 0.3703 -0.0059 -0.0446 -0.0243 9   HIS A CD2 
70  C CE1 . HIS A 9  ? 0.6725 0.6170 0.6433 -0.0039 -0.0447 -0.0333 9   HIS A CE1 
71  N NE2 . HIS A 9  ? 0.4736 0.4235 0.4471 -0.0071 -0.0482 -0.0258 9   HIS A NE2 
72  N N   . GLN A 10 ? 0.4329 0.3572 0.3096 0.0016  -0.0541 -0.0389 10  GLN A N   
73  C CA  . GLN A 10 ? 0.4474 0.3651 0.3196 0.0012  -0.0709 -0.0448 10  GLN A CA  
74  C C   . GLN A 10 ? 0.4586 0.3751 0.3164 0.0016  -0.0801 -0.0388 10  GLN A C   
75  O O   . GLN A 10 ? 0.4677 0.3856 0.3374 -0.0006 -0.0945 -0.0391 10  GLN A O   
76  C CB  . GLN A 10 ? 0.4752 0.3821 0.3275 0.0052  -0.0727 -0.0584 10  GLN A CB  
77  C CG  . GLN A 10 ? 0.5603 0.4669 0.4299 0.0055  -0.0665 -0.0652 10  GLN A CG  
78  C CD  . GLN A 10 ? 0.7065 0.6161 0.6083 0.0007  -0.0747 -0.0635 10  GLN A CD  
79  O OE1 . GLN A 10 ? 0.7645 0.6726 0.6733 -0.0024 -0.0884 -0.0642 10  GLN A OE1 
80  N NE2 . GLN A 10 ? 0.7045 0.6184 0.6265 0.0003  -0.0664 -0.0611 10  GLN A NE2 
81  N N   . LEU A 11 ? 0.4735 0.3871 0.3062 0.0046  -0.0722 -0.0337 11  LEU A N   
82  C CA  . LEU A 11 ? 0.4848 0.3964 0.3037 0.0056  -0.0801 -0.0258 11  LEU A CA  
83  C C   . LEU A 11 ? 0.4845 0.4063 0.3327 0.0018  -0.0831 -0.0163 11  LEU A C   
84  O O   . LEU A 11 ? 0.4588 0.3815 0.3106 0.0018  -0.0967 -0.0137 11  LEU A O   
85  C CB  . LEU A 11 ? 0.5048 0.4108 0.2941 0.0090  -0.0677 -0.0192 11  LEU A CB  
86  C CG  . LEU A 11 ? 0.5431 0.4375 0.2946 0.0141  -0.0665 -0.0274 11  LEU A CG  
87  C CD1 . LEU A 11 ? 0.6903 0.5807 0.4176 0.0160  -0.0492 -0.0190 11  LEU A CD1 
88  C CD2 . LEU A 11 ? 0.5706 0.4568 0.3015 0.0175  -0.0868 -0.0320 11  LEU A CD2 
89  N N   . PHE A 12 ? 0.4382 0.3684 0.3072 -0.0010 -0.0708 -0.0120 12  PHE A N   
90  C CA  . PHE A 12 ? 0.4023 0.3427 0.2992 -0.0043 -0.0717 -0.0045 12  PHE A CA  
91  C C   . PHE A 12 ? 0.4344 0.3792 0.3544 -0.0071 -0.0845 -0.0084 12  PHE A C   
92  O O   . PHE A 12 ? 0.3991 0.3484 0.3308 -0.0081 -0.0935 -0.0043 12  PHE A O   
93  C CB  . PHE A 12 ? 0.3804 0.3281 0.2923 -0.0060 -0.0569 -0.0017 12  PHE A CB  
94  C CG  . PHE A 12 ? 0.3700 0.3279 0.3068 -0.0088 -0.0560 0.0055  12  PHE A CG  
95  C CD1 . PHE A 12 ? 0.3554 0.3140 0.2902 -0.0082 -0.0560 0.0134  12  PHE A CD1 
96  C CD2 . PHE A 12 ? 0.3483 0.3140 0.3086 -0.0111 -0.0545 0.0043  12  PHE A CD2 
97  C CE1 . PHE A 12 ? 0.3340 0.3017 0.2912 -0.0100 -0.0547 0.0185  12  PHE A CE1 
98  C CE2 . PHE A 12 ? 0.3178 0.2929 0.2978 -0.0129 -0.0528 0.0100  12  PHE A CE2 
99  C CZ  . PHE A 12 ? 0.3135 0.2899 0.2921 -0.0123 -0.0526 0.0164  12  PHE A CZ  
100 N N   . ARG A 13 ? 0.3893 0.3328 0.3177 -0.0085 -0.0847 -0.0161 13  ARG A N   
101 C CA  . ARG A 13 ? 0.3801 0.3270 0.3329 -0.0122 -0.0946 -0.0189 13  ARG A CA  
102 C C   . ARG A 13 ? 0.4028 0.3453 0.3502 -0.0119 -0.1114 -0.0247 13  ARG A C   
103 O O   . ARG A 13 ? 0.4449 0.3931 0.4155 -0.0153 -0.1207 -0.0245 13  ARG A O   
104 C CB  . ARG A 13 ? 0.4377 0.3820 0.4008 -0.0136 -0.0903 -0.0250 13  ARG A CB  
105 C CG  . ARG A 13 ? 0.4058 0.3570 0.3810 -0.0140 -0.0769 -0.0191 13  ARG A CG  
106 C CD  . ARG A 13 ? 0.4426 0.4046 0.4391 -0.0171 -0.0766 -0.0102 13  ARG A CD  
107 N NE  . ARG A 13 ? 0.3503 0.3188 0.3576 -0.0172 -0.0654 -0.0054 13  ARG A NE  
108 C CZ  . ARG A 13 ? 0.3866 0.3646 0.4039 -0.0179 -0.0609 0.0018  13  ARG A CZ  
109 N NH1 . ARG A 13 ? 0.3175 0.2993 0.3371 -0.0186 -0.0657 0.0056  13  ARG A NH1 
110 N NH2 . ARG A 13 ? 0.3300 0.3132 0.3550 -0.0174 -0.0522 0.0045  13  ARG A NH2 
111 N N   . CYS A 14 ? 0.4759 0.4086 0.3932 -0.0077 -0.1155 -0.0303 14  CYS A N   
112 C CA  . CYS A 14 ? 0.4996 0.4269 0.4090 -0.0066 -0.1337 -0.0380 14  CYS A CA  
113 C C   . CYS A 14 ? 0.5249 0.4532 0.4219 -0.0034 -0.1423 -0.0315 14  CYS A C   
114 O O   . CYS A 14 ? 0.5271 0.4508 0.4121 -0.0009 -0.1583 -0.0372 14  CYS A O   
115 C CB  . CYS A 14 ? 0.5322 0.4470 0.4141 -0.0030 -0.1356 -0.0500 14  CYS A CB  
116 S SG  . CYS A 14 ? 0.6325 0.5441 0.5331 -0.0060 -0.1300 -0.0597 14  CYS A SG  
117 N N   . PHE A 15 ? 0.4837 0.4179 0.3851 -0.0033 -0.1325 -0.0198 15  PHE A N   
118 C CA  . PHE A 15 ? 0.4849 0.4183 0.3741 0.0004  -0.1386 -0.0119 15  PHE A CA  
119 C C   . PHE A 15 ? 0.5987 0.5386 0.5088 -0.0003 -0.1569 -0.0136 15  PHE A C   
120 O O   . PHE A 15 ? 0.5458 0.4962 0.4904 -0.0052 -0.1576 -0.0143 15  PHE A O   
121 C CB  . PHE A 15 ? 0.4705 0.4099 0.3694 -0.0003 -0.1245 -0.0002 15  PHE A CB  
122 C CG  . PHE A 15 ? 0.5308 0.4669 0.4168 0.0038  -0.1288 0.0091  15  PHE A CG  
123 C CD1 . PHE A 15 ? 0.5921 0.5164 0.4426 0.0081  -0.1238 0.0134  15  PHE A CD1 
124 C CD2 . PHE A 15 ? 0.5438 0.4884 0.4539 0.0037  -0.1371 0.0139  15  PHE A CD2 
125 C CE1 . PHE A 15 ? 0.7351 0.6542 0.5728 0.0123  -0.1277 0.0234  15  PHE A CE1 
126 C CE2 . PHE A 15 ? 0.5820 0.5223 0.4812 0.0084  -0.1418 0.0228  15  PHE A CE2 
127 C CZ  . PHE A 15 ? 0.6447 0.5715 0.5073 0.0127  -0.1375 0.0279  15  PHE A CZ  
128 N N   . GLN A 16 ? 0.6517 0.5858 0.5413 0.0048  -0.1714 -0.0139 16  GLN A N   
129 C CA  . GLN A 16 ? 0.7193 0.6605 0.6295 0.0052  -0.1906 -0.0158 16  GLN A CA  
130 C C   . GLN A 16 ? 0.6403 0.5835 0.5490 0.0096  -0.1935 -0.0042 16  GLN A C   
131 O O   . GLN A 16 ? 0.7358 0.6684 0.6120 0.0148  -0.1894 0.0027  16  GLN A O   
132 C CB  . GLN A 16 ? 0.6793 0.6126 0.5704 0.0082  -0.2096 -0.0276 16  GLN A CB  
133 C CG  . GLN A 16 ? 0.8065 0.7361 0.7003 0.0040  -0.2082 -0.0405 16  GLN A CG  
134 C CD  . GLN A 16 ? 1.1302 1.0716 1.0706 -0.0040 -0.2072 -0.0434 16  GLN A CD  
135 O OE1 . GLN A 16 ? 1.2929 1.2462 1.2641 -0.0062 -0.2137 -0.0393 16  GLN A OE1 
136 N NE2 . GLN A 16 ? 1.1547 1.0924 1.1006 -0.0080 -0.1986 -0.0498 16  GLN A NE2 
137 N N   . TYR A 17 ? 0.7370 0.6933 0.6819 0.0078  -0.1996 -0.0019 17  TYR A N   
138 C CA  . TYR A 17 ? 0.8146 0.7732 0.7625 0.0126  -0.2029 0.0083  17  TYR A CA  
139 C C   . TYR A 17 ? 0.8327 0.7851 0.7617 0.0198  -0.2249 0.0070  17  TYR A C   
140 O O   . TYR A 17 ? 0.7743 0.7279 0.7058 0.0197  -0.2413 -0.0036 17  TYR A O   
141 C CB  . TYR A 17 ? 0.8853 0.8608 0.8787 0.0090  -0.2008 0.0106  17  TYR A CB  
142 C CG  . TYR A 17 ? 0.9258 0.9030 0.9242 0.0141  -0.2010 0.0210  17  TYR A CG  
143 C CD1 . TYR A 17 ? 0.8089 0.7761 0.7848 0.0168  -0.1876 0.0304  17  TYR A CD1 
144 C CD2 . TYR A 17 ? 0.9388 0.9275 0.9667 0.0166  -0.2144 0.0209  17  TYR A CD2 
145 C CE1 . TYR A 17 ? 0.8309 0.7978 0.8123 0.0216  -0.1878 0.0396  17  TYR A CE1 
146 C CE2 . TYR A 17 ? 0.9391 0.9284 0.9727 0.0222  -0.2147 0.0300  17  TYR A CE2 
147 C CZ  . TYR A 17 ? 0.9213 0.8986 0.9308 0.0247  -0.2016 0.0393  17  TYR A CZ  
148 O OH  . TYR A 17 ? 0.9215 0.8974 0.9375 0.0302  -0.2019 0.0482  17  TYR A OH  
149 N N   . GLN A 18 ? 1.0395 0.9844 0.9495 0.0264  -0.2256 0.0178  18  GLN A N   
150 C CA  . GLN A 18 ? 1.1263 1.0649 1.0180 0.0347  -0.2472 0.0190  18  GLN A CA  
151 C C   . GLN A 18 ? 0.9605 0.8998 0.8614 0.0400  -0.2481 0.0317  18  GLN A C   
152 O O   . GLN A 18 ? 0.7924 0.7226 0.6774 0.0412  -0.2327 0.0425  18  GLN A O   
153 C CB  . GLN A 18 ? 1.2584 1.1782 1.0961 0.0396  -0.2487 0.0187  18  GLN A CB  
154 C CG  . GLN A 18 ? 1.3263 1.2346 1.1365 0.0392  -0.2255 0.0286  18  GLN A CG  
155 C CD  . GLN A 18 ? 1.3866 1.2786 1.1461 0.0429  -0.2239 0.0260  18  GLN A CD  
156 O OE1 . GLN A 18 ? 1.3857 1.2770 1.1361 0.0424  -0.2331 0.0130  18  GLN A OE1 
157 N NE2 . GLN A 18 ? 1.3886 1.2669 1.1153 0.0464  -0.2113 0.0383  18  GLN A NE2 
158 N N   . GLU A 19 ? 1.0801 1.0305 1.0100 0.0431  -0.2662 0.0297  19  GLU A N   
159 C CA  . GLU A 19 ? 1.1632 1.1163 1.1094 0.0487  -0.2688 0.0400  19  GLU A CA  
160 C C   . GLU A 19 ? 1.1312 1.0640 1.0343 0.0577  -0.2719 0.0522  19  GLU A C   
161 O O   . GLU A 19 ? 1.1745 1.1026 1.0806 0.0606  -0.2634 0.0638  19  GLU A O   
162 C CB  . GLU A 19 ? 1.2656 1.2345 1.2494 0.0516  -0.2905 0.0340  19  GLU A CB  
163 C CG  . GLU A 19 ? 1.3608 1.3476 1.3827 0.0427  -0.2914 0.0210  19  GLU A CG  
164 C CD  . GLU A 19 ? 1.4780 1.4588 1.4777 0.0403  -0.3013 0.0096  19  GLU A CD  
165 O OE1 . GLU A 19 ? 1.5530 1.5202 1.5144 0.0475  -0.3161 0.0096  19  GLU A OE1 
166 O OE2 . GLU A 19 ? 1.4893 1.4780 1.5091 0.0314  -0.2944 0.0008  19  GLU A OE2 
167 N N   . ASP A 20 ? 1.1322 1.0523 0.9944 0.0621  -0.2839 0.0497  20  ASP A N   
168 C CA  . ASP A 20 ? 1.2019 1.1016 1.0187 0.0715  -0.2891 0.0618  20  ASP A CA  
169 C C   . ASP A 20 ? 1.1627 1.0486 0.9581 0.0696  -0.2637 0.0748  20  ASP A C   
170 O O   . ASP A 20 ? 1.2089 1.0788 0.9777 0.0766  -0.2642 0.0885  20  ASP A O   
171 C CB  . ASP A 20 ? 1.1742 1.0627 0.9471 0.0761  -0.3041 0.0549  20  ASP A CB  
172 C CG  . ASP A 20 ? 1.2440 1.1295 0.9982 0.0688  -0.2885 0.0460  20  ASP A CG  
173 O OD1 . ASP A 20 ? 1.2994 1.1939 1.0798 0.0599  -0.2687 0.0439  20  ASP A OD1 
174 O OD2 . ASP A 20 ? 1.3350 1.2089 1.0475 0.0727  -0.2961 0.0408  20  ASP A OD2 
175 N N   . MET A 21 ? 1.1464 1.0384 0.9547 0.0603  -0.2420 0.0709  21  MET A N   
176 C CA  . MET A 21 ? 1.0746 0.9564 0.8693 0.0575  -0.2181 0.0815  21  MET A CA  
177 C C   . MET A 21 ? 0.9775 0.8700 0.8142 0.0534  -0.2061 0.0851  21  MET A C   
178 O O   . MET A 21 ? 0.8701 0.7529 0.7014 0.0537  -0.1929 0.0963  21  MET A O   
179 C CB  . MET A 21 ? 1.2195 1.0980 0.9930 0.0513  -0.2014 0.0755  21  MET A CB  
180 C CG  . MET A 21 ? 1.4178 1.2807 1.1398 0.0565  -0.2077 0.0748  21  MET A CG  
181 S SD  . MET A 21 ? 1.5885 1.4283 1.2669 0.0666  -0.2117 0.0936  21  MET A SD  
182 C CE  . MET A 21 ? 1.4454 1.2698 1.0627 0.0708  -0.2135 0.0893  21  MET A CE  
183 N N   . GLY A 22 ? 0.8434 0.7555 0.7220 0.0493  -0.2103 0.0753  22  GLY A N   
184 C CA  . GLY A 22 ? 0.6322 0.5557 0.5507 0.0470  -0.2018 0.0775  22  GLY A CA  
185 C C   . GLY A 22 ? 0.5935 0.5252 0.5279 0.0380  -0.1804 0.0733  22  GLY A C   
186 O O   . GLY A 22 ? 0.6150 0.5416 0.5282 0.0337  -0.1700 0.0706  22  GLY A O   
187 N N   . PRO A 23 ? 0.6008 0.5453 0.5723 0.0358  -0.1740 0.0724  23  PRO A N   
188 C CA  . PRO A 23 ? 0.5284 0.4826 0.5177 0.0281  -0.1560 0.0678  23  PRO A CA  
189 C C   . PRO A 23 ? 0.4873 0.4292 0.4544 0.0257  -0.1384 0.0735  23  PRO A C   
190 O O   . PRO A 23 ? 0.4681 0.4125 0.4309 0.0199  -0.1265 0.0688  23  PRO A O   
191 C CB  . PRO A 23 ? 0.6019 0.5685 0.6289 0.0293  -0.1544 0.0680  23  PRO A CB  
192 C CG  . PRO A 23 ? 0.6760 0.6438 0.7120 0.0366  -0.1737 0.0699  23  PRO A CG  
193 C CD  . PRO A 23 ? 0.6269 0.5764 0.6236 0.0418  -0.1839 0.0761  23  PRO A CD  
194 N N   . ARG A 24 ? 0.5148 0.4434 0.4698 0.0301  -0.1371 0.0838  24  ARG A N   
195 C CA  . ARG A 24 ? 0.5205 0.4386 0.4620 0.0270  -0.1194 0.0897  24  ARG A CA  
196 C C   . ARG A 24 ? 0.5724 0.4802 0.4783 0.0250  -0.1133 0.0902  24  ARG A C   
197 O O   . ARG A 24 ? 0.6452 0.5530 0.5481 0.0197  -0.0972 0.0887  24  ARG A O   
198 C CB  . ARG A 24 ? 0.5263 0.4308 0.4651 0.0322  -0.1198 0.1014  24  ARG A CB  
199 C CG  . ARG A 24 ? 0.6582 0.5523 0.5899 0.0280  -0.1011 0.1073  24  ARG A CG  
200 C CD  . ARG A 24 ? 0.7795 0.6597 0.7139 0.0328  -0.1021 0.1185  24  ARG A CD  
201 N NE  . ARG A 24 ? 0.7664 0.6574 0.7366 0.0356  -0.1082 0.1145  24  ARG A NE  
202 C CZ  . ARG A 24 ? 0.7351 0.6348 0.7326 0.0316  -0.0973 0.1091  24  ARG A CZ  
203 N NH1 . ARG A 24 ? 0.7005 0.5995 0.6948 0.0247  -0.0812 0.1071  24  ARG A NH1 
204 N NH2 . ARG A 24 ? 0.7032 0.6128 0.7312 0.0350  -0.1026 0.1049  24  ARG A NH2 
205 N N   . ALA A 25 ? 0.5747 0.4743 0.4540 0.0298  -0.1267 0.0915  25  ALA A N   
206 C CA  . ALA A 25 ? 0.6112 0.5014 0.4546 0.0290  -0.1219 0.0905  25  ALA A CA  
207 C C   . ALA A 25 ? 0.5514 0.4541 0.4044 0.0234  -0.1179 0.0774  25  ALA A C   
208 O O   . ALA A 25 ? 0.5594 0.4590 0.3974 0.0199  -0.1043 0.0752  25  ALA A O   
209 C CB  . ALA A 25 ? 0.6911 0.5699 0.5029 0.0365  -0.1394 0.0935  25  ALA A CB  
210 N N   . SER A 26 ? 0.5842 0.5009 0.4639 0.0224  -0.1292 0.0691  26  SER A N   
211 C CA  . SER A 26 ? 0.5074 0.4345 0.3982 0.0172  -0.1265 0.0576  26  SER A CA  
212 C C   . SER A 26 ? 0.4324 0.3666 0.3406 0.0114  -0.1079 0.0565  26  SER A C   
213 O O   . SER A 26 ? 0.4243 0.3589 0.3250 0.0080  -0.0989 0.0510  26  SER A O   
214 C CB  . SER A 26 ? 0.5039 0.4441 0.4225 0.0169  -0.1417 0.0504  26  SER A CB  
215 O OG  . SER A 26 ? 0.6402 0.5746 0.5411 0.0218  -0.1602 0.0482  26  SER A OG  
216 N N   . LEU A 27 ? 0.4110 0.3505 0.3419 0.0108  -0.1028 0.0610  27  LEU A N   
217 C CA  . LEU A 27 ? 0.4015 0.3479 0.3486 0.0060  -0.0870 0.0595  27  LEU A CA  
218 C C   . LEU A 27 ? 0.4476 0.3836 0.3725 0.0046  -0.0729 0.0633  27  LEU A C   
219 O O   . LEU A 27 ? 0.3874 0.3283 0.3171 0.0006  -0.0616 0.0587  27  LEU A O   
220 C CB  . LEU A 27 ? 0.4432 0.3955 0.4161 0.0067  -0.0852 0.0630  27  LEU A CB  
221 C CG  . LEU A 27 ? 0.3949 0.3624 0.3972 0.0063  -0.0929 0.0576  27  LEU A CG  
222 C CD1 . LEU A 27 ? 0.4327 0.4034 0.4557 0.0096  -0.0946 0.0615  27  LEU A CD1 
223 C CD2 . LEU A 27 ? 0.3337 0.3125 0.3500 0.0011  -0.0837 0.0505  27  LEU A CD2 
224 N N   . GLY A 28 ? 0.4502 0.3719 0.3520 0.0081  -0.0735 0.0721  28  GLY A N   
225 C CA  . GLY A 28 ? 0.5079 0.4192 0.3890 0.0064  -0.0588 0.0771  28  GLY A CA  
226 C C   . GLY A 28 ? 0.5005 0.4109 0.3608 0.0053  -0.0543 0.0705  28  GLY A C   
227 O O   . GLY A 28 ? 0.4605 0.3729 0.3215 0.0016  -0.0395 0.0682  28  GLY A O   
228 N N   . ARG A 29 ? 0.4673 0.3749 0.3112 0.0088  -0.0679 0.0665  29  ARG A N   
229 C CA  . ARG A 29 ? 0.4779 0.3841 0.3027 0.0086  -0.0661 0.0581  29  ARG A CA  
230 C C   . ARG A 29 ? 0.4574 0.3770 0.3071 0.0040  -0.0611 0.0479  29  ARG A C   
231 O O   . ARG A 29 ? 0.4485 0.3679 0.2908 0.0023  -0.0496 0.0433  29  ARG A O   
232 C CB  . ARG A 29 ? 0.5088 0.4095 0.3140 0.0134  -0.0848 0.0546  29  ARG A CB  
233 C CG  . ARG A 29 ? 0.6375 0.5359 0.4229 0.0139  -0.0852 0.0439  29  ARG A CG  
234 C CD  . ARG A 29 ? 0.8098 0.7000 0.5697 0.0138  -0.0668 0.0461  29  ARG A CD  
235 N NE  . ARG A 29 ? 0.9128 0.7989 0.6492 0.0158  -0.0683 0.0354  29  ARG A NE  
236 C CZ  . ARG A 29 ? 0.8721 0.7533 0.5878 0.0161  -0.0525 0.0334  29  ARG A CZ  
237 N NH1 . ARG A 29 ? 0.7945 0.6751 0.5119 0.0136  -0.0338 0.0418  29  ARG A NH1 
238 N NH2 . ARG A 29 ? 0.8864 0.7637 0.5819 0.0188  -0.0554 0.0221  29  ARG A NH2 
239 N N   . LEU A 30 ? 0.4221 0.3528 0.3010 0.0023  -0.0690 0.0448  30  LEU A N   
240 C CA  . LEU A 30 ? 0.3947 0.3371 0.2968 -0.0016 -0.0641 0.0372  30  LEU A CA  
241 C C   . LEU A 30 ? 0.3796 0.3259 0.2914 -0.0045 -0.0474 0.0390  30  LEU A C   
242 O O   . LEU A 30 ? 0.3700 0.3206 0.2864 -0.0065 -0.0399 0.0330  30  LEU A O   
243 C CB  . LEU A 30 ? 0.3733 0.3265 0.3045 -0.0028 -0.0735 0.0358  30  LEU A CB  
244 C CG  . LEU A 30 ? 0.3888 0.3418 0.3188 -0.0015 -0.0901 0.0308  30  LEU A CG  
245 C CD1 . LEU A 30 ? 0.3881 0.3523 0.3485 -0.0025 -0.0983 0.0312  30  LEU A CD1 
246 C CD2 . LEU A 30 ? 0.3858 0.3378 0.3106 -0.0033 -0.0901 0.0212  30  LEU A CD2 
247 N N   . ARG A 31 ? 0.3780 0.3227 0.2952 -0.0047 -0.0427 0.0467  31  ARG A N   
248 C CA  . ARG A 31 ? 0.3652 0.3138 0.2941 -0.0077 -0.0282 0.0478  31  ARG A CA  
249 C C   . ARG A 31 ? 0.3804 0.3234 0.2910 -0.0085 -0.0157 0.0471  31  ARG A C   
250 O O   . ARG A 31 ? 0.3817 0.3321 0.3044 -0.0109 -0.0061 0.0423  31  ARG A O   
251 C CB  . ARG A 31 ? 0.4067 0.3524 0.3447 -0.0077 -0.0265 0.0557  31  ARG A CB  
252 C CG  . ARG A 31 ? 0.4370 0.3881 0.3928 -0.0112 -0.0137 0.0552  31  ARG A CG  
253 C CD  . ARG A 31 ? 0.4418 0.3896 0.4103 -0.0111 -0.0133 0.0614  31  ARG A CD  
254 N NE  . ARG A 31 ? 0.4281 0.3821 0.4121 -0.0088 -0.0245 0.0602  31  ARG A NE  
255 C CZ  . ARG A 31 ? 0.5004 0.4480 0.4794 -0.0049 -0.0347 0.0656  31  ARG A CZ  
256 N NH1 . ARG A 31 ? 0.5244 0.4576 0.4800 -0.0026 -0.0360 0.0735  31  ARG A NH1 
257 N NH2 . ARG A 31 ? 0.4495 0.4053 0.4468 -0.0028 -0.0436 0.0634  31  ARG A NH2 
258 N N   . GLU A 32 ? 0.4384 0.3691 0.3203 -0.0060 -0.0158 0.0516  32  GLU A N   
259 C CA  . GLU A 32 ? 0.4449 0.3701 0.3069 -0.0063 -0.0028 0.0506  32  GLU A CA  
260 C C   . GLU A 32 ? 0.4275 0.3586 0.2896 -0.0059 -0.0031 0.0392  32  GLU A C   
261 O O   . GLU A 32 ? 0.4468 0.3825 0.3138 -0.0073 0.0094  0.0349  32  GLU A O   
262 C CB  . GLU A 32 ? 0.5168 0.4266 0.3426 -0.0025 -0.0041 0.0575  32  GLU A CB  
263 C CG  . GLU A 32 ? 0.8570 0.7572 0.6779 -0.0015 -0.0065 0.0701  32  GLU A CG  
264 C CD  . GLU A 32 ? 1.0743 0.9586 0.8560 0.0037  -0.0119 0.0768  32  GLU A CD  
265 O OE1 . GLU A 32 ? 0.9699 0.8506 0.7263 0.0059  -0.0104 0.0713  32  GLU A OE1 
266 O OE2 . GLU A 32 ? 1.1653 1.0402 0.9403 0.0063  -0.0181 0.0873  32  GLU A OE2 
267 N N   . LEU A 33 ? 0.4237 0.3545 0.2819 -0.0036 -0.0176 0.0338  33  LEU A N   
268 C CA  . LEU A 33 ? 0.4214 0.3551 0.2794 -0.0030 -0.0194 0.0229  33  LEU A CA  
269 C C   . LEU A 33 ? 0.4608 0.4068 0.3489 -0.0059 -0.0143 0.0187  33  LEU A C   
270 O O   . LEU A 33 ? 0.3888 0.3376 0.2790 -0.0056 -0.0068 0.0121  33  LEU A O   
271 C CB  . LEU A 33 ? 0.4285 0.3592 0.2811 -0.0010 -0.0371 0.0182  33  LEU A CB  
272 C CG  . LEU A 33 ? 0.4645 0.3823 0.2822 0.0033  -0.0440 0.0193  33  LEU A CG  
273 C CD1 . LEU A 33 ? 0.4688 0.3860 0.2879 0.0047  -0.0639 0.0134  33  LEU A CD1 
274 C CD2 . LEU A 33 ? 0.4885 0.3995 0.2800 0.0056  -0.0330 0.0137  33  LEU A CD2 
275 N N   . CYS A 34 ? 0.3686 0.3221 0.2795 -0.0080 -0.0182 0.0224  34  CYS A N   
276 C CA  . CYS A 34 ? 0.3422 0.3070 0.2790 -0.0100 -0.0145 0.0190  34  CYS A CA  
277 C C   . CYS A 34 ? 0.3388 0.3075 0.2807 -0.0111 0.0001  0.0187  34  CYS A C   
278 O O   . CYS A 34 ? 0.3327 0.3080 0.2863 -0.0110 0.0043  0.0128  34  CYS A O   
279 C CB  . CYS A 34 ? 0.3645 0.3359 0.3211 -0.0115 -0.0201 0.0234  34  CYS A CB  
280 S SG  . CYS A 34 ? 0.3549 0.3391 0.3380 -0.0128 -0.0194 0.0192  34  CYS A SG  
281 N N   . ASN A 35 ? 0.3498 0.3139 0.2839 -0.0120 0.0075  0.0251  35  ASN A N   
282 C CA  . ASN A 35 ? 0.3502 0.3177 0.2903 -0.0140 0.0224  0.0248  35  ASN A CA  
283 C C   . ASN A 35 ? 0.4016 0.3668 0.3272 -0.0121 0.0303  0.0190  35  ASN A C   
284 O O   . ASN A 35 ? 0.3579 0.3312 0.2973 -0.0126 0.0394  0.0139  35  ASN A O   
285 C CB  . ASN A 35 ? 0.4297 0.3907 0.3646 -0.0159 0.0292  0.0340  35  ASN A CB  
286 C CG  . ASN A 35 ? 0.5902 0.5568 0.5484 -0.0183 0.0267  0.0369  35  ASN A CG  
287 O OD1 . ASN A 35 ? 0.5712 0.5468 0.5504 -0.0206 0.0331  0.0335  35  ASN A OD1 
288 N ND2 . ASN A 35 ? 0.5789 0.5406 0.5345 -0.0171 0.0167  0.0420  35  ASN A ND2 
289 N N   . HIS A 36 ? 0.3899 0.3445 0.2881 -0.0093 0.0267  0.0190  36  HIS A N   
290 C CA  . HIS A 36 ? 0.4083 0.3599 0.2904 -0.0068 0.0347  0.0123  36  HIS A CA  
291 C C   . HIS A 36 ? 0.4553 0.4140 0.3522 -0.0051 0.0308  0.0017  36  HIS A C   
292 O O   . HIS A 36 ? 0.4321 0.3938 0.3303 -0.0034 0.0403  -0.0051 36  HIS A O   
293 C CB  . HIS A 36 ? 0.4825 0.4206 0.3289 -0.0035 0.0301  0.0133  36  HIS A CB  
294 C CG  . HIS A 36 ? 0.5165 0.4453 0.3430 -0.0041 0.0365  0.0246  36  HIS A CG  
295 N ND1 . HIS A 36 ? 0.6587 0.5898 0.4933 -0.0074 0.0528  0.0307  36  HIS A ND1 
296 C CD2 . HIS A 36 ? 0.5847 0.5010 0.3835 -0.0016 0.0287  0.0310  36  HIS A CD2 
297 C CE1 . HIS A 36 ? 0.6930 0.6121 0.5052 -0.0072 0.0556  0.0416  36  HIS A CE1 
298 N NE2 . HIS A 36 ? 0.6392 0.5492 0.4283 -0.0031 0.0407  0.0421  36  HIS A NE2 
299 N N   . TRP A 37 ? 0.3769 0.3378 0.2860 -0.0054 0.0173  0.0007  37  TRP A N   
300 C CA  . TRP A 37 ? 0.3639 0.3295 0.2878 -0.0040 0.0126  -0.0072 37  TRP A CA  
301 C C   . TRP A 37 ? 0.3411 0.3188 0.2918 -0.0049 0.0187  -0.0079 37  TRP A C   
302 O O   . TRP A 37 ? 0.3403 0.3221 0.2985 -0.0028 0.0244  -0.0145 37  TRP A O   
303 C CB  . TRP A 37 ? 0.3570 0.3203 0.2848 -0.0046 -0.0030 -0.0070 37  TRP A CB  
304 C CG  . TRP A 37 ? 0.3421 0.3095 0.2885 -0.0041 -0.0077 -0.0120 37  TRP A CG  
305 C CD1 . TRP A 37 ? 0.3430 0.3114 0.2948 -0.0014 -0.0030 -0.0191 37  TRP A CD1 
306 C CD2 . TRP A 37 ? 0.3269 0.2971 0.2888 -0.0060 -0.0177 -0.0095 37  TRP A CD2 
307 N NE1 . TRP A 37 ? 0.3673 0.3377 0.3361 -0.0015 -0.0099 -0.0203 37  TRP A NE1 
308 C CE2 . TRP A 37 ? 0.3199 0.2917 0.2948 -0.0046 -0.0182 -0.0142 37  TRP A CE2 
309 C CE3 . TRP A 37 ? 0.3190 0.2913 0.2864 -0.0086 -0.0253 -0.0034 37  TRP A CE3 
310 C CZ2 . TRP A 37 ? 0.3947 0.3685 0.3854 -0.0063 -0.0254 -0.0119 37  TRP A CZ2 
311 C CZ3 . TRP A 37 ? 0.3481 0.3242 0.3330 -0.0102 -0.0318 -0.0022 37  TRP A CZ3 
312 C CH2 . TRP A 37 ? 0.3567 0.3331 0.3520 -0.0093 -0.0313 -0.0059 37  TRP A CH2 
313 N N   . LEU A 38 ? 0.3244 0.3081 0.2893 -0.0079 0.0170  -0.0018 38  LEU A N   
314 C CA  . LEU A 38 ? 0.3031 0.2984 0.2925 -0.0082 0.0184  -0.0031 38  LEU A CA  
315 C C   . LEU A 38 ? 0.3010 0.3034 0.3012 -0.0097 0.0307  -0.0032 38  LEU A C   
316 O O   . LEU A 38 ? 0.2997 0.3125 0.3202 -0.0091 0.0318  -0.0063 38  LEU A O   
317 C CB  . LEU A 38 ? 0.2870 0.2857 0.2873 -0.0100 0.0098  0.0017  38  LEU A CB  
318 C CG  . LEU A 38 ? 0.2855 0.2803 0.2837 -0.0092 -0.0016 0.0015  38  LEU A CG  
319 C CD1 . LEU A 38 ? 0.3027 0.3018 0.3114 -0.0110 -0.0082 0.0066  38  LEU A CD1 
320 C CD2 . LEU A 38 ? 0.3127 0.3089 0.3184 -0.0068 -0.0031 -0.0040 38  LEU A CD2 
321 N N   . ARG A 39 ? 0.3171 0.3138 0.3039 -0.0114 0.0391  0.0006  39  ARG A N   
322 C CA  . ARG A 39 ? 0.3205 0.3228 0.3167 -0.0135 0.0531  0.0004  39  ARG A CA  
323 C C   . ARG A 39 ? 0.3557 0.3698 0.3799 -0.0157 0.0532  -0.0005 39  ARG A C   
324 O O   . ARG A 39 ? 0.3333 0.3580 0.3759 -0.0146 0.0573  -0.0068 39  ARG A O   
325 C CB  . ARG A 39 ? 0.3309 0.3358 0.3254 -0.0106 0.0623  -0.0072 39  ARG A CB  
326 C CG  . ARG A 39 ? 0.4666 0.4594 0.4309 -0.0079 0.0645  -0.0082 39  ARG A CG  
327 C CD  . ARG A 39 ? 0.5095 0.4928 0.4526 -0.0106 0.0724  0.0005  39  ARG A CD  
328 N NE  . ARG A 39 ? 0.6224 0.6119 0.5814 -0.0149 0.0857  0.0048  39  ARG A NE  
329 C CZ  . ARG A 39 ? 0.6635 0.6555 0.6226 -0.0159 0.1027  0.0035  39  ARG A CZ  
330 N NH1 . ARG A 39 ? 0.6321 0.6213 0.5743 -0.0118 0.1088  -0.0024 39  ARG A NH1 
331 N NH2 . ARG A 39 ? 0.6811 0.6789 0.6591 -0.0210 0.1140  0.0076  39  ARG A NH2 
332 N N   . PRO A 40 ? 0.2927 0.3054 0.3208 -0.0183 0.0482  0.0051  40  PRO A N   
333 C CA  . PRO A 40 ? 0.2751 0.2986 0.3281 -0.0199 0.0469  0.0027  40  PRO A CA  
334 C C   . PRO A 40 ? 0.2943 0.3246 0.3644 -0.0231 0.0591  0.0003  40  PRO A C   
335 O O   . PRO A 40 ? 0.3768 0.4185 0.4700 -0.0235 0.0576  -0.0050 40  PRO A O   
336 C CB  . PRO A 40 ? 0.3826 0.4005 0.4328 -0.0218 0.0407  0.0092  40  PRO A CB  
337 C CG  . PRO A 40 ? 0.4037 0.4078 0.4295 -0.0222 0.0428  0.0163  40  PRO A CG  
338 C CD  . PRO A 40 ? 0.3685 0.3704 0.3797 -0.0188 0.0415  0.0124  40  PRO A CD  
339 N N   . ALA A 41 ? 0.3067 0.3303 0.3660 -0.0254 0.0710  0.0042  41  ALA A N   
340 C CA  . ALA A 41 ? 0.3227 0.3535 0.4007 -0.0292 0.0848  0.0021  41  ALA A CA  
341 C C   . ALA A 41 ? 0.3773 0.4214 0.4716 -0.0262 0.0878  -0.0077 41  ALA A C   
342 O O   . ALA A 41 ? 0.3176 0.3729 0.4370 -0.0288 0.0961  -0.0121 41  ALA A O   
343 C CB  . ALA A 41 ? 0.3697 0.3892 0.4293 -0.0322 0.0987  0.0099  41  ALA A CB  
344 N N   . LEU A 42 ? 0.2930 0.3359 0.3749 -0.0207 0.0813  -0.0114 42  LEU A N   
345 C CA  . LEU A 42 ? 0.2897 0.3430 0.3852 -0.0164 0.0835  -0.0205 42  LEU A CA  
346 C C   . LEU A 42 ? 0.2710 0.3322 0.3805 -0.0121 0.0694  -0.0255 42  LEU A C   
347 O O   . LEU A 42 ? 0.2655 0.3379 0.3941 -0.0087 0.0696  -0.0329 42  LEU A O   
348 C CB  . LEU A 42 ? 0.3066 0.3513 0.3785 -0.0123 0.0872  -0.0221 42  LEU A CB  
349 C CG  . LEU A 42 ? 0.3312 0.3667 0.3817 -0.0147 0.1014  -0.0174 42  LEU A CG  
350 C CD1 . LEU A 42 ? 0.3484 0.3767 0.3764 -0.0093 0.1031  -0.0223 42  LEU A CD1 
351 C CD2 . LEU A 42 ? 0.3800 0.4254 0.4515 -0.0189 0.1184  -0.0184 42  LEU A CD2 
352 N N   . HIS A 43 ? 0.2673 0.3224 0.3666 -0.0119 0.0576  -0.0210 43  HIS A N   
353 C CA  . HIS A 43 ? 0.2506 0.3098 0.3555 -0.0074 0.0448  -0.0237 43  HIS A CA  
354 C C   . HIS A 43 ? 0.2375 0.3021 0.3534 -0.0090 0.0372  -0.0224 43  HIS A C   
355 O O   . HIS A 43 ? 0.3027 0.3620 0.4128 -0.0130 0.0376  -0.0173 43  HIS A O   
356 C CB  . HIS A 43 ? 0.2553 0.3023 0.3378 -0.0053 0.0374  -0.0201 43  HIS A CB  
357 C CG  . HIS A 43 ? 0.2906 0.3311 0.3601 -0.0027 0.0427  -0.0232 43  HIS A CG  
358 N ND1 . HIS A 43 ? 0.3175 0.3450 0.3635 -0.0031 0.0407  -0.0202 43  HIS A ND1 
359 C CD2 . HIS A 43 ? 0.3409 0.3864 0.4185 0.0004  0.0501  -0.0301 43  HIS A CD2 
360 C CE1 . HIS A 43 ? 0.3297 0.3538 0.3678 -0.0001 0.0464  -0.0256 43  HIS A CE1 
361 N NE2 . HIS A 43 ? 0.3065 0.3413 0.3638 0.0022  0.0527  -0.0315 43  HIS A NE2 
362 N N   . THR A 44 ? 0.2339 0.3080 0.3635 -0.0049 0.0295  -0.0271 44  THR A N   
363 C CA  . THR A 44 ? 0.2674 0.3465 0.4041 -0.0051 0.0213  -0.0271 44  THR A CA  
364 C C   . THR A 44 ? 0.3572 0.4276 0.4758 -0.0040 0.0138  -0.0209 44  THR A C   
365 O O   . THR A 44 ? 0.2378 0.2997 0.3426 -0.0027 0.0131  -0.0178 44  THR A O   
366 C CB  . THR A 44 ? 0.2369 0.3277 0.3891 0.0002  0.0140  -0.0334 44  THR A CB  
367 O OG1 . THR A 44 ? 0.2245 0.3112 0.3678 0.0058  0.0096  -0.0325 44  THR A OG1 
368 C CG2 . THR A 44 ? 0.2352 0.3381 0.4116 -0.0006 0.0203  -0.0412 44  THR A CG2 
369 N N   . LYS A 45 ? 0.2240 0.2967 0.3442 -0.0045 0.0083  -0.0197 45  LYS A N   
370 C CA  . LYS A 45 ? 0.2401 0.3068 0.3465 -0.0033 0.0021  -0.0142 45  LYS A CA  
371 C C   . LYS A 45 ? 0.2111 0.2766 0.3127 0.0016  -0.0030 -0.0136 45  LYS A C   
372 O O   . LYS A 45 ? 0.2612 0.3184 0.3511 0.0015  -0.0050 -0.0087 45  LYS A O   
373 C CB  . LYS A 45 ? 0.2903 0.3626 0.4010 -0.0027 -0.0028 -0.0152 45  LYS A CB  
374 C CG  . LYS A 45 ? 0.3603 0.4307 0.4742 -0.0071 0.0005  -0.0147 45  LYS A CG  
375 C CD  . LYS A 45 ? 0.2716 0.3480 0.3892 -0.0052 -0.0049 -0.0177 45  LYS A CD  
376 C CE  . LYS A 45 ? 0.2928 0.3695 0.4210 -0.0089 -0.0019 -0.0209 45  LYS A CE  
377 N NZ  . LYS A 45 ? 0.2478 0.3294 0.3763 -0.0060 -0.0074 -0.0245 45  LYS A NZ  
378 N N   . LYS A 46 ? 0.2535 0.3271 0.3657 0.0059  -0.0058 -0.0185 46  LYS A N   
379 C CA  . LYS A 46 ? 0.3240 0.3954 0.4326 0.0115  -0.0112 -0.0173 46  LYS A CA  
380 C C   . LYS A 46 ? 0.2934 0.3551 0.3950 0.0109  -0.0076 -0.0161 46  LYS A C   
381 O O   . LYS A 46 ? 0.2532 0.3064 0.3456 0.0122  -0.0112 -0.0118 46  LYS A O   
382 C CB  . LYS A 46 ? 0.3240 0.4058 0.4469 0.0170  -0.0150 -0.0236 46  LYS A CB  
383 C CG  . LYS A 46 ? 0.3493 0.4276 0.4693 0.0237  -0.0212 -0.0217 46  LYS A CG  
384 C CD  . LYS A 46 ? 0.4668 0.5568 0.6032 0.0300  -0.0263 -0.0286 46  LYS A CD  
385 C CE  . LYS A 46 ? 0.5792 0.6647 0.7153 0.0377  -0.0319 -0.0272 46  LYS A CE  
386 N NZ  . LYS A 46 ? 0.6793 0.7594 0.8017 0.0420  -0.0401 -0.0196 46  LYS A NZ  
387 N N   . GLN A 47 ? 0.2695 0.3323 0.3756 0.0090  -0.0001 -0.0203 47  GLN A N   
388 C CA  . GLN A 47 ? 0.2529 0.3065 0.3505 0.0094  0.0036  -0.0209 47  GLN A CA  
389 C C   . GLN A 47 ? 0.2643 0.3066 0.3447 0.0053  0.0032  -0.0155 47  GLN A C   
390 O O   . GLN A 47 ? 0.2438 0.2766 0.3151 0.0064  0.0010  -0.0151 47  GLN A O   
391 C CB  . GLN A 47 ? 0.2869 0.3448 0.3917 0.0087  0.0135  -0.0267 47  GLN A CB  
392 C CG  . GLN A 47 ? 0.2742 0.3222 0.3656 0.0088  0.0188  -0.0281 47  GLN A CG  
393 C CD  . GLN A 47 ? 0.3923 0.4370 0.4864 0.0149  0.0159  -0.0325 47  GLN A CD  
394 O OE1 . GLN A 47 ? 0.4159 0.4661 0.5202 0.0183  0.0218  -0.0392 47  GLN A OE1 
395 N NE2 . GLN A 47 ? 0.3632 0.3993 0.4500 0.0165  0.0072  -0.0289 47  GLN A NE2 
396 N N   . ILE A 48 ? 0.2323 0.2751 0.3097 0.0009  0.0046  -0.0120 48  ILE A N   
397 C CA  . ILE A 48 ? 0.2364 0.2698 0.2997 -0.0022 0.0027  -0.0070 48  ILE A CA  
398 C C   . ILE A 48 ? 0.2504 0.2804 0.3115 -0.0011 -0.0052 -0.0034 48  ILE A C   
399 O O   . ILE A 48 ? 0.2445 0.2658 0.2973 -0.0018 -0.0081 -0.0022 48  ILE A O   
400 C CB  . ILE A 48 ? 0.2537 0.2883 0.3166 -0.0061 0.0050  -0.0036 48  ILE A CB  
401 C CG1 . ILE A 48 ? 0.2758 0.3104 0.3385 -0.0084 0.0143  -0.0053 48  ILE A CG1 
402 C CG2 . ILE A 48 ? 0.2422 0.2692 0.2942 -0.0084 0.0002  0.0018  48  ILE A CG2 
403 C CD1 . ILE A 48 ? 0.3351 0.3721 0.4042 -0.0119 0.0168  -0.0026 48  ILE A CD1 
404 N N   . LEU A 49 ? 0.2346 0.2714 0.3033 0.0005  -0.0084 -0.0018 49  LEU A N   
405 C CA  . LEU A 49 ? 0.2448 0.2784 0.3116 0.0016  -0.0140 0.0029  49  LEU A CA  
406 C C   . LEU A 49 ? 0.2398 0.2664 0.3057 0.0045  -0.0164 0.0019  49  LEU A C   
407 O O   . LEU A 49 ? 0.2401 0.2589 0.3025 0.0033  -0.0196 0.0054  49  LEU A O   
408 C CB  . LEU A 49 ? 0.2443 0.2861 0.3158 0.0040  -0.0163 0.0047  49  LEU A CB  
409 C CG  . LEU A 49 ? 0.3835 0.4280 0.4536 0.0009  -0.0160 0.0081  49  LEU A CG  
410 C CD1 . LEU A 49 ? 0.3899 0.4359 0.4617 -0.0022 -0.0123 0.0053  49  LEU A CD1 
411 C CD2 . LEU A 49 ? 0.5523 0.6042 0.6239 0.0039  -0.0178 0.0089  49  LEU A CD2 
412 N N   . GLU A 50 ? 0.2508 0.2800 0.3220 0.0086  -0.0147 -0.0033 50  GLU A N   
413 C CA  . GLU A 50 ? 0.2480 0.2696 0.3198 0.0123  -0.0171 -0.0049 50  GLU A CA  
414 C C   . GLU A 50 ? 0.2906 0.3014 0.3541 0.0097  -0.0162 -0.0071 50  GLU A C   
415 O O   . GLU A 50 ? 0.3158 0.3167 0.3782 0.0106  -0.0202 -0.0064 50  GLU A O   
416 C CB  . GLU A 50 ? 0.3377 0.3655 0.4194 0.0177  -0.0150 -0.0114 50  GLU A CB  
417 C CG  . GLU A 50 ? 0.4413 0.4622 0.5268 0.0235  -0.0191 -0.0123 50  GLU A CG  
418 C CD  . GLU A 50 ? 0.3871 0.4070 0.4733 0.0268  -0.0258 -0.0051 50  GLU A CD  
419 O OE1 . GLU A 50 ? 0.4672 0.4927 0.5502 0.0246  -0.0270 -0.0002 50  GLU A OE1 
420 O OE2 . GLU A 50 ? 0.4429 0.4557 0.5322 0.0320  -0.0296 -0.0043 50  GLU A OE2 
421 N N   . LEU A 51 ? 0.2555 0.2670 0.3127 0.0067  -0.0115 -0.0098 51  LEU A N   
422 C CA  . LEU A 51 ? 0.2672 0.2682 0.3126 0.0048  -0.0121 -0.0123 51  LEU A CA  
423 C C   . LEU A 51 ? 0.2981 0.2932 0.3403 0.0009  -0.0187 -0.0071 51  LEU A C   
424 O O   . LEU A 51 ? 0.2779 0.2631 0.3153 0.0001  -0.0230 -0.0095 51  LEU A O   
425 C CB  . LEU A 51 ? 0.2770 0.2792 0.3131 0.0029  -0.0055 -0.0147 51  LEU A CB  
426 C CG  . LEU A 51 ? 0.2750 0.2829 0.3157 0.0060  0.0033  -0.0208 51  LEU A CG  
427 C CD1 . LEU A 51 ? 0.3898 0.3978 0.4199 0.0030  0.0111  -0.0204 51  LEU A CD1 
428 C CD2 . LEU A 51 ? 0.2873 0.2885 0.3268 0.0105  0.0033  -0.0278 51  LEU A CD2 
429 N N   . LEU A 52 ? 0.2568 0.2582 0.3024 -0.0017 -0.0198 -0.0011 52  LEU A N   
430 C CA  . LEU A 52 ? 0.2561 0.2543 0.3028 -0.0053 -0.0252 0.0039  52  LEU A CA  
431 C C   . LEU A 52 ? 0.2587 0.2524 0.3127 -0.0044 -0.0286 0.0068  52  LEU A C   
432 O O   . LEU A 52 ? 0.3111 0.2973 0.3667 -0.0073 -0.0331 0.0077  52  LEU A O   
433 C CB  . LEU A 52 ? 0.2450 0.2520 0.2952 -0.0073 -0.0242 0.0091  52  LEU A CB  
434 C CG  . LEU A 52 ? 0.3264 0.3358 0.3704 -0.0083 -0.0208 0.0075  52  LEU A CG  
435 C CD1 . LEU A 52 ? 0.3933 0.4111 0.4431 -0.0092 -0.0191 0.0111  52  LEU A CD1 
436 C CD2 . LEU A 52 ? 0.3359 0.3373 0.3705 -0.0105 -0.0249 0.0068  52  LEU A CD2 
437 N N   . VAL A 53 ? 0.2610 0.2587 0.3197 -0.0005 -0.0268 0.0084  53  VAL A N   
438 C CA  . VAL A 53 ? 0.2613 0.2530 0.3252 0.0013  -0.0295 0.0126  53  VAL A CA  
439 C C   . VAL A 53 ? 0.3335 0.3127 0.3975 0.0022  -0.0322 0.0075  53  VAL A C   
440 O O   . VAL A 53 ? 0.2825 0.2525 0.3507 -0.0001 -0.0357 0.0104  53  VAL A O   
441 C CB  . VAL A 53 ? 0.2764 0.2740 0.3430 0.0070  -0.0285 0.0142  53  VAL A CB  
442 C CG1 . VAL A 53 ? 0.3119 0.2999 0.3819 0.0103  -0.0316 0.0184  53  VAL A CG1 
443 C CG2 . VAL A 53 ? 0.2841 0.2925 0.3500 0.0065  -0.0270 0.0190  53  VAL A CG2 
444 N N   . LEU A 54 ? 0.2776 0.2564 0.3380 0.0054  -0.0300 -0.0006 54  LEU A N   
445 C CA  . LEU A 54 ? 0.2919 0.2586 0.3512 0.0070  -0.0322 -0.0074 54  LEU A CA  
446 C C   . LEU A 54 ? 0.3322 0.2908 0.3865 0.0018  -0.0365 -0.0097 54  LEU A C   
447 O O   . LEU A 54 ? 0.3702 0.3171 0.4278 0.0013  -0.0409 -0.0125 54  LEU A O   
448 C CB  . LEU A 54 ? 0.2958 0.2650 0.3516 0.0117  -0.0272 -0.0164 54  LEU A CB  
449 C CG  . LEU A 54 ? 0.4019 0.3775 0.4673 0.0181  -0.0252 -0.0166 54  LEU A CG  
450 C CD1 . LEU A 54 ? 0.5294 0.5111 0.5945 0.0216  -0.0184 -0.0255 54  LEU A CD1 
451 C CD2 . LEU A 54 ? 0.4986 0.4627 0.5712 0.0221  -0.0301 -0.0154 54  LEU A CD2 
452 N N   . GLU A 55 ? 0.2943 0.2587 0.3414 -0.0018 -0.0360 -0.0091 55  GLU A N   
453 C CA  . GLU A 55 ? 0.3031 0.2608 0.3455 -0.0061 -0.0419 -0.0118 55  GLU A CA  
454 C C   . GLU A 55 ? 0.3560 0.3095 0.4115 -0.0103 -0.0473 -0.0063 55  GLU A C   
455 O O   . GLU A 55 ? 0.3416 0.2851 0.4004 -0.0127 -0.0534 -0.0106 55  GLU A O   
456 C CB  . GLU A 55 ? 0.3053 0.2700 0.3386 -0.0085 -0.0414 -0.0103 55  GLU A CB  
457 C CG  . GLU A 55 ? 0.3514 0.3099 0.3790 -0.0118 -0.0495 -0.0135 55  GLU A CG  
458 C CD  . GLU A 55 ? 0.3563 0.3216 0.3786 -0.0139 -0.0507 -0.0094 55  GLU A CD  
459 O OE1 . GLU A 55 ? 0.3158 0.2904 0.3450 -0.0145 -0.0465 -0.0026 55  GLU A OE1 
460 O OE2 . GLU A 55 ? 0.3649 0.3253 0.3755 -0.0143 -0.0564 -0.0134 55  GLU A OE2 
461 N N   . GLN A 56 ? 0.3145 0.2761 0.3780 -0.0115 -0.0445 0.0029  56  GLN A N   
462 C CA  . GLN A 56 ? 0.3783 0.3376 0.4548 -0.0159 -0.0469 0.0098  56  GLN A CA  
463 C C   . GLN A 56 ? 0.3673 0.3144 0.4509 -0.0145 -0.0481 0.0104  56  GLN A C   
464 O O   . GLN A 56 ? 0.3195 0.2579 0.4133 -0.0190 -0.0523 0.0110  56  GLN A O   
465 C CB  . GLN A 56 ? 0.3179 0.2884 0.3985 -0.0165 -0.0420 0.0193  56  GLN A CB  
466 C CG  . GLN A 56 ? 0.2817 0.2507 0.3759 -0.0214 -0.0420 0.0275  56  GLN A CG  
467 C CD  . GLN A 56 ? 0.3451 0.3143 0.4487 -0.0277 -0.0472 0.0255  56  GLN A CD  
468 O OE1 . GLN A 56 ? 0.3488 0.3243 0.4477 -0.0282 -0.0496 0.0215  56  GLN A OE1 
469 N NE2 . GLN A 56 ? 0.3591 0.3213 0.4771 -0.0325 -0.0490 0.0285  56  GLN A NE2 
470 N N   . PHE A 57 ? 0.3040 0.2501 0.3839 -0.0083 -0.0450 0.0099  57  PHE A N   
471 C CA  . PHE A 57 ? 0.3164 0.2502 0.4027 -0.0053 -0.0463 0.0109  57  PHE A CA  
472 C C   . PHE A 57 ? 0.3554 0.2754 0.4433 -0.0060 -0.0514 0.0009  57  PHE A C   
473 O O   . PHE A 57 ? 0.4527 0.3605 0.5512 -0.0088 -0.0548 0.0027  57  PHE A O   
474 C CB  . PHE A 57 ? 0.3644 0.3015 0.4471 0.0028  -0.0433 0.0105  57  PHE A CB  
475 C CG  . PHE A 57 ? 0.4227 0.3465 0.5119 0.0075  -0.0454 0.0119  57  PHE A CG  
476 C CD1 . PHE A 57 ? 0.5053 0.4227 0.6005 0.0067  -0.0456 0.0237  57  PHE A CD1 
477 C CD2 . PHE A 57 ? 0.3859 0.3032 0.4752 0.0132  -0.0464 0.0017  57  PHE A CD2 
478 C CE1 . PHE A 57 ? 0.5465 0.4499 0.6476 0.0116  -0.0479 0.0262  57  PHE A CE1 
479 C CE2 . PHE A 57 ? 0.4001 0.3044 0.4971 0.0184  -0.0489 0.0029  57  PHE A CE2 
480 C CZ  . PHE A 57 ? 0.4482 0.3448 0.5509 0.0175  -0.0501 0.0156  57  PHE A CZ  
481 N N   . LEU A 58 ? 0.4156 0.3372 0.4929 -0.0037 -0.0516 -0.0099 58  LEU A N   
482 C CA  . LEU A 58 ? 0.3670 0.2755 0.4423 -0.0034 -0.0565 -0.0215 58  LEU A CA  
483 C C   . LEU A 58 ? 0.3679 0.2709 0.4492 -0.0110 -0.0638 -0.0226 58  LEU A C   
484 O O   . LEU A 58 ? 0.4280 0.3174 0.5149 -0.0123 -0.0698 -0.0299 58  LEU A O   
485 C CB  . LEU A 58 ? 0.3975 0.3098 0.4566 0.0007  -0.0537 -0.0321 58  LEU A CB  
486 C CG  . LEU A 58 ? 0.4668 0.3860 0.5239 0.0078  -0.0462 -0.0326 58  LEU A CG  
487 C CD1 . LEU A 58 ? 0.6084 0.5353 0.6504 0.0098  -0.0406 -0.0394 58  LEU A CD1 
488 C CD2 . LEU A 58 ? 0.5347 0.4424 0.5999 0.0136  -0.0471 -0.0377 58  LEU A CD2 
489 N N   . SER A 59 ? 0.3681 0.2821 0.4501 -0.0157 -0.0639 -0.0163 59  SER A N   
490 C CA  . SER A 59 ? 0.4043 0.3160 0.4947 -0.0228 -0.0715 -0.0179 59  SER A CA  
491 C C   . SER A 59 ? 0.5320 0.4352 0.6438 -0.0280 -0.0734 -0.0118 59  SER A C   
492 O O   . SER A 59 ? 0.5227 0.4202 0.6461 -0.0338 -0.0807 -0.0160 59  SER A O   
493 C CB  . SER A 59 ? 0.3860 0.3123 0.4738 -0.0258 -0.0711 -0.0128 59  SER A CB  
494 O OG  . SER A 59 ? 0.4498 0.3832 0.5509 -0.0287 -0.0663 -0.0007 59  SER A OG  
495 N N   . VAL A 60 ? 0.5249 0.4265 0.6421 -0.0258 -0.0670 -0.0020 60  VAL A N   
496 C CA  . VAL A 60 ? 0.5532 0.4453 0.6893 -0.0307 -0.0668 0.0063  60  VAL A CA  
497 C C   . VAL A 60 ? 0.6961 0.5698 0.8365 -0.0269 -0.0681 0.0037  60  VAL A C   
498 O O   . VAL A 60 ? 0.7474 0.6104 0.9031 -0.0305 -0.0674 0.0116  60  VAL A O   
499 C CB  . VAL A 60 ? 0.5291 0.4310 0.6689 -0.0318 -0.0587 0.0220  60  VAL A CB  
500 C CG1 . VAL A 60 ? 0.6362 0.5538 0.7784 -0.0367 -0.0578 0.0244  60  VAL A CG1 
501 C CG2 . VAL A 60 ? 0.5503 0.4573 0.6755 -0.0231 -0.0531 0.0257  60  VAL A CG2 
502 N N   . LEU A 61 ? 0.5584 0.4282 0.6865 -0.0196 -0.0693 -0.0069 61  LEU A N   
503 C CA  . LEU A 61 ? 0.4355 0.2878 0.5688 -0.0148 -0.0711 -0.0115 61  LEU A CA  
504 C C   . LEU A 61 ? 0.5541 0.3906 0.6985 -0.0196 -0.0794 -0.0222 61  LEU A C   
505 O O   . LEU A 61 ? 0.4970 0.3368 0.6359 -0.0227 -0.0850 -0.0330 61  LEU A O   
506 C CB  . LEU A 61 ? 0.5741 0.4288 0.6928 -0.0050 -0.0688 -0.0207 61  LEU A CB  
507 C CG  . LEU A 61 ? 0.6562 0.5164 0.7722 0.0027  -0.0629 -0.0122 61  LEU A CG  
508 C CD1 . LEU A 61 ? 0.6617 0.5325 0.7792 -0.0006 -0.0588 0.0036  61  LEU A CD1 
509 C CD2 . LEU A 61 ? 0.5035 0.3750 0.6061 0.0097  -0.0592 -0.0213 61  LEU A CD2 
510 N N   . PRO A 62 ? 0.6594 0.4777 0.8190 -0.0202 -0.0809 -0.0194 62  PRO A N   
511 C CA  . PRO A 62 ? 0.7441 0.5450 0.9151 -0.0234 -0.0893 -0.0323 62  PRO A CA  
512 C C   . PRO A 62 ? 0.6360 0.4340 0.7906 -0.0156 -0.0925 -0.0510 62  PRO A C   
513 O O   . PRO A 62 ? 0.6098 0.4122 0.7525 -0.0066 -0.0869 -0.0517 62  PRO A O   
514 C CB  . PRO A 62 ? 0.7741 0.5556 0.9616 -0.0225 -0.0879 -0.0238 62  PRO A CB  
515 C CG  . PRO A 62 ? 0.8092 0.5998 0.9973 -0.0232 -0.0796 -0.0032 62  PRO A CG  
516 C CD  . PRO A 62 ? 0.7355 0.5480 0.9029 -0.0181 -0.0753 -0.0032 62  PRO A CD  
517 N N   . PRO A 63 ? 0.7734 0.5650 0.9277 -0.0191 -0.1013 -0.0664 63  PRO A N   
518 C CA  . PRO A 63 ? 0.8148 0.6032 0.9507 -0.0119 -0.1040 -0.0853 63  PRO A CA  
519 C C   . PRO A 63 ? 0.6267 0.4038 0.7622 -0.0019 -0.0998 -0.0901 63  PRO A C   
520 O O   . PRO A 63 ? 0.6272 0.4102 0.7445 0.0063  -0.0953 -0.0990 63  PRO A O   
521 C CB  . PRO A 63 ? 0.9515 0.7276 1.0958 -0.0181 -0.1163 -0.0994 63  PRO A CB  
522 C CG  . PRO A 63 ? 0.8934 0.6774 1.0541 -0.0290 -0.1194 -0.0882 63  PRO A CG  
523 C CD  . PRO A 63 ? 0.8212 0.6087 0.9937 -0.0300 -0.1094 -0.0673 63  PRO A CD  
524 N N   . HIS A 64 ? 0.7012 0.4620 0.8571 -0.0023 -0.1006 -0.0839 64  HIS A N   
525 C CA  . HIS A 64 ? 0.8659 0.6134 1.0245 0.0078  -0.0985 -0.0897 64  HIS A CA  
526 C C   . HIS A 64 ? 0.8547 0.6151 1.0066 0.0158  -0.0894 -0.0782 64  HIS A C   
527 O O   . HIS A 64 ? 0.8008 0.5586 0.9498 0.0262  -0.0862 -0.0855 64  HIS A O   
528 C CB  . HIS A 64 ? 0.9101 0.6332 1.0934 0.0051  -0.1032 -0.0868 64  HIS A CB  
529 C CG  . HIS A 64 ? 0.8128 0.5351 1.0103 0.0001  -0.0995 -0.0637 64  HIS A CG  
530 N ND1 . HIS A 64 ? 0.8485 0.5775 1.0543 -0.0116 -0.1001 -0.0531 64  HIS A ND1 
531 C CD2 . HIS A 64 ? 0.7647 0.4803 0.9689 0.0057  -0.0951 -0.0493 64  HIS A CD2 
532 C CE1 . HIS A 64 ? 0.8169 0.5432 1.0323 -0.0132 -0.0947 -0.0329 64  HIS A CE1 
533 N NE2 . HIS A 64 ? 0.7699 0.4877 0.9831 -0.0027 -0.0922 -0.0299 64  HIS A NE2 
534 N N   . VAL A 65 ? 0.7503 0.5255 0.9009 0.0113  -0.0853 -0.0614 65  VAL A N   
535 C CA  . VAL A 65 ? 0.7299 0.5192 0.8740 0.0181  -0.0780 -0.0509 65  VAL A CA  
536 C C   . VAL A 65 ? 0.5989 0.4070 0.7239 0.0214  -0.0735 -0.0598 65  VAL A C   
537 O O   . VAL A 65 ? 0.6445 0.4593 0.7649 0.0303  -0.0686 -0.0634 65  VAL A O   
538 C CB  . VAL A 65 ? 0.6998 0.4971 0.8480 0.0121  -0.0754 -0.0309 65  VAL A CB  
539 C CG1 . VAL A 65 ? 0.7298 0.5440 0.8687 0.0189  -0.0693 -0.0226 65  VAL A CG1 
540 C CG2 . VAL A 65 ? 0.7056 0.4833 0.8717 0.0094  -0.0776 -0.0197 65  VAL A CG2 
541 N N   . LEU A 66 ? 0.5045 0.3209 0.6201 0.0141  -0.0753 -0.0627 66  LEU A N   
542 C CA  . LEU A 66 ? 0.5539 0.3849 0.6498 0.0162  -0.0714 -0.0708 66  LEU A CA  
543 C C   . LEU A 66 ? 0.5230 0.3478 0.6106 0.0246  -0.0695 -0.0881 66  LEU A C   
544 O O   . LEU A 66 ? 0.5954 0.4321 0.6721 0.0305  -0.0619 -0.0917 66  LEU A O   
545 C CB  . LEU A 66 ? 0.5908 0.4256 0.6791 0.0077  -0.0767 -0.0732 66  LEU A CB  
546 C CG  . LEU A 66 ? 0.7422 0.5939 0.8107 0.0075  -0.0726 -0.0740 66  LEU A CG  
547 C CD1 . LEU A 66 ? 0.5537 0.4215 0.6243 0.0072  -0.0656 -0.0590 66  LEU A CD1 
548 C CD2 . LEU A 66 ? 0.6607 0.5126 0.7236 0.0002  -0.0807 -0.0776 66  LEU A CD2 
549 N N   . SER A 67 ? 0.6549 0.4611 0.7487 0.0251  -0.0759 -0.0994 67  SER A N   
550 C CA  . SER A 67 ? 0.7495 0.5486 0.8347 0.0332  -0.0743 -0.1178 67  SER A CA  
551 C C   . SER A 67 ? 0.7487 0.5512 0.8408 0.0436  -0.0664 -0.1170 67  SER A C   
552 O O   . SER A 67 ? 0.7170 0.5224 0.8001 0.0514  -0.0605 -0.1301 67  SER A O   
553 C CB  . SER A 67 ? 0.7193 0.4958 0.8131 0.0317  -0.0838 -0.1304 67  SER A CB  
554 O OG  . SER A 67 ? 0.7038 0.4661 0.8218 0.0304  -0.0876 -0.1210 67  SER A OG  
555 N N   . ARG A 68 ? 0.7247 0.5274 0.8329 0.0442  -0.0665 -0.1019 68  ARG A N   
556 C CA  . ARG A 68 ? 0.7239 0.5313 0.8407 0.0545  -0.0611 -0.0998 68  ARG A CA  
557 C C   . ARG A 68 ? 0.6683 0.4996 0.7741 0.0570  -0.0521 -0.0986 68  ARG A C   
558 O O   . ARG A 68 ? 0.7495 0.5882 0.8608 0.0659  -0.0464 -0.1023 68  ARG A O   
559 C CB  . ARG A 68 ? 0.8052 0.6062 0.9386 0.0546  -0.0649 -0.0826 68  ARG A CB  
560 C CG  . ARG A 68 ? 0.8883 0.6635 1.0360 0.0528  -0.0725 -0.0828 68  ARG A CG  
561 C CD  . ARG A 68 ? 0.9642 0.7331 1.1240 0.0504  -0.0750 -0.0623 68  ARG A CD  
562 N NE  . ARG A 68 ? 1.0816 0.8564 1.2460 0.0608  -0.0727 -0.0546 68  ARG A NE  
563 C CZ  . ARG A 68 ? 1.1790 0.9525 1.3479 0.0611  -0.0739 -0.0360 68  ARG A CZ  
564 N NH1 . ARG A 68 ? 1.1656 0.9324 1.3358 0.0512  -0.0754 -0.0226 68  ARG A NH1 
565 N NH2 . ARG A 68 ? 1.1681 0.9475 1.3404 0.0718  -0.0736 -0.0308 68  ARG A NH2 
566 N N   . LEU A 69 ? 0.5936 0.4364 0.6855 0.0489  -0.0507 -0.0936 69  LEU A N   
567 C CA  . LEU A 69 ? 0.5636 0.4273 0.6453 0.0498  -0.0420 -0.0922 69  LEU A CA  
568 C C   . LEU A 69 ? 0.7134 0.5797 0.7767 0.0511  -0.0362 -0.1068 69  LEU A C   
569 O O   . LEU A 69 ? 0.6774 0.5591 0.7313 0.0517  -0.0275 -0.1068 69  LEU A O   
570 C CB  . LEU A 69 ? 0.5213 0.3960 0.5986 0.0413  -0.0432 -0.0779 69  LEU A CB  
571 C CG  . LEU A 69 ? 0.5707 0.4462 0.6617 0.0402  -0.0466 -0.0621 69  LEU A CG  
572 C CD1 . LEU A 69 ? 0.4798 0.3645 0.5647 0.0312  -0.0474 -0.0509 69  LEU A CD1 
573 C CD2 . LEU A 69 ? 0.5778 0.4644 0.6772 0.0485  -0.0422 -0.0591 69  LEU A CD2 
574 N N   . HIS A 70 ? 0.7759 0.6261 0.8333 0.0514  -0.0411 -0.1194 70  HIS A N   
575 C CA  . HIS A 70 ? 0.9215 0.7717 0.9573 0.0534  -0.0363 -0.1341 70  HIS A CA  
576 C C   . HIS A 70 ? 0.9608 0.8235 0.9946 0.0617  -0.0227 -0.1403 70  HIS A C   
577 O O   . HIS A 70 ? 1.0294 0.8892 1.0790 0.0699  -0.0201 -0.1460 70  HIS A O   
578 C CB  . HIS A 70 ? 1.0166 0.8463 1.0500 0.0553  -0.0439 -0.1494 70  HIS A CB  
579 C CG  . HIS A 70 ? 1.0747 0.9030 1.0818 0.0579  -0.0400 -0.1653 70  HIS A CG  
580 N ND1 . HIS A 70 ? 1.1567 0.9863 1.1581 0.0674  -0.0295 -0.1788 70  HIS A ND1 
581 C CD2 . HIS A 70 ? 0.9844 0.8103 0.9680 0.0530  -0.0449 -0.1699 70  HIS A CD2 
582 C CE1 . HIS A 70 ? 1.1443 0.9717 1.1175 0.0680  -0.0273 -0.1906 70  HIS A CE1 
583 N NE2 . HIS A 70 ? 1.0583 0.8830 1.0196 0.0595  -0.0374 -0.1853 70  HIS A NE2 
584 N N   . GLY A 71 ? 0.9098 0.7862 0.9260 0.0595  -0.0141 -0.1390 71  GLY A N   
585 C CA  . GLY A 71 ? 0.8612 0.7505 0.8757 0.0659  0.0006  -0.1448 71  GLY A CA  
586 C C   . GLY A 71 ? 0.9975 0.9050 1.0300 0.0661  0.0066  -0.1333 71  GLY A C   
587 O O   . GLY A 71 ? 0.9875 0.9092 1.0191 0.0685  0.0193  -0.1355 71  GLY A O   
588 N N   . ALA A 72 ? 0.8795 0.7868 0.9286 0.0635  -0.0025 -0.1211 72  ALA A N   
589 C CA  . ALA A 72 ? 0.8321 0.7553 0.8989 0.0647  0.0004  -0.1113 72  ALA A CA  
590 C C   . ALA A 72 ? 0.7799 0.7170 0.8373 0.0570  0.0044  -0.1014 72  ALA A C   
591 O O   . ALA A 72 ? 0.7187 0.6509 0.7593 0.0500  0.0006  -0.0973 72  ALA A O   
592 C CB  . ALA A 72 ? 0.7465 0.6628 0.8311 0.0657  -0.0106 -0.1022 72  ALA A CB  
593 N N   . PRO A 73 ? 0.8782 0.8326 0.9481 0.0586  0.0115  -0.0980 73  PRO A N   
594 C CA  . PRO A 73 ? 0.8648 0.8315 0.9294 0.0516  0.0146  -0.0885 73  PRO A CA  
595 C C   . PRO A 73 ? 0.7615 0.7246 0.8270 0.0462  0.0034  -0.0762 73  PRO A C   
596 O O   . PRO A 73 ? 0.7133 0.6695 0.7898 0.0488  -0.0051 -0.0730 73  PRO A O   
597 C CB  . PRO A 73 ? 0.8627 0.8474 0.9479 0.0556  0.0218  -0.0889 73  PRO A CB  
598 C CG  . PRO A 73 ? 0.8910 0.8743 0.9872 0.0647  0.0266  -0.1011 73  PRO A CG  
599 C CD  . PRO A 73 ? 0.9076 0.8713 0.9994 0.0673  0.0164  -0.1037 73  PRO A CD  
600 N N   . LEU A 74 ? 0.6590 0.6264 0.7129 0.0389  0.0039  -0.0690 74  LEU A N   
601 C CA  . LEU A 74 ? 0.6230 0.5883 0.6781 0.0338  -0.0053 -0.0580 74  LEU A CA  
602 C C   . LEU A 74 ? 0.5243 0.5040 0.5808 0.0297  -0.0015 -0.0507 74  LEU A C   
603 O O   . LEU A 74 ? 0.5520 0.5317 0.5963 0.0238  -0.0013 -0.0466 74  LEU A O   
604 C CB  . LEU A 74 ? 0.7486 0.7008 0.7888 0.0287  -0.0116 -0.0578 74  LEU A CB  
605 C CG  . LEU A 74 ? 0.8215 0.7583 0.8596 0.0323  -0.0154 -0.0675 74  LEU A CG  
606 C CD1 . LEU A 74 ? 0.8305 0.7564 0.8532 0.0269  -0.0218 -0.0697 74  LEU A CD1 
607 C CD2 . LEU A 74 ? 0.7459 0.6757 0.8017 0.0357  -0.0220 -0.0643 74  LEU A CD2 
608 N N   . ARG A 75 ? 0.4226 0.4141 0.4951 0.0333  0.0008  -0.0498 75  ARG A N   
609 C CA  . ARG A 75 ? 0.4159 0.4214 0.4924 0.0298  0.0048  -0.0453 75  ARG A CA  
610 C C   . ARG A 75 ? 0.4087 0.4209 0.4974 0.0310  -0.0022 -0.0386 75  ARG A C   
611 O O   . ARG A 75 ? 0.4594 0.4802 0.5492 0.0274  -0.0019 -0.0339 75  ARG A O   
612 C CB  . ARG A 75 ? 0.5378 0.5546 0.6229 0.0322  0.0159  -0.0526 75  ARG A CB  
613 C CG  . ARG A 75 ? 0.7080 0.7182 0.7788 0.0323  0.0247  -0.0598 75  ARG A CG  
614 C CD  . ARG A 75 ? 0.7317 0.7538 0.8075 0.0314  0.0385  -0.0634 75  ARG A CD  
615 N NE  . ARG A 75 ? 0.6964 0.7266 0.7743 0.0252  0.0399  -0.0558 75  ARG A NE  
616 C CZ  . ARG A 75 ? 0.6980 0.7222 0.7576 0.0192  0.0406  -0.0497 75  ARG A CZ  
617 N NH1 . ARG A 75 ? 0.6025 0.6136 0.6394 0.0185  0.0395  -0.0505 75  ARG A NH1 
618 N NH2 . ARG A 75 ? 0.5874 0.6188 0.6525 0.0143  0.0415  -0.0435 75  ARG A NH2 
619 N N   . ASP A 76 ? 0.4288 0.4358 0.5253 0.0368  -0.0088 -0.0382 76  ASP A N   
620 C CA  . ASP A 76 ? 0.4876 0.5004 0.5935 0.0401  -0.0157 -0.0322 76  ASP A CA  
621 C C   . ASP A 76 ? 0.4090 0.4078 0.5123 0.0425  -0.0237 -0.0262 76  ASP A C   
622 O O   . ASP A 76 ? 0.4683 0.4567 0.5744 0.0466  -0.0250 -0.0303 76  ASP A O   
623 C CB  . ASP A 76 ? 0.4894 0.5145 0.6135 0.0474  -0.0147 -0.0385 76  ASP A CB  
624 C CG  . ASP A 76 ? 0.6752 0.7093 0.8068 0.0506  -0.0223 -0.0333 76  ASP A CG  
625 O OD1 . ASP A 76 ? 0.8013 0.8275 0.9246 0.0507  -0.0292 -0.0245 76  ASP A OD1 
626 O OD2 . ASP A 76 ? 0.6022 0.6514 0.7479 0.0529  -0.0211 -0.0381 76  ASP A OD2 
627 N N   . GLY A 77 ? 0.4170 0.4148 0.5152 0.0395  -0.0284 -0.0164 77  GLY A N   
628 C CA  . GLY A 77 ? 0.3718 0.3557 0.4679 0.0409  -0.0345 -0.0089 77  GLY A CA  
629 C C   . GLY A 77 ? 0.4168 0.3978 0.5226 0.0503  -0.0394 -0.0089 77  GLY A C   
630 O O   . GLY A 77 ? 0.4472 0.4132 0.5545 0.0529  -0.0427 -0.0068 77  GLY A O   
631 N N   . GLU A 78 ? 0.3643 0.3593 0.4785 0.0559  -0.0405 -0.0116 78  GLU A N   
632 C CA  . GLU A 78 ? 0.4591 0.4526 0.5838 0.0662  -0.0466 -0.0119 78  GLU A CA  
633 C C   . GLU A 78 ? 0.4197 0.4037 0.5527 0.0703  -0.0447 -0.0203 78  GLU A C   
634 O O   . GLU A 78 ? 0.4649 0.4361 0.6021 0.0767  -0.0501 -0.0176 78  GLU A O   
635 C CB  . GLU A 78 ? 0.5647 0.5774 0.7010 0.0713  -0.0481 -0.0172 78  GLU A CB  
636 C CG  . GLU A 78 ? 0.6997 0.7128 0.8508 0.0830  -0.0546 -0.0203 78  GLU A CG  
637 C CD  . GLU A 78 ? 0.8557 0.8538 0.9994 0.0886  -0.0639 -0.0086 78  GLU A CD  
638 O OE1 . GLU A 78 ? 0.9086 0.9048 1.0379 0.0853  -0.0664 0.0018  78  GLU A OE1 
639 O OE2 . GLU A 78 ? 0.7750 0.7629 0.9272 0.0967  -0.0679 -0.0095 78  GLU A OE2 
640 N N   . GLU A 79 ? 0.4620 0.4513 0.5962 0.0669  -0.0365 -0.0305 79  GLU A N   
641 C CA  . GLU A 79 ? 0.5413 0.5230 0.6820 0.0713  -0.0331 -0.0407 79  GLU A CA  
642 C C   . GLU A 79 ? 0.5683 0.5288 0.6996 0.0682  -0.0353 -0.0390 79  GLU A C   
643 O O   . GLU A 79 ? 0.5462 0.4942 0.6846 0.0744  -0.0380 -0.0429 79  GLU A O   
644 C CB  . GLU A 79 ? 0.4837 0.4775 0.6259 0.0688  -0.0223 -0.0515 79  GLU A CB  
645 C CG  . GLU A 79 ? 0.6382 0.6533 0.7951 0.0714  -0.0198 -0.0544 79  GLU A CG  
646 C CD  . GLU A 79 ? 0.8221 0.8420 0.9994 0.0827  -0.0259 -0.0576 79  GLU A CD  
647 O OE1 . GLU A 79 ? 0.9381 0.9453 1.1195 0.0893  -0.0286 -0.0604 79  GLU A OE1 
648 O OE2 . GLU A 79 ? 0.6346 0.6707 0.8249 0.0855  -0.0286 -0.0578 79  GLU A OE2 
649 N N   . VAL A 80 ? 0.4543 0.4108 0.5719 0.0588  -0.0345 -0.0336 80  VAL A N   
650 C CA  . VAL A 80 ? 0.4895 0.4271 0.6008 0.0546  -0.0377 -0.0319 80  VAL A CA  
651 C C   . VAL A 80 ? 0.4829 0.4072 0.6005 0.0583  -0.0452 -0.0223 80  VAL A C   
652 O O   . VAL A 80 ? 0.5966 0.5041 0.7191 0.0611  -0.0481 -0.0253 80  VAL A O   
653 C CB  . VAL A 80 ? 0.4614 0.4003 0.5600 0.0440  -0.0365 -0.0271 80  VAL A CB  
654 C CG1 . VAL A 80 ? 0.4328 0.3538 0.5291 0.0389  -0.0412 -0.0246 80  VAL A CG1 
655 C CG2 . VAL A 80 ? 0.4842 0.4328 0.5742 0.0408  -0.0294 -0.0358 80  VAL A CG2 
656 N N   . ALA A 81 ? 0.5323 0.4629 0.6489 0.0589  -0.0480 -0.0109 81  ALA A N   
657 C CA  . ALA A 81 ? 0.5611 0.4794 0.6802 0.0631  -0.0542 0.0008  81  ALA A CA  
658 C C   . ALA A 81 ? 0.5745 0.4849 0.7060 0.0743  -0.0584 -0.0037 81  ALA A C   
659 O O   . ALA A 81 ? 0.6516 0.5423 0.7870 0.0762  -0.0621 0.0001  81  ALA A O   
660 C CB  . ALA A 81 ? 0.5737 0.5034 0.6867 0.0638  -0.0561 0.0117  81  ALA A CB  
661 N N   . GLN A 82 ? 0.6238 0.5491 0.7635 0.0816  -0.0576 -0.0117 82  GLN A N   
662 C CA  . GLN A 82 ? 0.6470 0.5668 0.8012 0.0934  -0.0619 -0.0166 82  GLN A CA  
663 C C   . GLN A 82 ? 0.6126 0.5178 0.7721 0.0938  -0.0590 -0.0278 82  GLN A C   
664 O O   . GLN A 82 ? 0.7204 0.6113 0.8904 0.1020  -0.0636 -0.0292 82  GLN A O   
665 C CB  . GLN A 82 ? 0.7393 0.6809 0.9052 0.1009  -0.0617 -0.0238 82  GLN A CB  
666 C CG  . GLN A 82 ? 0.8931 0.8486 1.0646 0.0988  -0.0521 -0.0389 82  GLN A CG  
667 C CD  . GLN A 82 ? 1.1080 1.0852 1.2964 0.1059  -0.0518 -0.0456 82  GLN A CD  
668 O OE1 . GLN A 82 ? 1.1423 1.1306 1.3319 0.1077  -0.0577 -0.0391 82  GLN A OE1 
669 N NE2 . GLN A 82 ? 1.1730 1.1569 1.3751 0.1100  -0.0449 -0.0594 82  GLN A NE2 
670 N N   . LEU A 83 ? 0.6281 0.5358 0.7794 0.0855  -0.0521 -0.0360 83  LEU A N   
671 C CA  . LEU A 83 ? 0.6368 0.5301 0.7889 0.0854  -0.0499 -0.0476 83  LEU A CA  
672 C C   . LEU A 83 ? 0.8951 0.7640 1.0472 0.0826  -0.0562 -0.0406 83  LEU A C   
673 O O   . LEU A 83 ? 0.8755 0.7290 1.0299 0.0827  -0.0567 -0.0502 83  LEU A O   
674 C CB  . LEU A 83 ? 0.6987 0.5993 0.8375 0.0770  -0.0424 -0.0564 83  LEU A CB  
675 C CG  . LEU A 83 ? 0.7256 0.6404 0.8668 0.0813  -0.0335 -0.0706 83  LEU A CG  
676 C CD1 . LEU A 83 ? 0.8030 0.7245 0.9270 0.0725  -0.0265 -0.0747 83  LEU A CD1 
677 C CD2 . LEU A 83 ? 0.6798 0.5826 0.8302 0.0899  -0.0329 -0.0838 83  LEU A CD2 
678 N N   . GLU A 84 ? 0.9767 0.8418 1.1261 0.0798  -0.0607 -0.0243 84  GLU A N   
679 C CA  . GLU A 84 ? 1.0046 0.8470 1.1560 0.0763  -0.0654 -0.0151 84  GLU A CA  
680 C C   . GLU A 84 ? 1.0288 0.8653 1.1820 0.0813  -0.0704 0.0020  84  GLU A C   
681 O O   . GLU A 84 ? 1.1313 0.9520 1.2834 0.0763  -0.0724 0.0144  84  GLU A O   
682 C CB  . GLU A 84 ? 0.9488 0.7903 1.0906 0.0628  -0.0632 -0.0119 84  GLU A CB  
683 C CG  . GLU A 84 ? 1.0023 0.8457 1.1397 0.0583  -0.0602 -0.0280 84  GLU A CG  
684 C CD  . GLU A 84 ? 1.0257 0.8765 1.1525 0.0467  -0.0584 -0.0251 84  GLU A CD  
685 O OE1 . GLU A 84 ? 0.9420 0.8055 1.0636 0.0435  -0.0567 -0.0140 84  GLU A OE1 
686 O OE2 . GLU A 84 ? 1.0928 0.9367 1.2164 0.0414  -0.0593 -0.0346 84  GLU A OE2 
687 N N   . GLY A 85 ? 1.0023 0.8517 1.1585 0.0912  -0.0725 0.0026  85  GLY A N   
688 C CA  . GLY A 85 ? 1.0436 0.8893 1.1981 0.0977  -0.0785 0.0183  85  GLY A CA  
689 C C   . GLY A 85 ? 1.0249 0.8813 1.1640 0.0906  -0.0768 0.0314  85  GLY A C   
690 O O   . GLY A 85 ? 0.9577 0.8310 1.0920 0.0952  -0.0786 0.0339  85  GLY A O   
691 O O   . HOH B .  ? 0.3224 0.3207 0.3596 -0.0184 -0.0530 0.0162  101 HOH A O   
692 O O   . HOH B .  ? 0.4049 0.3987 0.3997 -0.0236 0.0767  0.0174  102 HOH A O   
693 O O   . HOH B .  ? 0.5059 0.4577 0.3624 -0.0002 0.0673  -0.0067 103 HOH A O   
694 O O   . HOH B .  ? 0.4106 0.4673 0.5333 0.0278  0.0331  -0.0543 104 HOH A O   
695 O O   . HOH B .  ? 0.5803 0.4680 0.4526 0.0463  -0.1630 0.1037  105 HOH A O   
696 O O   . HOH B .  ? 0.4408 0.4142 0.4440 -0.0196 0.0118  0.0433  106 HOH A O   
697 O O   . HOH B .  ? 0.6287 0.5492 0.5416 0.0083  -0.0368 -0.0632 107 HOH A O   
698 O O   . HOH B .  ? 0.6233 0.5350 0.5767 0.0479  -0.1662 0.1009  108 HOH A O   
699 O O   . HOH B .  ? 0.4156 0.4766 0.5740 -0.0404 0.1052  -0.0096 109 HOH A O   
700 O O   . HOH B .  ? 0.4396 0.4083 0.4566 0.0042  -0.0207 -0.0261 110 HOH A O   
701 O O   . HOH B .  ? 0.4327 0.4780 0.5162 0.0196  -0.0241 -0.0008 111 HOH A O   
702 O O   . HOH B .  ? 0.6320 0.5365 0.4281 0.0107  -0.1213 -0.0181 112 HOH A O   
703 O O   . HOH B .  ? 0.5625 0.4779 0.4990 0.0104  -0.0676 0.0878  113 HOH A O   
704 O O   . HOH B .  ? 0.6186 0.6108 0.7201 0.0485  -0.0019 -0.0589 114 HOH A O   
705 O O   . HOH B .  ? 0.6658 0.6095 0.6674 0.0063  -0.0616 0.0752  115 HOH A O   
706 O O   . HOH B .  ? 0.5406 0.5095 0.5301 0.0052  -0.0087 -0.0325 116 HOH A O   
707 O O   . HOH B .  ? 0.4737 0.4015 0.5102 -0.0105 -0.0613 -0.0311 117 HOH A O   
708 O O   . HOH B .  ? 0.5806 0.5397 0.5755 -0.0167 -0.1469 -0.0222 118 HOH A O   
709 O O   . HOH B .  ? 0.5486 0.5439 0.5337 0.0025  0.0374  -0.0270 119 HOH A O   
710 O O   . HOH B .  ? 0.7849 0.7505 0.7987 0.0329  0.0175  -0.0752 120 HOH A O   
711 O O   . HOH B .  ? 0.2854 0.3610 0.4411 -0.0163 0.0027  -0.0292 121 HOH A O   
712 O O   . HOH B .  ? 0.3234 0.4178 0.5494 -0.0433 0.1113  -0.0278 122 HOH A O   
713 O O   . HOH B .  ? 0.7478 0.6789 0.7530 -0.0019 -0.0498 -0.0413 123 HOH A O   
714 O O   . HOH B .  ? 0.7689 0.6560 0.5002 0.0190  -0.1030 0.0053  124 HOH A O   
715 O O   . HOH B .  ? 0.4855 0.5534 0.6434 0.0428  0.0295  -0.0671 125 HOH A O   
# 
